data_9NDE
# 
_entry.id   9NDE 
# 
_audit_conform.dict_name       mmcif_pdbx.dic 
_audit_conform.dict_version    5.403 
_audit_conform.dict_location   http://mmcif.pdb.org/dictionaries/ascii/mmcif_pdbx.dic 
# 
loop_
_database_2.database_id 
_database_2.database_code 
_database_2.pdbx_database_accession 
_database_2.pdbx_DOI 
PDB   9NDE         pdb_00009nde 10.2210/pdb9nde/pdb 
WWPDB D_1000293130 ?            ?                   
# 
_pdbx_audit_revision_history.ordinal             1 
_pdbx_audit_revision_history.data_content_type   'Structure model' 
_pdbx_audit_revision_history.major_revision      1 
_pdbx_audit_revision_history.minor_revision      0 
_pdbx_audit_revision_history.revision_date       2025-03-26 
_pdbx_audit_revision_history.part_number         ? 
# 
_pdbx_audit_revision_details.ordinal             1 
_pdbx_audit_revision_details.revision_ordinal    1 
_pdbx_audit_revision_details.data_content_type   'Structure model' 
_pdbx_audit_revision_details.provider            repository 
_pdbx_audit_revision_details.type                'Initial release' 
_pdbx_audit_revision_details.description         ? 
_pdbx_audit_revision_details.details             ? 
# 
_pdbx_database_status.status_code                     REL 
_pdbx_database_status.status_code_sf                  REL 
_pdbx_database_status.status_code_mr                  ? 
_pdbx_database_status.entry_id                        9NDE 
_pdbx_database_status.recvd_initial_deposition_date   2025-02-18 
_pdbx_database_status.SG_entry                        N 
_pdbx_database_status.deposit_site                    RCSB 
_pdbx_database_status.process_site                    RCSB 
_pdbx_database_status.status_code_cs                  ? 
_pdbx_database_status.status_code_nmr_data            ? 
_pdbx_database_status.methods_development_category    ? 
_pdbx_database_status.pdb_format_compatible           Y 
# 
_pdbx_contact_author.id                 2 
_pdbx_contact_author.email              rs17@nyu.edu 
_pdbx_contact_author.name_first         Ruojie 
_pdbx_contact_author.name_last          Sha 
_pdbx_contact_author.name_mi            ? 
_pdbx_contact_author.role               'principal investigator/group leader' 
_pdbx_contact_author.identifier_ORCID   0000-0002-0807-734X 
# 
loop_
_audit_author.name 
_audit_author.pdbx_ordinal 
_audit_author.identifier_ORCID 
'Horvath, A.'   1 0009-0008-5770-8014 
'Vecchioni, S.' 2 0000-0001-8243-650X 
'Woloszyn, K.'  3 0000-0003-1200-583X 
'Ohayon, Y.P.'  4 0000-0001-7500-4282 
'Sha, R.'       5 0000-0002-0807-734X 
# 
_citation.abstract                  ? 
_citation.abstract_id_CAS           ? 
_citation.book_id_ISBN              ? 
_citation.book_publisher            ? 
_citation.book_publisher_city       ? 
_citation.book_title                ? 
_citation.coordinate_linkage        ? 
_citation.country                   ? 
_citation.database_id_Medline       ? 
_citation.details                   ? 
_citation.id                        primary 
_citation.journal_abbrev            'To Be Published' 
_citation.journal_id_ASTM           ? 
_citation.journal_id_CSD            0353 
_citation.journal_id_ISSN           ? 
_citation.journal_full              ? 
_citation.journal_issue             ? 
_citation.journal_volume            ? 
_citation.language                  ? 
_citation.page_first                ? 
_citation.page_last                 ? 
_citation.title                     'Shifted tensegrity triangles' 
_citation.year                      ? 
_citation.database_id_CSD           ? 
_citation.pdbx_database_id_DOI      ? 
_citation.pdbx_database_id_PubMed   ? 
_citation.pdbx_database_id_patent   ? 
_citation.unpublished_flag          ? 
# 
loop_
_citation_author.citation_id 
_citation_author.name 
_citation_author.ordinal 
_citation_author.identifier_ORCID 
primary 'Horvath, A.'   1 0009-0008-5770-8014 
primary 'Vecchioni, S.' 2 0000-0001-8243-650X 
primary 'Woloszyn, K.'  3 0000-0003-1200-583X 
primary 'Ohayon, Y.P.'  4 0000-0001-7500-4282 
primary 'Sha, R.'       5 0000-0002-0807-734X 
# 
loop_
_entity.id 
_entity.type 
_entity.src_method 
_entity.pdbx_description 
_entity.formula_weight 
_entity.pdbx_number_of_molecules 
_entity.pdbx_ec 
_entity.pdbx_mutation 
_entity.pdbx_fragment 
_entity.details 
1 polymer syn 
;DNA (5'-D(P*GP*CP*AP*CP*CP*TP*GP*TP*AP*CP*GP*GP*AP*CP*AP*GP*TP*AP*GP*CP*A)-3')
;
6457.188 1 ? ? ? ? 
2 polymer syn 
;DNA (5'-D(P*CP*CP*GP*TP*AP*CP*A)-3')
;
2082.400 1 ? ? ? ? 
3 polymer syn 
;DNA (5'-D(P*GP*GP*TP*G)-3')
;
1246.853 1 ? ? ? ? 
4 polymer syn 
;DNA (5'-D(P*CP*TP*GP*CP*TP*AP*CP*TP*GP*T)-3')
;
3010.978 1 ? ? ? ? 
# 
loop_
_entity_poly.entity_id 
_entity_poly.type 
_entity_poly.nstd_linkage 
_entity_poly.nstd_monomer 
_entity_poly.pdbx_seq_one_letter_code 
_entity_poly.pdbx_seq_one_letter_code_can 
_entity_poly.pdbx_strand_id 
_entity_poly.pdbx_target_identifier 
1 polydeoxyribonucleotide no no 
;(DG)(DC)(DA)(DC)(DC)(DT)(DG)(DT)(DA)(DC)(DG)(DG)(DA)(DC)(DA)(DG)(DT)(DA)(DG)(DC)
(DA)
;
GCACCTGTACGGACAGTAGCA A ? 
2 polydeoxyribonucleotide no no '(DC)(DC)(DG)(DT)(DA)(DC)(DA)'                                                          CCGTACA B 
? 
3 polydeoxyribonucleotide no no '(DG)(DG)(DT)(DG)'                                                                      GGTG C ? 
4 polydeoxyribonucleotide no no '(DC)(DT)(DG)(DC)(DT)(DA)(DC)(DT)(DG)(DT)'                                              CTGCTACTGT 
D ? 
# 
loop_
_entity_poly_seq.entity_id 
_entity_poly_seq.num 
_entity_poly_seq.mon_id 
_entity_poly_seq.hetero 
1 1  DG n 
1 2  DC n 
1 3  DA n 
1 4  DC n 
1 5  DC n 
1 6  DT n 
1 7  DG n 
1 8  DT n 
1 9  DA n 
1 10 DC n 
1 11 DG n 
1 12 DG n 
1 13 DA n 
1 14 DC n 
1 15 DA n 
1 16 DG n 
1 17 DT n 
1 18 DA n 
1 19 DG n 
1 20 DC n 
1 21 DA n 
2 1  DC n 
2 2  DC n 
2 3  DG n 
2 4  DT n 
2 5  DA n 
2 6  DC n 
2 7  DA n 
3 1  DG n 
3 2  DG n 
3 3  DT n 
3 4  DG n 
4 1  DC n 
4 2  DT n 
4 3  DG n 
4 4  DC n 
4 5  DT n 
4 6  DA n 
4 7  DC n 
4 8  DT n 
4 9  DG n 
4 10 DT n 
# 
loop_
_pdbx_entity_src_syn.entity_id 
_pdbx_entity_src_syn.pdbx_src_id 
_pdbx_entity_src_syn.pdbx_alt_source_flag 
_pdbx_entity_src_syn.pdbx_beg_seq_num 
_pdbx_entity_src_syn.pdbx_end_seq_num 
_pdbx_entity_src_syn.organism_scientific 
_pdbx_entity_src_syn.organism_common_name 
_pdbx_entity_src_syn.ncbi_taxonomy_id 
_pdbx_entity_src_syn.details 
1 1 sample 1 21 'synthetic construct' ? 32630 ? 
2 1 sample 1 7  'synthetic construct' ? 32630 ? 
3 1 sample 1 4  'synthetic construct' ? 32630 ? 
4 1 sample 1 10 'synthetic construct' ? 32630 ? 
# 
loop_
_chem_comp.id 
_chem_comp.type 
_chem_comp.mon_nstd_flag 
_chem_comp.name 
_chem_comp.pdbx_synonyms 
_chem_comp.formula 
_chem_comp.formula_weight 
DA 'DNA linking' y "2'-DEOXYADENOSINE-5'-MONOPHOSPHATE" ? 'C10 H14 N5 O6 P' 331.222 
DC 'DNA linking' y "2'-DEOXYCYTIDINE-5'-MONOPHOSPHATE"  ? 'C9 H14 N3 O7 P'  307.197 
DG 'DNA linking' y "2'-DEOXYGUANOSINE-5'-MONOPHOSPHATE" ? 'C10 H14 N5 O7 P' 347.221 
DT 'DNA linking' y "THYMIDINE-5'-MONOPHOSPHATE"         ? 'C10 H15 N2 O8 P' 322.208 
# 
loop_
_pdbx_poly_seq_scheme.asym_id 
_pdbx_poly_seq_scheme.entity_id 
_pdbx_poly_seq_scheme.seq_id 
_pdbx_poly_seq_scheme.mon_id 
_pdbx_poly_seq_scheme.ndb_seq_num 
_pdbx_poly_seq_scheme.pdb_seq_num 
_pdbx_poly_seq_scheme.auth_seq_num 
_pdbx_poly_seq_scheme.pdb_mon_id 
_pdbx_poly_seq_scheme.auth_mon_id 
_pdbx_poly_seq_scheme.pdb_strand_id 
_pdbx_poly_seq_scheme.pdb_ins_code 
_pdbx_poly_seq_scheme.hetero 
A 1 1  DG 1  4  4  DG DG A . n 
A 1 2  DC 2  5  5  DC DC A . n 
A 1 3  DA 3  6  6  DA DA A . n 
A 1 4  DC 4  7  7  DC DC A . n 
A 1 5  DC 5  8  8  DC DC A . n 
A 1 6  DT 6  9  9  DT DT A . n 
A 1 7  DG 7  10 10 DG DG A . n 
A 1 8  DT 8  11 11 DT DT A . n 
A 1 9  DA 9  12 12 DA DA A . n 
A 1 10 DC 10 13 13 DC DC A . n 
A 1 11 DG 11 14 14 DG DG A . n 
A 1 12 DG 12 15 15 DG DG A . n 
A 1 13 DA 13 16 16 DA DA A . n 
A 1 14 DC 14 17 17 DC DC A . n 
A 1 15 DA 15 18 18 DA DA A . n 
A 1 16 DG 16 19 19 DG DG A . n 
A 1 17 DT 17 20 20 DT DT A . n 
A 1 18 DA 18 21 21 DA DA A . n 
A 1 19 DG 19 22 22 DG DG A . n 
A 1 20 DC 20 23 23 DC DC A . n 
A 1 21 DA 21 24 24 DA DA A . n 
B 2 1  DC 1  1  1  DC DC B . n 
B 2 2  DC 2  2  2  DC DC B . n 
B 2 3  DG 3  3  3  DG DG B . n 
B 2 4  DT 4  4  4  DT DT B . n 
B 2 5  DA 5  5  5  DA DA B . n 
B 2 6  DC 6  6  6  DC DC B . n 
B 2 7  DA 7  7  7  DA DA B . n 
C 3 1  DG 1  8  8  DG DG C . n 
C 3 2  DG 2  9  9  DG DG C . n 
C 3 3  DT 3  10 10 DT DT C . n 
C 3 4  DG 4  11 11 DG DG C . n 
D 4 1  DC 1  -2 -2 DC DC D . n 
D 4 2  DT 2  -1 -1 DT DT D . n 
D 4 3  DG 3  0  0  DG DG D . n 
D 4 4  DC 4  1  1  DC DC D . n 
D 4 5  DT 5  2  2  DT DT D . n 
D 4 6  DA 6  3  3  DA DA D . n 
D 4 7  DC 7  4  4  DC DC D . n 
D 4 8  DT 8  5  5  DT DT D . n 
D 4 9  DG 9  6  6  DG DG D . n 
D 4 10 DT 10 7  7  DT DT D . n 
# 
loop_
_software.citation_id 
_software.classification 
_software.compiler_name 
_software.compiler_version 
_software.contact_author 
_software.contact_author_email 
_software.date 
_software.description 
_software.dependencies 
_software.hardware 
_software.language 
_software.location 
_software.mods 
_software.name 
_software.os 
_software.os_version 
_software.type 
_software.version 
_software.pdbx_ordinal 
? refinement       ? ? ? ? ? ? ? ? ? ? ? PHENIX    ? ? ? 1.20.1_4487 1 
? 'data reduction' ? ? ? ? ? ? ? ? ? ? ? autoPROC  ? ? ? .           2 
? 'data scaling'   ? ? ? ? ? ? ? ? ? ? ? STARANISO ? ? ? .           3 
? phasing          ? ? ? ? ? ? ? ? ? ? ? PHASER    ? ? ? .           4 
# 
_cell.angle_alpha                  90.000 
_cell.angle_alpha_esd              ? 
_cell.angle_beta                   90.000 
_cell.angle_beta_esd               ? 
_cell.angle_gamma                  120.000 
_cell.angle_gamma_esd              ? 
_cell.entry_id                     9NDE 
_cell.details                      ? 
_cell.formula_units_Z              ? 
_cell.length_a                     106.135 
_cell.length_a_esd                 ? 
_cell.length_b                     106.135 
_cell.length_b_esd                 ? 
_cell.length_c                     91.129 
_cell.length_c_esd                 ? 
_cell.volume                       889005.576 
_cell.volume_esd                   ? 
_cell.Z_PDB                        9 
_cell.reciprocal_angle_alpha       ? 
_cell.reciprocal_angle_beta        ? 
_cell.reciprocal_angle_gamma       ? 
_cell.reciprocal_angle_alpha_esd   ? 
_cell.reciprocal_angle_beta_esd    ? 
_cell.reciprocal_angle_gamma_esd   ? 
_cell.reciprocal_length_a          ? 
_cell.reciprocal_length_b          ? 
_cell.reciprocal_length_c          ? 
_cell.reciprocal_length_a_esd      ? 
_cell.reciprocal_length_b_esd      ? 
_cell.reciprocal_length_c_esd      ? 
_cell.pdbx_unique_axis             ? 
_cell.pdbx_esd_method              ? 
# 
_symmetry.entry_id                         9NDE 
_symmetry.cell_setting                     ? 
_symmetry.Int_Tables_number                146 
_symmetry.space_group_name_Hall            'H 3' 
_symmetry.space_group_name_H-M             'H 3' 
_symmetry.pdbx_full_space_group_name_H-M   ? 
# 
_exptl.absorpt_coefficient_mu     ? 
_exptl.absorpt_correction_T_max   ? 
_exptl.absorpt_correction_T_min   ? 
_exptl.absorpt_correction_type    ? 
_exptl.absorpt_process_details    ? 
_exptl.entry_id                   9NDE 
_exptl.crystals_number            1 
_exptl.details                    ? 
_exptl.method                     'X-RAY DIFFRACTION' 
_exptl.method_details             ? 
# 
_exptl_crystal.colour                       ? 
_exptl_crystal.density_diffrn               ? 
_exptl_crystal.density_Matthews             ? 
_exptl_crystal.density_method               ? 
_exptl_crystal.density_percent_sol          ? 
_exptl_crystal.description                  ? 
_exptl_crystal.F_000                        ? 
_exptl_crystal.id                           1 
_exptl_crystal.preparation                  ? 
_exptl_crystal.size_max                     ? 
_exptl_crystal.size_mid                     ? 
_exptl_crystal.size_min                     ? 
_exptl_crystal.size_rad                     ? 
_exptl_crystal.colour_lustre                ? 
_exptl_crystal.colour_modifier              ? 
_exptl_crystal.colour_primary               ? 
_exptl_crystal.density_meas                 ? 
_exptl_crystal.density_meas_esd             ? 
_exptl_crystal.density_meas_gt              ? 
_exptl_crystal.density_meas_lt              ? 
_exptl_crystal.density_meas_temp            ? 
_exptl_crystal.density_meas_temp_esd        ? 
_exptl_crystal.density_meas_temp_gt         ? 
_exptl_crystal.density_meas_temp_lt         ? 
_exptl_crystal.pdbx_crystal_image_url       ? 
_exptl_crystal.pdbx_crystal_image_format    ? 
_exptl_crystal.pdbx_mosaicity               ? 
_exptl_crystal.pdbx_mosaicity_esd           ? 
_exptl_crystal.pdbx_mosaic_method           ? 
_exptl_crystal.pdbx_mosaic_block_size       ? 
_exptl_crystal.pdbx_mosaic_block_size_esd   ? 
# 
_exptl_crystal_grow.apparatus       ? 
_exptl_crystal_grow.atmosphere      ? 
_exptl_crystal_grow.crystal_id      1 
_exptl_crystal_grow.details         ? 
_exptl_crystal_grow.method          'VAPOR DIFFUSION, HANGING DROP' 
_exptl_crystal_grow.method_ref      ? 
_exptl_crystal_grow.pH              ? 
_exptl_crystal_grow.pressure        ? 
_exptl_crystal_grow.pressure_esd    ? 
_exptl_crystal_grow.seeding         ? 
_exptl_crystal_grow.seeding_ref     ? 
_exptl_crystal_grow.temp_details    '338-293 at 0.4/hr' 
_exptl_crystal_grow.temp_esd        ? 
_exptl_crystal_grow.time            ? 
_exptl_crystal_grow.pdbx_details    '100 mM MOPS, 1.25 M magnesium sulfate' 
_exptl_crystal_grow.pdbx_pH_range   ? 
_exptl_crystal_grow.temp            293 
# 
_diffrn.ambient_environment              ? 
_diffrn.ambient_temp                     100 
_diffrn.ambient_temp_details             ? 
_diffrn.ambient_temp_esd                 ? 
_diffrn.crystal_id                       1 
_diffrn.crystal_support                  ? 
_diffrn.crystal_treatment                ? 
_diffrn.details                          ? 
_diffrn.id                               1 
_diffrn.ambient_pressure                 ? 
_diffrn.ambient_pressure_esd             ? 
_diffrn.ambient_pressure_gt              ? 
_diffrn.ambient_pressure_lt              ? 
_diffrn.ambient_temp_gt                  ? 
_diffrn.ambient_temp_lt                  ? 
_diffrn.pdbx_serial_crystal_experiment   N 
# 
_diffrn_detector.details                      ? 
_diffrn_detector.detector                     PIXEL 
_diffrn_detector.diffrn_id                    1 
_diffrn_detector.type                         'DECTRIS EIGER X 9M' 
_diffrn_detector.area_resol_mean              ? 
_diffrn_detector.dtime                        ? 
_diffrn_detector.pdbx_frames_total            ? 
_diffrn_detector.pdbx_collection_time_total   ? 
_diffrn_detector.pdbx_collection_date         2023-03-19 
_diffrn_detector.pdbx_frequency               ? 
_diffrn_detector.id                           ? 
_diffrn_detector.number_of_axes               ? 
# 
_diffrn_radiation.collimation                      ? 
_diffrn_radiation.diffrn_id                        1 
_diffrn_radiation.filter_edge                      ? 
_diffrn_radiation.inhomogeneity                    ? 
_diffrn_radiation.monochromator                    ? 
_diffrn_radiation.polarisn_norm                    ? 
_diffrn_radiation.polarisn_ratio                   ? 
_diffrn_radiation.probe                            ? 
_diffrn_radiation.type                             ? 
_diffrn_radiation.xray_symbol                      ? 
_diffrn_radiation.wavelength_id                    1 
_diffrn_radiation.pdbx_monochromatic_or_laue_m_l   M 
_diffrn_radiation.pdbx_wavelength_list             ? 
_diffrn_radiation.pdbx_wavelength                  ? 
_diffrn_radiation.pdbx_diffrn_protocol             'SINGLE WAVELENGTH' 
_diffrn_radiation.pdbx_analyzer                    ? 
_diffrn_radiation.pdbx_scattering_type             x-ray 
# 
_diffrn_radiation_wavelength.id           1 
_diffrn_radiation_wavelength.wavelength   0.991870 
_diffrn_radiation_wavelength.wt           1.0 
# 
_diffrn_source.current                     ? 
_diffrn_source.details                     ? 
_diffrn_source.diffrn_id                   1 
_diffrn_source.power                       ? 
_diffrn_source.size                        ? 
_diffrn_source.source                      SYNCHROTRON 
_diffrn_source.target                      ? 
_diffrn_source.type                        'APS BEAMLINE 17-ID' 
_diffrn_source.voltage                     ? 
_diffrn_source.take-off_angle              ? 
_diffrn_source.pdbx_wavelength_list        0.991870 
_diffrn_source.pdbx_wavelength             ? 
_diffrn_source.pdbx_synchrotron_beamline   17-ID 
_diffrn_source.pdbx_synchrotron_site       APS 
# 
_reflns.B_iso_Wilson_estimate                          248.74 
_reflns.entry_id                                       9NDE 
_reflns.data_reduction_details                         ? 
_reflns.data_reduction_method                          ? 
_reflns.d_resolution_high                              4.110 
_reflns.d_resolution_low                               64.714 
_reflns.details                                        ? 
_reflns.limit_h_max                                    ? 
_reflns.limit_h_min                                    ? 
_reflns.limit_k_max                                    ? 
_reflns.limit_k_min                                    ? 
_reflns.limit_l_max                                    ? 
_reflns.limit_l_min                                    ? 
_reflns.number_all                                     ? 
_reflns.number_obs                                     2143 
_reflns.observed_criterion                             ? 
_reflns.observed_criterion_F_max                       ? 
_reflns.observed_criterion_F_min                       ? 
_reflns.observed_criterion_I_max                       ? 
_reflns.observed_criterion_I_min                       ? 
_reflns.observed_criterion_sigma_F                     ? 
_reflns.observed_criterion_sigma_I                     ? 
_reflns.percent_possible_obs                           87.9 
_reflns.R_free_details                                 ? 
_reflns.Rmerge_F_all                                   ? 
_reflns.Rmerge_F_obs                                   ? 
_reflns.Friedel_coverage                               ? 
_reflns.number_gt                                      ? 
_reflns.threshold_expression                           ? 
_reflns.pdbx_redundancy                                8.4 
_reflns.pdbx_netI_over_av_sigmaI                       ? 
_reflns.pdbx_netI_over_sigmaI                          7.2 
_reflns.pdbx_res_netI_over_av_sigmaI_2                 ? 
_reflns.pdbx_res_netI_over_sigmaI_2                    ? 
_reflns.pdbx_chi_squared                               ? 
_reflns.pdbx_scaling_rejects                           ? 
_reflns.pdbx_d_res_high_opt                            ? 
_reflns.pdbx_d_res_low_opt                             ? 
_reflns.pdbx_d_res_opt_method                          ? 
_reflns.phase_calculation_details                      ? 
_reflns.pdbx_Rrim_I_all                                ? 
_reflns.pdbx_Rpim_I_all                                ? 
_reflns.pdbx_d_opt                                     ? 
_reflns.pdbx_number_measured_all                       ? 
_reflns.pdbx_diffrn_id                                 1 
_reflns.pdbx_ordinal                                   1 
_reflns.pdbx_CC_half                                   0.998 
_reflns.pdbx_CC_star                                   ? 
_reflns.pdbx_R_split                                   ? 
_reflns.pdbx_Rmerge_I_obs                              ? 
_reflns.pdbx_Rmerge_I_all                              ? 
_reflns.pdbx_Rsym_value                                ? 
_reflns.pdbx_CC_split_method                           ? 
_reflns.pdbx_aniso_diffraction_limit_axis_1_ortho[1]   ? 
_reflns.pdbx_aniso_diffraction_limit_axis_1_ortho[2]   ? 
_reflns.pdbx_aniso_diffraction_limit_axis_1_ortho[3]   ? 
_reflns.pdbx_aniso_diffraction_limit_axis_2_ortho[1]   ? 
_reflns.pdbx_aniso_diffraction_limit_axis_2_ortho[2]   ? 
_reflns.pdbx_aniso_diffraction_limit_axis_2_ortho[3]   ? 
_reflns.pdbx_aniso_diffraction_limit_axis_3_ortho[1]   ? 
_reflns.pdbx_aniso_diffraction_limit_axis_3_ortho[2]   ? 
_reflns.pdbx_aniso_diffraction_limit_axis_3_ortho[3]   ? 
_reflns.pdbx_aniso_diffraction_limit_1                 ? 
_reflns.pdbx_aniso_diffraction_limit_2                 ? 
_reflns.pdbx_aniso_diffraction_limit_3                 ? 
_reflns.pdbx_aniso_B_tensor_eigenvector_1_ortho[1]     ? 
_reflns.pdbx_aniso_B_tensor_eigenvector_1_ortho[2]     ? 
_reflns.pdbx_aniso_B_tensor_eigenvector_1_ortho[3]     ? 
_reflns.pdbx_aniso_B_tensor_eigenvector_2_ortho[1]     ? 
_reflns.pdbx_aniso_B_tensor_eigenvector_2_ortho[2]     ? 
_reflns.pdbx_aniso_B_tensor_eigenvector_2_ortho[3]     ? 
_reflns.pdbx_aniso_B_tensor_eigenvector_3_ortho[1]     ? 
_reflns.pdbx_aniso_B_tensor_eigenvector_3_ortho[2]     ? 
_reflns.pdbx_aniso_B_tensor_eigenvector_3_ortho[3]     ? 
_reflns.pdbx_aniso_B_tensor_eigenvalue_1               ? 
_reflns.pdbx_aniso_B_tensor_eigenvalue_2               ? 
_reflns.pdbx_aniso_B_tensor_eigenvalue_3               ? 
_reflns.pdbx_orthogonalization_convention              ? 
_reflns.pdbx_percent_possible_ellipsoidal              ? 
_reflns.pdbx_percent_possible_spherical                ? 
_reflns.pdbx_percent_possible_ellipsoidal_anomalous    ? 
_reflns.pdbx_percent_possible_spherical_anomalous      ? 
_reflns.pdbx_redundancy_anomalous                      ? 
_reflns.pdbx_CC_half_anomalous                         ? 
_reflns.pdbx_absDiff_over_sigma_anomalous              ? 
_reflns.pdbx_percent_possible_anomalous                ? 
_reflns.pdbx_observed_signal_threshold                 ? 
_reflns.pdbx_signal_type                               ? 
_reflns.pdbx_signal_details                            ? 
_reflns.pdbx_signal_software_id                        ? 
# 
loop_
_reflns_shell.d_res_high 
_reflns_shell.d_res_low 
_reflns_shell.meanI_over_sigI_all 
_reflns_shell.meanI_over_sigI_obs 
_reflns_shell.number_measured_all 
_reflns_shell.number_measured_obs 
_reflns_shell.number_possible 
_reflns_shell.number_unique_all 
_reflns_shell.number_unique_obs 
_reflns_shell.percent_possible_obs 
_reflns_shell.Rmerge_F_all 
_reflns_shell.Rmerge_F_obs 
_reflns_shell.meanI_over_sigI_gt 
_reflns_shell.meanI_over_uI_all 
_reflns_shell.meanI_over_uI_gt 
_reflns_shell.number_measured_gt 
_reflns_shell.number_unique_gt 
_reflns_shell.percent_possible_gt 
_reflns_shell.Rmerge_F_gt 
_reflns_shell.Rmerge_I_gt 
_reflns_shell.pdbx_redundancy 
_reflns_shell.pdbx_chi_squared 
_reflns_shell.pdbx_netI_over_sigmaI_all 
_reflns_shell.pdbx_netI_over_sigmaI_obs 
_reflns_shell.pdbx_Rrim_I_all 
_reflns_shell.pdbx_Rpim_I_all 
_reflns_shell.pdbx_rejects 
_reflns_shell.pdbx_ordinal 
_reflns_shell.pdbx_diffrn_id 
_reflns_shell.pdbx_CC_half 
_reflns_shell.pdbx_CC_star 
_reflns_shell.pdbx_R_split 
_reflns_shell.percent_possible_all 
_reflns_shell.Rmerge_I_all 
_reflns_shell.Rmerge_I_obs 
_reflns_shell.pdbx_Rsym_value 
_reflns_shell.pdbx_percent_possible_ellipsoidal 
_reflns_shell.pdbx_percent_possible_spherical 
_reflns_shell.pdbx_percent_possible_ellipsoidal_anomalous 
_reflns_shell.pdbx_percent_possible_spherical_anomalous 
_reflns_shell.pdbx_redundancy_anomalous 
_reflns_shell.pdbx_CC_half_anomalous 
_reflns_shell.pdbx_absDiff_over_sigma_anomalous 
_reflns_shell.pdbx_percent_possible_anomalous 
4.110  4.498  ? ? ? ? ? ? 193 ? ? ? ? ? ? ? ? ? ? ? ? ? ? ? ? ? ? 1 1 0.234 ? ? ? ? ? ? ? ? ? ? ? ? ? ? 
10.272 64.714 ? ? ? ? ? ? 193 ? ? ? ? ? ? ? ? ? ? ? ? ? ? ? ? ? ? 2 1 0.998 ? ? ? ? ? ? ? ? ? ? ? ? ? ? 
# 
_refine.aniso_B[1][1]                            ? 
_refine.aniso_B[1][2]                            ? 
_refine.aniso_B[1][3]                            ? 
_refine.aniso_B[2][2]                            ? 
_refine.aniso_B[2][3]                            ? 
_refine.aniso_B[3][3]                            ? 
_refine.B_iso_max                                ? 
_refine.B_iso_mean                               230.60 
_refine.B_iso_min                                ? 
_refine.correlation_coeff_Fo_to_Fc               ? 
_refine.correlation_coeff_Fo_to_Fc_free          ? 
_refine.details                                  ? 
_refine.diff_density_max                         ? 
_refine.diff_density_max_esd                     ? 
_refine.diff_density_min                         ? 
_refine.diff_density_min_esd                     ? 
_refine.diff_density_rms                         ? 
_refine.diff_density_rms_esd                     ? 
_refine.entry_id                                 9NDE 
_refine.pdbx_refine_id                           'X-RAY DIFFRACTION' 
_refine.ls_abs_structure_details                 ? 
_refine.ls_abs_structure_Flack                   ? 
_refine.ls_abs_structure_Flack_esd               ? 
_refine.ls_abs_structure_Rogers                  ? 
_refine.ls_abs_structure_Rogers_esd              ? 
_refine.ls_d_res_high                            4.11 
_refine.ls_d_res_low                             32.46 
_refine.ls_extinction_coef                       ? 
_refine.ls_extinction_coef_esd                   ? 
_refine.ls_extinction_expression                 ? 
_refine.ls_extinction_method                     ? 
_refine.ls_goodness_of_fit_all                   ? 
_refine.ls_goodness_of_fit_all_esd               ? 
_refine.ls_goodness_of_fit_obs                   ? 
_refine.ls_goodness_of_fit_obs_esd               ? 
_refine.ls_hydrogen_treatment                    ? 
_refine.ls_matrix_type                           ? 
_refine.ls_number_constraints                    ? 
_refine.ls_number_parameters                     ? 
_refine.ls_number_reflns_all                     ? 
_refine.ls_number_reflns_obs                     2118 
_refine.ls_number_reflns_R_free                  118 
_refine.ls_number_reflns_R_work                  2000 
_refine.ls_number_restraints                     ? 
_refine.ls_percent_reflns_obs                    71.34 
_refine.ls_percent_reflns_R_free                 5.57 
_refine.ls_R_factor_all                          ? 
_refine.ls_R_factor_obs                          0.2500 
_refine.ls_R_factor_R_free                       0.2765 
_refine.ls_R_factor_R_free_error                 ? 
_refine.ls_R_factor_R_free_error_details         ? 
_refine.ls_R_factor_R_work                       0.2485 
_refine.ls_R_Fsqd_factor_obs                     ? 
_refine.ls_R_I_factor_obs                        ? 
_refine.ls_redundancy_reflns_all                 ? 
_refine.ls_redundancy_reflns_obs                 ? 
_refine.ls_restrained_S_all                      ? 
_refine.ls_restrained_S_obs                      ? 
_refine.ls_shift_over_esd_max                    ? 
_refine.ls_shift_over_esd_mean                   ? 
_refine.ls_structure_factor_coef                 ? 
_refine.ls_weighting_details                     ? 
_refine.ls_weighting_scheme                      ? 
_refine.ls_wR_factor_all                         ? 
_refine.ls_wR_factor_obs                         ? 
_refine.ls_wR_factor_R_free                      ? 
_refine.ls_wR_factor_R_work                      ? 
_refine.occupancy_max                            ? 
_refine.occupancy_min                            ? 
_refine.solvent_model_details                    'FLAT BULK SOLVENT MODEL' 
_refine.solvent_model_param_bsol                 ? 
_refine.solvent_model_param_ksol                 ? 
_refine.correlation_coeff_I_to_Fcsqd_work        ? 
_refine.correlation_coeff_I_to_Fcsqd_free        ? 
_refine.pdbx_R_complete                          ? 
_refine.ls_R_factor_gt                           ? 
_refine.ls_goodness_of_fit_gt                    ? 
_refine.ls_goodness_of_fit_ref                   ? 
_refine.ls_shift_over_su_max                     ? 
_refine.ls_shift_over_su_max_lt                  ? 
_refine.ls_shift_over_su_mean                    ? 
_refine.ls_shift_over_su_mean_lt                 ? 
_refine.pdbx_ls_sigma_I                          ? 
_refine.pdbx_ls_sigma_F                          1.96 
_refine.pdbx_ls_sigma_Fsqd                       ? 
_refine.pdbx_data_cutoff_high_absF               ? 
_refine.pdbx_data_cutoff_high_rms_absF           ? 
_refine.pdbx_data_cutoff_low_absF                ? 
_refine.pdbx_isotropic_thermal_model             ? 
_refine.pdbx_ls_cross_valid_method               'FREE R-VALUE' 
_refine.pdbx_method_to_determine_struct          'MOLECULAR REPLACEMENT' 
_refine.pdbx_starting_model                      ? 
_refine.pdbx_stereochemistry_target_values       'GeoStd + Monomer Library + CDL v1.2' 
_refine.pdbx_R_Free_selection_details            ? 
_refine.pdbx_stereochem_target_val_spec_case     ? 
_refine.pdbx_overall_ESU_R                       ? 
_refine.pdbx_overall_ESU_R_Free                  ? 
_refine.pdbx_solvent_vdw_probe_radii             1.1000 
_refine.pdbx_solvent_ion_probe_radii             ? 
_refine.pdbx_solvent_shrinkage_radii             0.9000 
_refine.pdbx_real_space_R                        ? 
_refine.pdbx_density_correlation                 ? 
_refine.pdbx_pd_number_of_powder_patterns        ? 
_refine.pdbx_pd_number_of_points                 ? 
_refine.pdbx_pd_meas_number_of_points            ? 
_refine.pdbx_pd_proc_ls_prof_R_factor            ? 
_refine.pdbx_pd_proc_ls_prof_wR_factor           ? 
_refine.pdbx_pd_Marquardt_correlation_coeff      ? 
_refine.pdbx_pd_Fsqrd_R_factor                   ? 
_refine.pdbx_pd_ls_matrix_band_width             ? 
_refine.pdbx_overall_phase_error                 40.2437 
_refine.pdbx_overall_SU_R_free_Cruickshank_DPI   ? 
_refine.pdbx_overall_SU_R_free_Blow_DPI          ? 
_refine.pdbx_overall_SU_R_Blow_DPI               ? 
_refine.pdbx_TLS_residual_ADP_flag               ? 
_refine.pdbx_diffrn_id                           1 
_refine.overall_SU_B                             ? 
_refine.overall_SU_ML                            0.1772 
_refine.overall_SU_R_Cruickshank_DPI             ? 
_refine.overall_SU_R_free                        ? 
_refine.overall_FOM_free_R_set                   ? 
_refine.overall_FOM_work_R_set                   ? 
_refine.pdbx_average_fsc_overall                 ? 
_refine.pdbx_average_fsc_work                    ? 
_refine.pdbx_average_fsc_free                    ? 
# 
_refine_hist.pdbx_refine_id                   'X-RAY DIFFRACTION' 
_refine_hist.cycle_id                         LAST 
_refine_hist.details                          ? 
_refine_hist.d_res_high                       4.11 
_refine_hist.d_res_low                        32.46 
_refine_hist.number_atoms_solvent             0 
_refine_hist.number_atoms_total               861 
_refine_hist.number_reflns_all                ? 
_refine_hist.number_reflns_obs                ? 
_refine_hist.number_reflns_R_free             ? 
_refine_hist.number_reflns_R_work             ? 
_refine_hist.R_factor_all                     ? 
_refine_hist.R_factor_obs                     ? 
_refine_hist.R_factor_R_free                  ? 
_refine_hist.R_factor_R_work                  ? 
_refine_hist.pdbx_number_residues_total       ? 
_refine_hist.pdbx_B_iso_mean_ligand           ? 
_refine_hist.pdbx_B_iso_mean_solvent          ? 
_refine_hist.pdbx_number_atoms_protein        0 
_refine_hist.pdbx_number_atoms_nucleic_acid   861 
_refine_hist.pdbx_number_atoms_ligand         0 
_refine_hist.pdbx_number_atoms_lipid          ? 
_refine_hist.pdbx_number_atoms_carb           ? 
_refine_hist.pdbx_pseudo_atom_details         ? 
# 
loop_
_refine_ls_restr.pdbx_refine_id 
_refine_ls_restr.criterion 
_refine_ls_restr.dev_ideal 
_refine_ls_restr.dev_ideal_target 
_refine_ls_restr.number 
_refine_ls_restr.rejects 
_refine_ls_restr.type 
_refine_ls_restr.weight 
_refine_ls_restr.pdbx_restraint_function 
'X-RAY DIFFRACTION' ? 0.0061  ? 962  ? f_bond_d           ? ? 
'X-RAY DIFFRACTION' ? 0.9175  ? 1475 ? f_angle_d          ? ? 
'X-RAY DIFFRACTION' ? 0.0478  ? 168  ? f_chiral_restr     ? ? 
'X-RAY DIFFRACTION' ? 0.0044  ? 42   ? f_plane_restr      ? ? 
'X-RAY DIFFRACTION' ? 37.7152 ? 408  ? f_dihedral_angle_d ? ? 
# 
_refine_ls_shell.pdbx_refine_id                      'X-RAY DIFFRACTION' 
_refine_ls_shell.d_res_high                          4.11 
_refine_ls_shell.d_res_low                           32.46 
_refine_ls_shell.number_reflns_all                   ? 
_refine_ls_shell.number_reflns_obs                   ? 
_refine_ls_shell.number_reflns_R_free                118 
_refine_ls_shell.number_reflns_R_work                2000 
_refine_ls_shell.percent_reflns_obs                  71.34 
_refine_ls_shell.percent_reflns_R_free               ? 
_refine_ls_shell.R_factor_all                        ? 
_refine_ls_shell.R_factor_obs                        ? 
_refine_ls_shell.R_factor_R_free_error               ? 
_refine_ls_shell.R_factor_R_work                     0.2485 
_refine_ls_shell.redundancy_reflns_all               ? 
_refine_ls_shell.redundancy_reflns_obs               ? 
_refine_ls_shell.wR_factor_all                       ? 
_refine_ls_shell.wR_factor_obs                       ? 
_refine_ls_shell.wR_factor_R_free                    ? 
_refine_ls_shell.wR_factor_R_work                    ? 
_refine_ls_shell.pdbx_R_complete                     ? 
_refine_ls_shell.correlation_coeff_Fo_to_Fc          ? 
_refine_ls_shell.correlation_coeff_Fo_to_Fc_free     ? 
_refine_ls_shell.correlation_coeff_I_to_Fcsqd_work   ? 
_refine_ls_shell.correlation_coeff_I_to_Fcsqd_free   ? 
_refine_ls_shell.pdbx_total_number_of_bins_used      ? 
_refine_ls_shell.pdbx_phase_error                    ? 
_refine_ls_shell.pdbx_fsc_work                       ? 
_refine_ls_shell.pdbx_fsc_free                       ? 
_refine_ls_shell.R_factor_R_free                     0.2765 
# 
_struct.entry_id                     9NDE 
_struct.title                        
;[4,7,9P-1] Shifted tensegrity triangle with an (arm,center,arm) distribution of (4,7,9) base pairs, 1 nt sticky ends, and 5' phosphates
;
_struct.pdbx_model_details           ? 
_struct.pdbx_formula_weight          ? 
_struct.pdbx_formula_weight_method   ? 
_struct.pdbx_model_type_details      ? 
_struct.pdbx_CASP_flag               N 
# 
_struct_keywords.entry_id        9NDE 
_struct_keywords.text            'tensegrity triangle, DNA' 
_struct_keywords.pdbx_keywords   DNA 
# 
loop_
_struct_asym.id 
_struct_asym.pdbx_blank_PDB_chainid_flag 
_struct_asym.pdbx_modified 
_struct_asym.entity_id 
_struct_asym.details 
A N N 1 ? 
B N N 2 ? 
C N N 3 ? 
D N N 4 ? 
# 
loop_
_struct_ref.id 
_struct_ref.db_name 
_struct_ref.db_code 
_struct_ref.pdbx_db_accession 
_struct_ref.pdbx_db_isoform 
_struct_ref.entity_id 
_struct_ref.pdbx_seq_one_letter_code 
_struct_ref.pdbx_align_begin 
1 PDB 9NDE 9NDE ? 1 ? 1 
2 PDB 9NDE 9NDE ? 2 ? 1 
3 PDB 9NDE 9NDE ? 3 ? 1 
4 PDB 9NDE 9NDE ? 4 ? 1 
# 
loop_
_struct_ref_seq.align_id 
_struct_ref_seq.ref_id 
_struct_ref_seq.pdbx_PDB_id_code 
_struct_ref_seq.pdbx_strand_id 
_struct_ref_seq.seq_align_beg 
_struct_ref_seq.pdbx_seq_align_beg_ins_code 
_struct_ref_seq.seq_align_end 
_struct_ref_seq.pdbx_seq_align_end_ins_code 
_struct_ref_seq.pdbx_db_accession 
_struct_ref_seq.db_align_beg 
_struct_ref_seq.pdbx_db_align_beg_ins_code 
_struct_ref_seq.db_align_end 
_struct_ref_seq.pdbx_db_align_end_ins_code 
_struct_ref_seq.pdbx_auth_seq_align_beg 
_struct_ref_seq.pdbx_auth_seq_align_end 
1 1 9NDE A 1 ? 21 ? 9NDE 4  ? 24 ? 4  24 
2 2 9NDE B 1 ? 7  ? 9NDE 1  ? 7  ? 1  7  
3 3 9NDE C 1 ? 4  ? 9NDE 8  ? 11 ? 8  11 
4 4 9NDE D 1 ? 10 ? 9NDE -2 ? 7  ? -2 7  
# 
_pdbx_struct_assembly.id                   1 
_pdbx_struct_assembly.details              author_defined_assembly 
_pdbx_struct_assembly.method_details       ? 
_pdbx_struct_assembly.oligomeric_details   dodecameric 
_pdbx_struct_assembly.oligomeric_count     12 
# 
loop_
_pdbx_struct_assembly_gen.assembly_id 
_pdbx_struct_assembly_gen.oper_expression 
_pdbx_struct_assembly_gen.asym_id_list 
1 1 A,B,C,D 
1 2 A,B,C,D 
1 3 A,B,C,D 
# 
_pdbx_struct_assembly_auth_evidence.id                     1 
_pdbx_struct_assembly_auth_evidence.assembly_id            1 
_pdbx_struct_assembly_auth_evidence.experimental_support   'native gel electrophoresis' 
_pdbx_struct_assembly_auth_evidence.details                ? 
# 
loop_
_pdbx_struct_oper_list.id 
_pdbx_struct_oper_list.type 
_pdbx_struct_oper_list.name 
_pdbx_struct_oper_list.symmetry_operation 
_pdbx_struct_oper_list.matrix[1][1] 
_pdbx_struct_oper_list.matrix[1][2] 
_pdbx_struct_oper_list.matrix[1][3] 
_pdbx_struct_oper_list.vector[1] 
_pdbx_struct_oper_list.matrix[2][1] 
_pdbx_struct_oper_list.matrix[2][2] 
_pdbx_struct_oper_list.matrix[2][3] 
_pdbx_struct_oper_list.vector[2] 
_pdbx_struct_oper_list.matrix[3][1] 
_pdbx_struct_oper_list.matrix[3][2] 
_pdbx_struct_oper_list.matrix[3][3] 
_pdbx_struct_oper_list.vector[3] 
1 'identity operation'         1_555 x,y,z     1.0000000000  0.0000000000  0.0000000000  0.0000000000   0.0000000000  1.0000000000 0.0000000000  0.0000000000   0.0000000000  0.0000000000  1.0000000000  0.0000000000  
2 'crystal symmetry operation' 2_555 -y,x-y,z  -0.1102399714 -0.9518861768 -0.2859368028 -21.9436053942 -0.1657963180 0.3012713383 -0.9390139305 -3.9767833009  0.9799789435  -0.0561095997 -0.1910313669 18.2419751053 
3 'crystal symmetry operation' 3_555 -x+y,-x,z -0.1102399714 -0.1657963180 0.9799789435  -20.9551499494 -0.9518861768 0.3012713383 -0.0561095997 -18.6661738946 -0.2859368028 -0.9390139305 -0.1910313669 -6.5239498461 
# 
loop_
_struct_conn.id 
_struct_conn.conn_type_id 
_struct_conn.pdbx_leaving_atom_flag 
_struct_conn.pdbx_PDB_id 
_struct_conn.ptnr1_label_asym_id 
_struct_conn.ptnr1_label_comp_id 
_struct_conn.ptnr1_label_seq_id 
_struct_conn.ptnr1_label_atom_id 
_struct_conn.pdbx_ptnr1_label_alt_id 
_struct_conn.pdbx_ptnr1_PDB_ins_code 
_struct_conn.pdbx_ptnr1_standard_comp_id 
_struct_conn.ptnr1_symmetry 
_struct_conn.ptnr2_label_asym_id 
_struct_conn.ptnr2_label_comp_id 
_struct_conn.ptnr2_label_seq_id 
_struct_conn.ptnr2_label_atom_id 
_struct_conn.pdbx_ptnr2_label_alt_id 
_struct_conn.pdbx_ptnr2_PDB_ins_code 
_struct_conn.ptnr1_auth_asym_id 
_struct_conn.ptnr1_auth_comp_id 
_struct_conn.ptnr1_auth_seq_id 
_struct_conn.ptnr2_auth_asym_id 
_struct_conn.ptnr2_auth_comp_id 
_struct_conn.ptnr2_auth_seq_id 
_struct_conn.ptnr2_symmetry 
_struct_conn.pdbx_ptnr3_label_atom_id 
_struct_conn.pdbx_ptnr3_label_seq_id 
_struct_conn.pdbx_ptnr3_label_comp_id 
_struct_conn.pdbx_ptnr3_label_asym_id 
_struct_conn.pdbx_ptnr3_label_alt_id 
_struct_conn.pdbx_ptnr3_PDB_ins_code 
_struct_conn.details 
_struct_conn.pdbx_dist_value 
_struct_conn.pdbx_value_order 
_struct_conn.pdbx_role 
hydrog1  hydrog ? ? A DA 3  N1 ? ? ? 1_555 C DT 3  N3 ? ? A DA 6  C DT 10 1_555 ? ? ? ? ? ? WATSON-CRICK ? ? ? 
hydrog2  hydrog ? ? A DA 3  N6 ? ? ? 1_555 C DT 3  O4 ? ? A DA 6  C DT 10 1_555 ? ? ? ? ? ? WATSON-CRICK ? ? ? 
hydrog3  hydrog ? ? A DC 4  N3 ? ? ? 1_555 C DG 2  N1 ? ? A DC 7  C DG 9  1_555 ? ? ? ? ? ? WATSON-CRICK ? ? ? 
hydrog4  hydrog ? ? A DC 4  N4 ? ? ? 1_555 C DG 2  O6 ? ? A DC 7  C DG 9  1_555 ? ? ? ? ? ? WATSON-CRICK ? ? ? 
hydrog5  hydrog ? ? A DC 4  O2 ? ? ? 1_555 C DG 2  N2 ? ? A DC 7  C DG 9  1_555 ? ? ? ? ? ? WATSON-CRICK ? ? ? 
hydrog6  hydrog ? ? A DC 5  N3 ? ? ? 1_555 C DG 1  N1 ? ? A DC 8  C DG 8  1_555 ? ? ? ? ? ? WATSON-CRICK ? ? ? 
hydrog7  hydrog ? ? A DC 5  N4 ? ? ? 1_555 C DG 1  O6 ? ? A DC 8  C DG 8  1_555 ? ? ? ? ? ? WATSON-CRICK ? ? ? 
hydrog8  hydrog ? ? A DC 5  O2 ? ? ? 1_555 C DG 1  N2 ? ? A DC 8  C DG 8  1_555 ? ? ? ? ? ? WATSON-CRICK ? ? ? 
hydrog9  hydrog ? ? A DT 6  N3 ? ? ? 1_555 B DA 7  N1 ? ? A DT 9  B DA 7  1_555 ? ? ? ? ? ? WATSON-CRICK ? ? ? 
hydrog10 hydrog ? ? A DT 6  O4 ? ? ? 1_555 B DA 7  N6 ? ? A DT 9  B DA 7  1_555 ? ? ? ? ? ? WATSON-CRICK ? ? ? 
hydrog11 hydrog ? ? A DG 7  N1 ? ? ? 1_555 B DA 5  N1 ? ? A DG 10 B DA 5  1_555 ? ? ? ? ? ? TYPE_8_PAIR  ? ? ? 
hydrog12 hydrog ? ? A DG 7  O6 ? ? ? 1_555 B DA 5  N6 ? ? A DG 10 B DA 5  1_555 ? ? ? ? ? ? TYPE_8_PAIR  ? ? ? 
hydrog13 hydrog ? ? A DG 7  N1 ? ? ? 1_555 B DC 6  N3 ? ? A DG 10 B DC 6  1_555 ? ? ? ? ? ? WATSON-CRICK ? ? ? 
hydrog14 hydrog ? ? A DG 7  N2 ? ? ? 1_555 B DC 6  O2 ? ? A DG 10 B DC 6  1_555 ? ? ? ? ? ? WATSON-CRICK ? ? ? 
hydrog15 hydrog ? ? A DG 7  O6 ? ? ? 1_555 B DC 6  N4 ? ? A DG 10 B DC 6  1_555 ? ? ? ? ? ? WATSON-CRICK ? ? ? 
hydrog16 hydrog ? ? A DT 8  N3 ? ? ? 1_555 B DA 5  N1 ? ? A DT 11 B DA 5  1_555 ? ? ? ? ? ? WATSON-CRICK ? ? ? 
hydrog17 hydrog ? ? A DT 8  O4 ? ? ? 1_555 B DA 5  N6 ? ? A DT 11 B DA 5  1_555 ? ? ? ? ? ? WATSON-CRICK ? ? ? 
hydrog18 hydrog ? ? A DA 9  N1 ? ? ? 1_555 B DT 4  N3 ? ? A DA 12 B DT 4  1_555 ? ? ? ? ? ? WATSON-CRICK ? ? ? 
hydrog19 hydrog ? ? A DA 9  N6 ? ? ? 1_555 B DT 4  O4 ? ? A DA 12 B DT 4  1_555 ? ? ? ? ? ? WATSON-CRICK ? ? ? 
hydrog20 hydrog ? ? A DC 10 N3 ? ? ? 1_555 B DG 3  N1 ? ? A DC 13 B DG 3  1_555 ? ? ? ? ? ? WATSON-CRICK ? ? ? 
hydrog21 hydrog ? ? A DC 10 N4 ? ? ? 1_555 B DG 3  O6 ? ? A DC 13 B DG 3  1_555 ? ? ? ? ? ? WATSON-CRICK ? ? ? 
hydrog22 hydrog ? ? A DC 10 O2 ? ? ? 1_555 B DG 3  N2 ? ? A DC 13 B DG 3  1_555 ? ? ? ? ? ? WATSON-CRICK ? ? ? 
hydrog23 hydrog ? ? A DG 11 N1 ? ? ? 1_555 B DC 2  N3 ? ? A DG 14 B DC 2  1_555 ? ? ? ? ? ? WATSON-CRICK ? ? ? 
hydrog24 hydrog ? ? A DG 11 N2 ? ? ? 1_555 B DC 2  O2 ? ? A DG 14 B DC 2  1_555 ? ? ? ? ? ? WATSON-CRICK ? ? ? 
hydrog25 hydrog ? ? A DG 11 O6 ? ? ? 1_555 B DC 2  N4 ? ? A DG 14 B DC 2  1_555 ? ? ? ? ? ? WATSON-CRICK ? ? ? 
hydrog26 hydrog ? ? A DG 12 N1 ? ? ? 1_555 B DC 1  N3 ? ? A DG 15 B DC 1  1_555 ? ? ? ? ? ? WATSON-CRICK ? ? ? 
hydrog27 hydrog ? ? A DG 12 N2 ? ? ? 1_555 B DC 1  O2 ? ? A DG 15 B DC 1  1_555 ? ? ? ? ? ? WATSON-CRICK ? ? ? 
hydrog28 hydrog ? ? A DG 12 O6 ? ? ? 1_555 B DC 1  N4 ? ? A DG 15 B DC 1  1_555 ? ? ? ? ? ? WATSON-CRICK ? ? ? 
hydrog29 hydrog ? ? A DA 13 N1 ? ? ? 1_555 D DG 9  N1 ? ? A DA 16 D DG 6  1_555 ? ? ? ? ? ? TYPE_8_PAIR  ? ? ? 
hydrog30 hydrog ? ? A DA 13 N6 ? ? ? 1_555 D DG 9  O6 ? ? A DA 16 D DG 6  1_555 ? ? ? ? ? ? TYPE_8_PAIR  ? ? ? 
hydrog31 hydrog ? ? A DA 13 N1 ? ? ? 1_555 D DT 10 N3 ? ? A DA 16 D DT 7  1_555 ? ? ? ? ? ? WATSON-CRICK ? ? ? 
hydrog32 hydrog ? ? A DA 13 N6 ? ? ? 1_555 D DT 10 O4 ? ? A DA 16 D DT 7  1_555 ? ? ? ? ? ? WATSON-CRICK ? ? ? 
hydrog33 hydrog ? ? A DC 14 N3 ? ? ? 1_555 D DG 9  N1 ? ? A DC 17 D DG 6  1_555 ? ? ? ? ? ? WATSON-CRICK ? ? ? 
hydrog34 hydrog ? ? A DC 14 N4 ? ? ? 1_555 D DG 9  O6 ? ? A DC 17 D DG 6  1_555 ? ? ? ? ? ? WATSON-CRICK ? ? ? 
hydrog35 hydrog ? ? A DC 14 O2 ? ? ? 1_555 D DG 9  N2 ? ? A DC 17 D DG 6  1_555 ? ? ? ? ? ? WATSON-CRICK ? ? ? 
hydrog36 hydrog ? ? A DA 15 N1 ? ? ? 1_555 D DT 8  N3 ? ? A DA 18 D DT 5  1_555 ? ? ? ? ? ? WATSON-CRICK ? ? ? 
hydrog37 hydrog ? ? A DA 15 N6 ? ? ? 1_555 D DT 8  O4 ? ? A DA 18 D DT 5  1_555 ? ? ? ? ? ? WATSON-CRICK ? ? ? 
hydrog38 hydrog ? ? A DG 16 N1 ? ? ? 1_555 D DC 7  N3 ? ? A DG 19 D DC 4  1_555 ? ? ? ? ? ? WATSON-CRICK ? ? ? 
hydrog39 hydrog ? ? A DG 16 N2 ? ? ? 1_555 D DC 7  O2 ? ? A DG 19 D DC 4  1_555 ? ? ? ? ? ? WATSON-CRICK ? ? ? 
hydrog40 hydrog ? ? A DG 16 O6 ? ? ? 1_555 D DC 7  N4 ? ? A DG 19 D DC 4  1_555 ? ? ? ? ? ? WATSON-CRICK ? ? ? 
hydrog41 hydrog ? ? A DT 17 N3 ? ? ? 1_555 D DA 6  N1 ? ? A DT 20 D DA 3  1_555 ? ? ? ? ? ? WATSON-CRICK ? ? ? 
hydrog42 hydrog ? ? A DT 17 O4 ? ? ? 1_555 D DA 6  N6 ? ? A DT 20 D DA 3  1_555 ? ? ? ? ? ? WATSON-CRICK ? ? ? 
hydrog43 hydrog ? ? A DA 18 N1 ? ? ? 1_555 D DT 5  N3 ? ? A DA 21 D DT 2  1_555 ? ? ? ? ? ? WATSON-CRICK ? ? ? 
hydrog44 hydrog ? ? A DA 18 N6 ? ? ? 1_555 D DT 5  O4 ? ? A DA 21 D DT 2  1_555 ? ? ? ? ? ? WATSON-CRICK ? ? ? 
hydrog45 hydrog ? ? A DG 19 N1 ? ? ? 1_555 D DC 4  N3 ? ? A DG 22 D DC 1  1_555 ? ? ? ? ? ? WATSON-CRICK ? ? ? 
hydrog46 hydrog ? ? A DG 19 N2 ? ? ? 1_555 D DC 4  O2 ? ? A DG 22 D DC 1  1_555 ? ? ? ? ? ? WATSON-CRICK ? ? ? 
hydrog47 hydrog ? ? A DG 19 O6 ? ? ? 1_555 D DC 4  N4 ? ? A DG 22 D DC 1  1_555 ? ? ? ? ? ? WATSON-CRICK ? ? ? 
hydrog48 hydrog ? ? A DC 20 N3 ? ? ? 1_555 D DG 3  N1 ? ? A DC 23 D DG 0  1_555 ? ? ? ? ? ? WATSON-CRICK ? ? ? 
hydrog49 hydrog ? ? A DC 20 N4 ? ? ? 1_555 D DG 3  O6 ? ? A DC 23 D DG 0  1_555 ? ? ? ? ? ? WATSON-CRICK ? ? ? 
hydrog50 hydrog ? ? A DC 20 O2 ? ? ? 1_555 D DG 3  N2 ? ? A DC 23 D DG 0  1_555 ? ? ? ? ? ? WATSON-CRICK ? ? ? 
hydrog51 hydrog ? ? A DA 21 N1 ? ? ? 1_555 D DT 2  N3 ? ? A DA 24 D DT -1 1_555 ? ? ? ? ? ? 'DA-DT PAIR' ? ? ? 
# 
_struct_conn_type.id          hydrog 
_struct_conn_type.criteria    ? 
_struct_conn_type.reference   ? 
# 
_pdbx_entry_details.entry_id                   9NDE 
_pdbx_entry_details.compound_details           ? 
_pdbx_entry_details.source_details             ? 
_pdbx_entry_details.nonpolymer_details         ? 
_pdbx_entry_details.sequence_details           ? 
_pdbx_entry_details.has_ligand_of_interest     ? 
_pdbx_entry_details.has_protein_modification   N 
# 
loop_
_pdbx_validate_rmsd_angle.id 
_pdbx_validate_rmsd_angle.PDB_model_num 
_pdbx_validate_rmsd_angle.auth_atom_id_1 
_pdbx_validate_rmsd_angle.auth_asym_id_1 
_pdbx_validate_rmsd_angle.auth_comp_id_1 
_pdbx_validate_rmsd_angle.auth_seq_id_1 
_pdbx_validate_rmsd_angle.PDB_ins_code_1 
_pdbx_validate_rmsd_angle.label_alt_id_1 
_pdbx_validate_rmsd_angle.auth_atom_id_2 
_pdbx_validate_rmsd_angle.auth_asym_id_2 
_pdbx_validate_rmsd_angle.auth_comp_id_2 
_pdbx_validate_rmsd_angle.auth_seq_id_2 
_pdbx_validate_rmsd_angle.PDB_ins_code_2 
_pdbx_validate_rmsd_angle.label_alt_id_2 
_pdbx_validate_rmsd_angle.auth_atom_id_3 
_pdbx_validate_rmsd_angle.auth_asym_id_3 
_pdbx_validate_rmsd_angle.auth_comp_id_3 
_pdbx_validate_rmsd_angle.auth_seq_id_3 
_pdbx_validate_rmsd_angle.PDB_ins_code_3 
_pdbx_validate_rmsd_angle.label_alt_id_3 
_pdbx_validate_rmsd_angle.angle_value 
_pdbx_validate_rmsd_angle.angle_target_value 
_pdbx_validate_rmsd_angle.angle_deviation 
_pdbx_validate_rmsd_angle.angle_standard_deviation 
_pdbx_validate_rmsd_angle.linker_flag 
1 1 "O4'" A DC 7  ? ? "C1'" A DC 7  ? ? N1 A DC 7  ? ? 110.49 108.30 2.19 0.30 N 
2 1 "O4'" A DT 11 ? ? "C1'" A DT 11 ? ? N1 A DT 11 ? ? 112.05 108.30 3.75 0.30 N 
3 1 "O4'" B DT 4  ? ? "C1'" B DT 4  ? ? N1 B DT 4  ? ? 110.19 108.30 1.89 0.30 N 
4 1 "O4'" B DA 7  ? ? "C1'" B DA 7  ? ? N9 B DA 7  ? ? 110.38 108.30 2.08 0.30 N 
5 1 "O4'" D DC -2 ? ? "C1'" D DC -2 ? ? N1 D DC -2 ? ? 111.19 108.30 2.89 0.30 N 
6 1 "O4'" D DC 1  ? ? "C1'" D DC 1  ? ? N1 D DC 1  ? ? 110.43 108.30 2.13 0.30 N 
7 1 "O4'" D DA 3  ? ? "C1'" D DA 3  ? ? N9 D DA 3  ? ? 111.41 108.30 3.11 0.30 N 
# 
loop_
_space_group_symop.id 
_space_group_symop.operation_xyz 
1 x,y,z                 
2 -y,x-y,z              
3 -x+y,-x,z             
4 x+1/3,y+2/3,z+2/3     
5 -y+1/3,x-y+2/3,z+2/3  
6 -x+y+1/3,-x+2/3,z+2/3 
7 x+2/3,y+1/3,z+1/3     
8 -y+2/3,x-y+1/3,z+1/3  
9 -x+y+2/3,-x+1/3,z+1/3 
# 
loop_
_pdbx_refine_tls.id 
_pdbx_refine_tls.pdbx_refine_id 
_pdbx_refine_tls.details 
_pdbx_refine_tls.method 
_pdbx_refine_tls.origin_x 
_pdbx_refine_tls.origin_y 
_pdbx_refine_tls.origin_z 
_pdbx_refine_tls.T[1][1] 
_pdbx_refine_tls.T[1][1]_esd 
_pdbx_refine_tls.T[1][2] 
_pdbx_refine_tls.T[1][2]_esd 
_pdbx_refine_tls.T[1][3] 
_pdbx_refine_tls.T[1][3]_esd 
_pdbx_refine_tls.T[2][2] 
_pdbx_refine_tls.T[2][2]_esd 
_pdbx_refine_tls.T[2][3] 
_pdbx_refine_tls.T[2][3]_esd 
_pdbx_refine_tls.T[3][3] 
_pdbx_refine_tls.T[3][3]_esd 
_pdbx_refine_tls.L[1][1] 
_pdbx_refine_tls.L[1][1]_esd 
_pdbx_refine_tls.L[1][2] 
_pdbx_refine_tls.L[1][2]_esd 
_pdbx_refine_tls.L[1][3] 
_pdbx_refine_tls.L[1][3]_esd 
_pdbx_refine_tls.L[2][2] 
_pdbx_refine_tls.L[2][2]_esd 
_pdbx_refine_tls.L[2][3] 
_pdbx_refine_tls.L[2][3]_esd 
_pdbx_refine_tls.L[3][3] 
_pdbx_refine_tls.L[3][3]_esd 
_pdbx_refine_tls.S[1][1] 
_pdbx_refine_tls.S[1][1]_esd 
_pdbx_refine_tls.S[1][2] 
_pdbx_refine_tls.S[1][2]_esd 
_pdbx_refine_tls.S[1][3] 
_pdbx_refine_tls.S[1][3]_esd 
_pdbx_refine_tls.S[2][1] 
_pdbx_refine_tls.S[2][1]_esd 
_pdbx_refine_tls.S[2][2] 
_pdbx_refine_tls.S[2][2]_esd 
_pdbx_refine_tls.S[2][3] 
_pdbx_refine_tls.S[2][3]_esd 
_pdbx_refine_tls.S[3][1] 
_pdbx_refine_tls.S[3][1]_esd 
_pdbx_refine_tls.S[3][2] 
_pdbx_refine_tls.S[3][2]_esd 
_pdbx_refine_tls.S[3][3] 
_pdbx_refine_tls.S[3][3]_esd 
1 'X-RAY DIFFRACTION' ? refined -9.2488717322 -5.7184667513   -26.313838492692 2.37502642272 ? -0.752379263281 ? -0.84117118295  ? 3.93672215385  ? 0.04949086922   ? -0.07884408690 ? 0.185421322887 ? -0.126243416271 ? 0.098278215642  ? 0.039971802706 ? -0.043202678421 ? 0.382608753870 ? -0.734652570059 ? 0.568701068927 ? -0.311831934648 ? 0.159769889164  ? -0.447977656201 ? 0.183773652933  ? 0.082086034289  ? 0.219443118080  ? 0.089411251800  ? 
2 'X-RAY DIFFRACTION' ? refined -3.9779658760 -0.90320870761  -1.6170984162    2.3675545458  ? 0.042432082574  ? -0.333840869046 ? 1.98671637595  ? -0.007131608815 ? 1.68723229721  ? 0.30544831497  ? 0.038856555586  ? -0.303207191999 ? 1.235012261352 ? -0.978253996464 ? 1.03591869438  ? 0.912692384575  ? 0.32077416215  ? 0.351069309121  ? -0.368632755127 ? 0.59129905702   ? 1.29169159218   ? 1.46946362344   ? 1.270330950364  ? 0.699514761907  ? 
3 'X-RAY DIFFRACTION' ? refined 11.6264618942 5.2453778065    19.8715849860    2.29024467114 ? -1.190751941721 ? -1.469154840771 ? 5.75401226854  ? -0.08730164689  ? 2.37171368425  ? 1.009013881861 ? -0.911376275319 ? 0.745684418347  ? 1.037548307325 ? -0.195996801126 ? 1.44264513869  ? -0.271799619759 ? 0.061652018530 ? 0.989330980214  ? 0.589881111519  ? 0.153513084408  ? -0.167186824087 ? -0.039037870206 ? -0.407085900331 ? -0.329677586428 ? 
4 'X-RAY DIFFRACTION' ? refined -4.9179442158 -2.227159992088 -6.11198419422   0.7035547305  ? 0.522641113822  ? -0.228052367052 ? 1.94634703098  ? 0.865376438346  ? 1.336547342000 ? 3.57946023248  ? 2.03351691009   ? -0.507203445629 ? 1.47007926142  ? 0.25676539813   ? 4.107130426633 ? 1.689044071753  ? -0.9207627885  ? -0.036408429433 ? -1.082375032108 ? 0.42811263001   ? -0.533619474180 ? 0.509558527682  ? 1.11472117735   ? 1.2476015428    ? 
5 'X-RAY DIFFRACTION' ? refined -17.432625808 -4.6251756061   -21.59392505184  1.02791459019 ? -0.532891172206 ? 0.26404915849   ? 2.61570713969  ? -1.493350965970 ? 1.53549382873  ? 1.592585748913 ? 0.832289102394  ? 1.021849001456  ? 1.66652704607  ? 0.933728688122  ? 0.786126650762 ? -0.090985175294 ? 0.461845009597 ? 0.15858957016   ? -0.224690748471 ? 0.514712772052  ? -0.178839134727 ? -0.198406780945 ? 0.163563842345  ? 0.141658252490  ? 
6 'X-RAY DIFFRACTION' ? refined 12.3295717854 3.9454294209    15.8683101260    0.43550860434 ? -1.9002288567   ? -2.3588068912   ? 4.589496134549 ? 0.64881985005   ? -0.20660172300 ? 4.235607964915 ? -0.26047277287  ? 2.62311211924   ? 1.4133363430   ? 0.12611702672   ? 1.65545241545  ? 0.647599968198  ? -1.53481455761 ? 0.83930511604   ? 1.59950412192   ? 0.27888981059   ? -1.570999172291 ? 0.33233662243   ? 2.87510589931   ? 0.370266798170  ? 
# 
loop_
_pdbx_refine_tls_group.id 
_pdbx_refine_tls_group.pdbx_refine_id 
_pdbx_refine_tls_group.refine_tls_id 
_pdbx_refine_tls_group.beg_label_asym_id 
_pdbx_refine_tls_group.beg_label_seq_id 
_pdbx_refine_tls_group.beg_auth_asym_id 
_pdbx_refine_tls_group.beg_auth_seq_id 
_pdbx_refine_tls_group.beg_PDB_ins_code 
_pdbx_refine_tls_group.end_label_asym_id 
_pdbx_refine_tls_group.end_label_seq_id 
_pdbx_refine_tls_group.end_auth_asym_id 
_pdbx_refine_tls_group.end_auth_seq_id 
_pdbx_refine_tls_group.end_PDB_ins_code 
_pdbx_refine_tls_group.selection 
_pdbx_refine_tls_group.selection_details 
1 'X-RAY DIFFRACTION' 1 A ? A 4  ? A ? A 8  ? ? 
;chain 'A' and (resid 4 through 8 )
;
2 'X-RAY DIFFRACTION' 2 A ? A 9  ? A ? A 18 ? ? 
;chain 'A' and (resid 9 through 18 )
;
3 'X-RAY DIFFRACTION' 3 A ? A 19 ? A ? A 24 ? ? 
;chain 'A' and (resid 19 through 24 )
;
4 'X-RAY DIFFRACTION' 4 B ? B 1  ? B ? B 7  ? ? 
;chain 'B' and (resid 1 through 7 )
;
5 'X-RAY DIFFRACTION' 5 C ? C 8  ? C ? C 11 ? ? 
;chain 'C' and (resid 8 through 11 )
;
6 'X-RAY DIFFRACTION' 6 D ? D -2 ? D ? D 7  ? ? 
;chain 'D' and (resid -2 through 7 )
;
# 
loop_
_chem_comp_atom.comp_id 
_chem_comp_atom.atom_id 
_chem_comp_atom.type_symbol 
_chem_comp_atom.pdbx_aromatic_flag 
_chem_comp_atom.pdbx_stereo_config 
_chem_comp_atom.pdbx_ordinal 
DA OP3    O N N 1   
DA P      P N N 2   
DA OP1    O N N 3   
DA OP2    O N N 4   
DA "O5'"  O N N 5   
DA "C5'"  C N N 6   
DA "C4'"  C N R 7   
DA "O4'"  O N N 8   
DA "C3'"  C N S 9   
DA "O3'"  O N N 10  
DA "C2'"  C N N 11  
DA "C1'"  C N R 12  
DA N9     N Y N 13  
DA C8     C Y N 14  
DA N7     N Y N 15  
DA C5     C Y N 16  
DA C6     C Y N 17  
DA N6     N N N 18  
DA N1     N Y N 19  
DA C2     C Y N 20  
DA N3     N Y N 21  
DA C4     C Y N 22  
DA HOP3   H N N 23  
DA HOP2   H N N 24  
DA "H5'"  H N N 25  
DA "H5''" H N N 26  
DA "H4'"  H N N 27  
DA "H3'"  H N N 28  
DA "HO3'" H N N 29  
DA "H2'"  H N N 30  
DA "H2''" H N N 31  
DA "H1'"  H N N 32  
DA H8     H N N 33  
DA H61    H N N 34  
DA H62    H N N 35  
DA H2     H N N 36  
DC OP3    O N N 37  
DC P      P N N 38  
DC OP1    O N N 39  
DC OP2    O N N 40  
DC "O5'"  O N N 41  
DC "C5'"  C N N 42  
DC "C4'"  C N R 43  
DC "O4'"  O N N 44  
DC "C3'"  C N S 45  
DC "O3'"  O N N 46  
DC "C2'"  C N N 47  
DC "C1'"  C N R 48  
DC N1     N N N 49  
DC C2     C N N 50  
DC O2     O N N 51  
DC N3     N N N 52  
DC C4     C N N 53  
DC N4     N N N 54  
DC C5     C N N 55  
DC C6     C N N 56  
DC HOP3   H N N 57  
DC HOP2   H N N 58  
DC "H5'"  H N N 59  
DC "H5''" H N N 60  
DC "H4'"  H N N 61  
DC "H3'"  H N N 62  
DC "HO3'" H N N 63  
DC "H2'"  H N N 64  
DC "H2''" H N N 65  
DC "H1'"  H N N 66  
DC H41    H N N 67  
DC H42    H N N 68  
DC H5     H N N 69  
DC H6     H N N 70  
DG OP3    O N N 71  
DG P      P N N 72  
DG OP1    O N N 73  
DG OP2    O N N 74  
DG "O5'"  O N N 75  
DG "C5'"  C N N 76  
DG "C4'"  C N R 77  
DG "O4'"  O N N 78  
DG "C3'"  C N S 79  
DG "O3'"  O N N 80  
DG "C2'"  C N N 81  
DG "C1'"  C N R 82  
DG N9     N Y N 83  
DG C8     C Y N 84  
DG N7     N Y N 85  
DG C5     C Y N 86  
DG C6     C N N 87  
DG O6     O N N 88  
DG N1     N N N 89  
DG C2     C N N 90  
DG N2     N N N 91  
DG N3     N N N 92  
DG C4     C Y N 93  
DG HOP3   H N N 94  
DG HOP2   H N N 95  
DG "H5'"  H N N 96  
DG "H5''" H N N 97  
DG "H4'"  H N N 98  
DG "H3'"  H N N 99  
DG "HO3'" H N N 100 
DG "H2'"  H N N 101 
DG "H2''" H N N 102 
DG "H1'"  H N N 103 
DG H8     H N N 104 
DG H1     H N N 105 
DG H21    H N N 106 
DG H22    H N N 107 
DT OP3    O N N 108 
DT P      P N N 109 
DT OP1    O N N 110 
DT OP2    O N N 111 
DT "O5'"  O N N 112 
DT "C5'"  C N N 113 
DT "C4'"  C N R 114 
DT "O4'"  O N N 115 
DT "C3'"  C N S 116 
DT "O3'"  O N N 117 
DT "C2'"  C N N 118 
DT "C1'"  C N R 119 
DT N1     N N N 120 
DT C2     C N N 121 
DT O2     O N N 122 
DT N3     N N N 123 
DT C4     C N N 124 
DT O4     O N N 125 
DT C5     C N N 126 
DT C7     C N N 127 
DT C6     C N N 128 
DT HOP3   H N N 129 
DT HOP2   H N N 130 
DT "H5'"  H N N 131 
DT "H5''" H N N 132 
DT "H4'"  H N N 133 
DT "H3'"  H N N 134 
DT "HO3'" H N N 135 
DT "H2'"  H N N 136 
DT "H2''" H N N 137 
DT "H1'"  H N N 138 
DT H3     H N N 139 
DT H71    H N N 140 
DT H72    H N N 141 
DT H73    H N N 142 
DT H6     H N N 143 
# 
loop_
_chem_comp_bond.comp_id 
_chem_comp_bond.atom_id_1 
_chem_comp_bond.atom_id_2 
_chem_comp_bond.value_order 
_chem_comp_bond.pdbx_aromatic_flag 
_chem_comp_bond.pdbx_stereo_config 
_chem_comp_bond.pdbx_ordinal 
DA OP3   P      sing N N 1   
DA OP3   HOP3   sing N N 2   
DA P     OP1    doub N N 3   
DA P     OP2    sing N N 4   
DA P     "O5'"  sing N N 5   
DA OP2   HOP2   sing N N 6   
DA "O5'" "C5'"  sing N N 7   
DA "C5'" "C4'"  sing N N 8   
DA "C5'" "H5'"  sing N N 9   
DA "C5'" "H5''" sing N N 10  
DA "C4'" "O4'"  sing N N 11  
DA "C4'" "C3'"  sing N N 12  
DA "C4'" "H4'"  sing N N 13  
DA "O4'" "C1'"  sing N N 14  
DA "C3'" "O3'"  sing N N 15  
DA "C3'" "C2'"  sing N N 16  
DA "C3'" "H3'"  sing N N 17  
DA "O3'" "HO3'" sing N N 18  
DA "C2'" "C1'"  sing N N 19  
DA "C2'" "H2'"  sing N N 20  
DA "C2'" "H2''" sing N N 21  
DA "C1'" N9     sing N N 22  
DA "C1'" "H1'"  sing N N 23  
DA N9    C8     sing Y N 24  
DA N9    C4     sing Y N 25  
DA C8    N7     doub Y N 26  
DA C8    H8     sing N N 27  
DA N7    C5     sing Y N 28  
DA C5    C6     sing Y N 29  
DA C5    C4     doub Y N 30  
DA C6    N6     sing N N 31  
DA C6    N1     doub Y N 32  
DA N6    H61    sing N N 33  
DA N6    H62    sing N N 34  
DA N1    C2     sing Y N 35  
DA C2    N3     doub Y N 36  
DA C2    H2     sing N N 37  
DA N3    C4     sing Y N 38  
DC OP3   P      sing N N 39  
DC OP3   HOP3   sing N N 40  
DC P     OP1    doub N N 41  
DC P     OP2    sing N N 42  
DC P     "O5'"  sing N N 43  
DC OP2   HOP2   sing N N 44  
DC "O5'" "C5'"  sing N N 45  
DC "C5'" "C4'"  sing N N 46  
DC "C5'" "H5'"  sing N N 47  
DC "C5'" "H5''" sing N N 48  
DC "C4'" "O4'"  sing N N 49  
DC "C4'" "C3'"  sing N N 50  
DC "C4'" "H4'"  sing N N 51  
DC "O4'" "C1'"  sing N N 52  
DC "C3'" "O3'"  sing N N 53  
DC "C3'" "C2'"  sing N N 54  
DC "C3'" "H3'"  sing N N 55  
DC "O3'" "HO3'" sing N N 56  
DC "C2'" "C1'"  sing N N 57  
DC "C2'" "H2'"  sing N N 58  
DC "C2'" "H2''" sing N N 59  
DC "C1'" N1     sing N N 60  
DC "C1'" "H1'"  sing N N 61  
DC N1    C2     sing N N 62  
DC N1    C6     sing N N 63  
DC C2    O2     doub N N 64  
DC C2    N3     sing N N 65  
DC N3    C4     doub N N 66  
DC C4    N4     sing N N 67  
DC C4    C5     sing N N 68  
DC N4    H41    sing N N 69  
DC N4    H42    sing N N 70  
DC C5    C6     doub N N 71  
DC C5    H5     sing N N 72  
DC C6    H6     sing N N 73  
DG OP3   P      sing N N 74  
DG OP3   HOP3   sing N N 75  
DG P     OP1    doub N N 76  
DG P     OP2    sing N N 77  
DG P     "O5'"  sing N N 78  
DG OP2   HOP2   sing N N 79  
DG "O5'" "C5'"  sing N N 80  
DG "C5'" "C4'"  sing N N 81  
DG "C5'" "H5'"  sing N N 82  
DG "C5'" "H5''" sing N N 83  
DG "C4'" "O4'"  sing N N 84  
DG "C4'" "C3'"  sing N N 85  
DG "C4'" "H4'"  sing N N 86  
DG "O4'" "C1'"  sing N N 87  
DG "C3'" "O3'"  sing N N 88  
DG "C3'" "C2'"  sing N N 89  
DG "C3'" "H3'"  sing N N 90  
DG "O3'" "HO3'" sing N N 91  
DG "C2'" "C1'"  sing N N 92  
DG "C2'" "H2'"  sing N N 93  
DG "C2'" "H2''" sing N N 94  
DG "C1'" N9     sing N N 95  
DG "C1'" "H1'"  sing N N 96  
DG N9    C8     sing Y N 97  
DG N9    C4     sing Y N 98  
DG C8    N7     doub Y N 99  
DG C8    H8     sing N N 100 
DG N7    C5     sing Y N 101 
DG C5    C6     sing N N 102 
DG C5    C4     doub Y N 103 
DG C6    O6     doub N N 104 
DG C6    N1     sing N N 105 
DG N1    C2     sing N N 106 
DG N1    H1     sing N N 107 
DG C2    N2     sing N N 108 
DG C2    N3     doub N N 109 
DG N2    H21    sing N N 110 
DG N2    H22    sing N N 111 
DG N3    C4     sing N N 112 
DT OP3   P      sing N N 113 
DT OP3   HOP3   sing N N 114 
DT P     OP1    doub N N 115 
DT P     OP2    sing N N 116 
DT P     "O5'"  sing N N 117 
DT OP2   HOP2   sing N N 118 
DT "O5'" "C5'"  sing N N 119 
DT "C5'" "C4'"  sing N N 120 
DT "C5'" "H5'"  sing N N 121 
DT "C5'" "H5''" sing N N 122 
DT "C4'" "O4'"  sing N N 123 
DT "C4'" "C3'"  sing N N 124 
DT "C4'" "H4'"  sing N N 125 
DT "O4'" "C1'"  sing N N 126 
DT "C3'" "O3'"  sing N N 127 
DT "C3'" "C2'"  sing N N 128 
DT "C3'" "H3'"  sing N N 129 
DT "O3'" "HO3'" sing N N 130 
DT "C2'" "C1'"  sing N N 131 
DT "C2'" "H2'"  sing N N 132 
DT "C2'" "H2''" sing N N 133 
DT "C1'" N1     sing N N 134 
DT "C1'" "H1'"  sing N N 135 
DT N1    C2     sing N N 136 
DT N1    C6     sing N N 137 
DT C2    O2     doub N N 138 
DT C2    N3     sing N N 139 
DT N3    C4     sing N N 140 
DT N3    H3     sing N N 141 
DT C4    O4     doub N N 142 
DT C4    C5     sing N N 143 
DT C5    C7     sing N N 144 
DT C5    C6     doub N N 145 
DT C7    H71    sing N N 146 
DT C7    H72    sing N N 147 
DT C7    H73    sing N N 148 
DT C6    H6     sing N N 149 
# 
loop_
_ndb_struct_conf_na.entry_id 
_ndb_struct_conf_na.feature 
9NDE 'double helix'        
9NDE 'a-form double helix' 
9NDE 'b-form double helix' 
# 
loop_
_ndb_struct_na_base_pair.model_number 
_ndb_struct_na_base_pair.i_label_asym_id 
_ndb_struct_na_base_pair.i_label_comp_id 
_ndb_struct_na_base_pair.i_label_seq_id 
_ndb_struct_na_base_pair.i_symmetry 
_ndb_struct_na_base_pair.j_label_asym_id 
_ndb_struct_na_base_pair.j_label_comp_id 
_ndb_struct_na_base_pair.j_label_seq_id 
_ndb_struct_na_base_pair.j_symmetry 
_ndb_struct_na_base_pair.shear 
_ndb_struct_na_base_pair.stretch 
_ndb_struct_na_base_pair.stagger 
_ndb_struct_na_base_pair.buckle 
_ndb_struct_na_base_pair.propeller 
_ndb_struct_na_base_pair.opening 
_ndb_struct_na_base_pair.pair_number 
_ndb_struct_na_base_pair.pair_name 
_ndb_struct_na_base_pair.i_auth_asym_id 
_ndb_struct_na_base_pair.i_auth_seq_id 
_ndb_struct_na_base_pair.i_PDB_ins_code 
_ndb_struct_na_base_pair.j_auth_asym_id 
_ndb_struct_na_base_pair.j_auth_seq_id 
_ndb_struct_na_base_pair.j_PDB_ins_code 
_ndb_struct_na_base_pair.hbond_type_28 
_ndb_struct_na_base_pair.hbond_type_12 
1 A DA 3  1_555 C DT 3  1_555 0.398  -0.472 1.448  7.292   -10.169 -9.923 1  A_DA6:DT10_C  A 6  ? C 10 ? 20 1 
1 A DC 4  1_555 C DG 2  1_555 0.260  -0.249 0.605  4.980   -10.625 0.045  2  A_DC7:DG9_C   A 7  ? C 9  ? 19 1 
1 A DC 5  1_555 C DG 1  1_555 0.108  -0.103 0.355  -9.383  -16.522 -1.809 3  A_DC8:DG8_C   A 8  ? C 8  ? 19 1 
1 A DT 6  1_555 B DA 7  1_555 -0.296 -0.170 0.020  2.045   0.886   -0.749 4  A_DT9:DA7_B   A 9  ? B 7  ? 20 1 
1 A DG 7  1_555 B DC 6  1_555 -0.105 -0.269 0.824  3.139   -1.059  0.419  5  A_DG10:DC6_B  A 10 ? B 6  ? 19 1 
1 A DT 8  1_555 B DA 5  1_555 -1.484 0.434  0.590  8.243   3.721   -2.935 6  A_DT11:DA5_B  A 11 ? B 5  ? 20 1 
1 A DA 9  1_555 B DT 4  1_555 0.146  -0.005 0.615  2.295   -0.896  -6.538 7  A_DA12:DT4_B  A 12 ? B 4  ? 20 1 
1 A DC 10 1_555 B DG 3  1_555 0.183  -0.245 0.789  1.435   -1.685  1.332  8  A_DC13:DG3_B  A 13 ? B 3  ? 19 1 
1 A DG 11 1_555 B DC 2  1_555 -0.240 -0.124 0.442  -4.780  -15.041 -4.452 9  A_DG14:DC2_B  A 14 ? B 2  ? 19 1 
1 A DG 12 1_555 B DC 1  1_555 -0.251 -0.111 -0.159 -10.027 -13.532 -0.112 10 A_DG15:DC1_B  A 15 ? B 1  ? 19 1 
1 A DA 13 1_555 D DT 10 1_555 0.144  -0.234 1.256  4.210   -15.425 4.091  11 A_DA16:DT7_D  A 16 ? D 7  ? 20 1 
1 A DC 14 1_555 D DG 9  1_555 0.128  -0.260 0.942  -2.105  -8.735  -1.841 12 A_DC17:DG6_D  A 17 ? D 6  ? 19 1 
1 A DA 15 1_555 D DT 8  1_555 0.149  -0.233 0.704  3.699   -6.537  -0.098 13 A_DA18:DT5_D  A 18 ? D 5  ? 20 1 
1 A DG 16 1_555 D DC 7  1_555 -0.201 -0.130 0.096  1.701   -11.798 -0.352 14 A_DG19:DC4_D  A 19 ? D 4  ? 19 1 
1 A DT 17 1_555 D DA 6  1_555 -0.286 -0.079 -0.044 -1.975  -8.980  -2.811 15 A_DT20:DA3_D  A 20 ? D 3  ? 20 1 
1 A DA 18 1_555 D DT 5  1_555 0.176  0.023  -0.152 -7.218  -3.750  -5.385 16 A_DA21:DT2_D  A 21 ? D 2  ? 20 1 
1 A DG 19 1_555 D DC 4  1_555 -0.252 -0.188 -0.389 -3.747  -4.116  1.249  17 A_DG22:DC1_D  A 22 ? D 1  ? 19 1 
1 A DC 20 1_555 D DG 3  1_555 0.198  -0.196 0.469  4.352   -5.211  -1.544 18 A_DC23:DG0_D  A 23 ? D 0  ? 19 1 
1 A DA 21 1_555 D DT 2  1_555 -0.179 0.567  0.137  -14.328 -23.790 19.998 19 A_DA24:DT-1_D A 24 ? D -1 ? ?  1 
# 
loop_
_ndb_struct_na_base_pair_step.model_number 
_ndb_struct_na_base_pair_step.i_label_asym_id_1 
_ndb_struct_na_base_pair_step.i_label_comp_id_1 
_ndb_struct_na_base_pair_step.i_label_seq_id_1 
_ndb_struct_na_base_pair_step.i_symmetry_1 
_ndb_struct_na_base_pair_step.j_label_asym_id_1 
_ndb_struct_na_base_pair_step.j_label_comp_id_1 
_ndb_struct_na_base_pair_step.j_label_seq_id_1 
_ndb_struct_na_base_pair_step.j_symmetry_1 
_ndb_struct_na_base_pair_step.i_label_asym_id_2 
_ndb_struct_na_base_pair_step.i_label_comp_id_2 
_ndb_struct_na_base_pair_step.i_label_seq_id_2 
_ndb_struct_na_base_pair_step.i_symmetry_2 
_ndb_struct_na_base_pair_step.j_label_asym_id_2 
_ndb_struct_na_base_pair_step.j_label_comp_id_2 
_ndb_struct_na_base_pair_step.j_label_seq_id_2 
_ndb_struct_na_base_pair_step.j_symmetry_2 
_ndb_struct_na_base_pair_step.shift 
_ndb_struct_na_base_pair_step.slide 
_ndb_struct_na_base_pair_step.rise 
_ndb_struct_na_base_pair_step.tilt 
_ndb_struct_na_base_pair_step.roll 
_ndb_struct_na_base_pair_step.twist 
_ndb_struct_na_base_pair_step.x_displacement 
_ndb_struct_na_base_pair_step.y_displacement 
_ndb_struct_na_base_pair_step.helical_rise 
_ndb_struct_na_base_pair_step.inclination 
_ndb_struct_na_base_pair_step.tip 
_ndb_struct_na_base_pair_step.helical_twist 
_ndb_struct_na_base_pair_step.step_number 
_ndb_struct_na_base_pair_step.step_name 
_ndb_struct_na_base_pair_step.i_auth_asym_id_1 
_ndb_struct_na_base_pair_step.i_auth_seq_id_1 
_ndb_struct_na_base_pair_step.i_PDB_ins_code_1 
_ndb_struct_na_base_pair_step.j_auth_asym_id_1 
_ndb_struct_na_base_pair_step.j_auth_seq_id_1 
_ndb_struct_na_base_pair_step.j_PDB_ins_code_1 
_ndb_struct_na_base_pair_step.i_auth_asym_id_2 
_ndb_struct_na_base_pair_step.i_auth_seq_id_2 
_ndb_struct_na_base_pair_step.i_PDB_ins_code_2 
_ndb_struct_na_base_pair_step.j_auth_asym_id_2 
_ndb_struct_na_base_pair_step.j_auth_seq_id_2 
_ndb_struct_na_base_pair_step.j_PDB_ins_code_2 
1 A DA 3  1_555 C DT 3  1_555 A DC 4  1_555 C DG 2  1_555 0.672  -1.551 3.620 0.687   -3.137 27.243 -2.391 -1.225 3.787 -6.632  
-1.451  27.428 1  AA_DA6DC7:DG9DT10_CC   A 6  ? C 10 ? A 7  ? C 9  ? 
1 A DC 4  1_555 C DG 2  1_555 A DC 5  1_555 C DG 1  1_555 -0.613 -0.763 3.596 -4.537  -4.279 42.023 -0.567 0.330  3.696 -5.928  
6.285   42.463 2  AA_DC7DC8:DG8DG9_CC    A 7  ? C 9  ? A 8  ? C 8  ? 
1 A DC 5  1_555 C DG 1  1_555 A DT 6  1_555 B DA 7  1_555 -1.936 -0.927 3.277 -3.880  -9.157 21.652 1.093  3.278  3.649 -22.884 
9.698   23.802 3  AA_DC8DT9:DA7DG8_BC    A 8  ? C 8  ? A 9  ? B 7  ? 
1 A DT 6  1_555 B DA 7  1_555 A DG 7  1_555 B DC 6  1_555 -0.023 -0.821 3.471 -2.102  3.427  29.365 -2.362 -0.420 3.349 6.720   
4.123   29.633 4  AA_DT9DG10:DC6DA7_BB   A 9  ? B 7  ? A 10 ? B 6  ? 
1 A DG 7  1_555 B DC 6  1_555 A DT 8  1_555 B DA 5  1_555 -0.147 -0.439 3.263 5.188   5.180  27.315 -2.081 1.485  3.050 10.726  
-10.743 28.264 5  AA_DG10DT11:DA5DC6_BB  A 10 ? B 6  ? A 11 ? B 5  ? 
1 A DT 8  1_555 B DA 5  1_555 A DA 9  1_555 B DT 4  1_555 -1.081 -0.244 3.499 -1.165  4.015  47.286 -0.650 1.242  3.493 4.995   
1.450   47.460 6  AA_DT11DA12:DT4DA5_BB  A 11 ? B 5  ? A 12 ? B 4  ? 
1 A DA 9  1_555 B DT 4  1_555 A DC 10 1_555 B DG 3  1_555 0.018  -0.801 3.421 -0.347  2.123  29.011 -2.076 -0.114 3.354 4.231   
0.691   29.089 7  AA_DA12DC13:DG3DT4_BB  A 12 ? B 4  ? A 13 ? B 3  ? 
1 A DC 10 1_555 B DG 3  1_555 A DG 11 1_555 B DC 2  1_555 -0.689 2.650  3.671 -2.018  -6.870 45.455 4.025  0.696  3.284 -8.826  
2.593   45.986 8  AA_DC13DG14:DC2DG3_BB  A 13 ? B 3  ? A 14 ? B 2  ? 
1 A DG 11 1_555 B DC 2  1_555 A DG 12 1_555 B DC 1  1_555 0.067  1.474  3.783 -3.098  1.232  45.157 1.788  -0.407 3.808 1.602   
4.028   45.274 9  AA_DG14DG15:DC1DC2_BB  A 14 ? B 2  ? A 15 ? B 1  ? 
1 A DG 12 1_555 B DC 1  1_555 A DA 13 1_555 D DT 10 1_555 -0.902 -0.222 2.807 -16.616 -3.005 23.309 0.198  -1.752 2.824 -6.461  
35.728  28.714 10 AA_DG15DA16:DT7DC1_DB  A 15 ? B 1  ? A 16 ? D 7  ? 
1 A DA 13 1_555 D DT 10 1_555 A DC 14 1_555 D DG 9  1_555 -0.364 -1.097 3.295 -0.460  2.084  30.457 -2.497 0.600  3.219 3.962   
0.874   30.530 11 AA_DA16DC17:DG6DT7_DD  A 16 ? D 7  ? A 17 ? D 6  ? 
1 A DC 14 1_555 D DG 9  1_555 A DA 15 1_555 D DT 8  1_555 -0.335 0.078  3.025 -1.103  -6.971 36.804 0.967  0.388  2.970 -10.917 
1.727   37.452 12 AA_DC17DA18:DT5DG6_DD  A 17 ? D 6  ? A 18 ? D 5  ? 
1 A DA 15 1_555 D DT 8  1_555 A DG 16 1_555 D DC 7  1_555 0.037  -0.764 3.350 1.348   1.525  36.502 -1.433 0.131  3.315 2.432   
-2.151  36.557 13 AA_DA18DG19:DC4DT5_DD  A 18 ? D 5  ? A 19 ? D 4  ? 
1 A DG 16 1_555 D DC 7  1_555 A DT 17 1_555 D DA 6  1_555 -0.109 -0.048 3.295 1.394   -3.728 37.556 0.411  0.350  3.278 -5.771  
-2.158  37.758 14 AA_DG19DT20:DA3DC4_DD  A 19 ? D 4  ? A 20 ? D 3  ? 
1 A DT 17 1_555 D DA 6  1_555 A DA 18 1_555 D DT 5  1_555 -0.653 -0.333 3.429 -0.855  4.099  34.255 -1.225 0.963  3.382 6.926   
1.444   34.502 15 AA_DT20DA21:DT2DA3_DD  A 20 ? D 3  ? A 21 ? D 2  ? 
1 A DA 18 1_555 D DT 5  1_555 A DG 19 1_555 D DC 4  1_555 1.334  -0.347 3.349 -4.226  5.032  33.499 -1.382 -2.938 3.079 8.628   
7.245   34.119 16 AA_DA21DG22:DC1DT2_DD  A 21 ? D 2  ? A 22 ? D 1  ? 
1 A DG 19 1_555 D DC 4  1_555 A DC 20 1_555 D DG 3  1_555 -0.369 -0.184 3.044 -9.120  1.965  35.462 -0.548 -0.596 3.029 3.160   
14.662  36.630 17 AA_DG22DC23:DG0DC1_DD  A 22 ? D 1  ? A 23 ? D 0  ? 
1 A DC 20 1_555 D DG 3  1_555 A DA 21 1_555 D DT 2  1_555 0.999  -0.660 3.404 7.858   9.657  30.644 -2.882 -0.357 3.209 17.399  
-14.158 33.021 18 AA_DC23DA24:DT-1DG0_DD A 23 ? D 0  ? A 24 ? D -1 ? 
# 
loop_
_pdbx_audit_support.funding_organization 
_pdbx_audit_support.country 
_pdbx_audit_support.grant_number 
_pdbx_audit_support.ordinal 
'Office of Naval Research (ONR)'                   'United States' N000141912596 1 
'Department of Energy (DOE, United States)'        'United States' DE-SC0007991  2 
'National Science Foundation (NSF, United States)' 'United States' CCF-2106790   3 
'National Science Foundation (NSF, United States)' 'United States' GCR-2317843   4 
# 
_pdbx_initial_refinement_model.id               1 
_pdbx_initial_refinement_model.entity_id_list   ? 
_pdbx_initial_refinement_model.type             'experimental model' 
_pdbx_initial_refinement_model.source_name      PDB 
_pdbx_initial_refinement_model.accession_code   5W6W 
_pdbx_initial_refinement_model.details          'tensegrity triangle' 
# 
_space_group.name_H-M_alt     'H 3' 
_space_group.name_Hall        'H 3' 
_space_group.IT_number        146 
_space_group.crystal_system   trigonal 
_space_group.id               1 
# 
_atom_sites.entry_id                    9NDE 
_atom_sites.Cartn_transf_matrix[1][1]   ? 
_atom_sites.Cartn_transf_matrix[1][2]   ? 
_atom_sites.Cartn_transf_matrix[1][3]   ? 
_atom_sites.Cartn_transf_matrix[2][1]   ? 
_atom_sites.Cartn_transf_matrix[2][2]   ? 
_atom_sites.Cartn_transf_matrix[2][3]   ? 
_atom_sites.Cartn_transf_matrix[3][1]   ? 
_atom_sites.Cartn_transf_matrix[3][2]   ? 
_atom_sites.Cartn_transf_matrix[3][3]   ? 
_atom_sites.Cartn_transf_vector[1]      ? 
_atom_sites.Cartn_transf_vector[2]      ? 
_atom_sites.Cartn_transf_vector[3]      ? 
_atom_sites.Cartn_transform_axes        ? 
_atom_sites.fract_transf_matrix[1][1]   -0.00929967 
_atom_sites.fract_transf_matrix[1][2]   -0.00533198 
_atom_sites.fract_transf_matrix[1][3]   0.00185841 
_atom_sites.fract_transf_matrix[2][1]   -0.00373067 
_atom_sites.fract_transf_matrix[2][2]   -0.00714182 
_atom_sites.fract_transf_matrix[2][3]   -0.00731101 
_atom_sites.fract_transf_matrix[3][1]   0.00559343 
_atom_sites.fract_transf_matrix[3][2]   -0.00801991 
_atom_sites.fract_transf_matrix[3][3]   0.00498009 
_atom_sites.fract_transf_vector[1]      -0.180484 
_atom_sites.fract_transf_vector[2]      -0.078694 
_atom_sites.fract_transf_vector[3]      0.131246 
_atom_sites.solution_primary            ? 
_atom_sites.solution_secondary          ? 
_atom_sites.solution_hydrogens          ? 
_atom_sites.special_details             ? 
# 
loop_
_atom_type.symbol 
_atom_type.scat_dispersion_real 
_atom_type.scat_dispersion_imag 
_atom_type.scat_Cromer_Mann_a1 
_atom_type.scat_Cromer_Mann_a2 
_atom_type.scat_Cromer_Mann_a3 
_atom_type.scat_Cromer_Mann_a4 
_atom_type.scat_Cromer_Mann_b1 
_atom_type.scat_Cromer_Mann_b2 
_atom_type.scat_Cromer_Mann_b3 
_atom_type.scat_Cromer_Mann_b4 
_atom_type.scat_Cromer_Mann_c 
_atom_type.scat_source 
_atom_type.scat_dispersion_source 
C ? ? 5.96793  ? ? ? 14.89577 ? ? ? 0.0 
;1-Gaussian fit: Grosse-Kunstleve RW, Sauter NK, Adams PD: Newsletter of the IUCr Commission on Crystallographic Computing 2004, 3, 22-31.
;
? 
N ? ? 6.96715  ? ? ? 11.43723 ? ? ? 0.0 
;1-Gaussian fit: Grosse-Kunstleve RW, Sauter NK, Adams PD: Newsletter of the IUCr Commission on Crystallographic Computing 2004, 3, 22-31.
;
? 
O ? ? 7.96527  ? ? ? 9.05267  ? ? ? 0.0 
;1-Gaussian fit: Grosse-Kunstleve RW, Sauter NK, Adams PD: Newsletter of the IUCr Commission on Crystallographic Computing 2004, 3, 22-31.
;
? 
P ? ? 14.90797 ? ? ? 11.91318 ? ? ? 0.0 
;1-Gaussian fit: Grosse-Kunstleve RW, Sauter NK, Adams PD: Newsletter of the IUCr Commission on Crystallographic Computing 2004, 3, 22-31.
;
? 
# 
loop_
_atom_site.group_PDB 
_atom_site.id 
_atom_site.type_symbol 
_atom_site.label_atom_id 
_atom_site.label_alt_id 
_atom_site.label_comp_id 
_atom_site.label_asym_id 
_atom_site.label_entity_id 
_atom_site.label_seq_id 
_atom_site.pdbx_PDB_ins_code 
_atom_site.Cartn_x 
_atom_site.Cartn_y 
_atom_site.Cartn_z 
_atom_site.occupancy 
_atom_site.B_iso_or_equiv 
_atom_site.pdbx_formal_charge 
_atom_site.auth_seq_id 
_atom_site.auth_comp_id 
_atom_site.auth_asym_id 
_atom_site.auth_atom_id 
_atom_site.pdbx_PDB_model_num 
ATOM 1   P P     . DG A 1 1  ? -10.58162 -17.87421 -28.61504 1.000 403.67129 ? 4  DG A P     1 
ATOM 2   O OP1   . DG A 1 1  ? -10.41994 -17.87812 -30.08925 1.000 403.07356 ? 4  DG A OP1   1 
ATOM 3   O OP2   . DG A 1 1  ? -9.39687  -18.02268 -27.73045 1.000 348.80497 ? 4  DG A OP2   1 
ATOM 4   O "O5'" . DG A 1 1  ? -11.40644 -16.57260 -28.17757 1.000 383.60289 ? 4  DG A "O5'" 1 
ATOM 5   C "C5'" . DG A 1 1  ? -10.70965 -15.38364 -27.83381 1.000 376.80440 ? 4  DG A "C5'" 1 
ATOM 6   C "C4'" . DG A 1 1  ? -10.06591 -14.76599 -29.06555 1.000 379.25831 ? 4  DG A "C4'" 1 
ATOM 7   O "O4'" . DG A 1 1  ? -11.08033 -14.58750 -30.08901 1.000 327.08980 ? 4  DG A "O4'" 1 
ATOM 8   C "C3'" . DG A 1 1  ? -9.47257  -13.37841 -28.85395 1.000 391.51552 ? 4  DG A "C3'" 1 
ATOM 9   O "O3'" . DG A 1 1  ? -8.09442  -13.46574 -28.44216 1.000 398.86345 ? 4  DG A "O3'" 1 
ATOM 10  C "C2'" . DG A 1 1  ? -9.67093  -12.71567 -30.21304 1.000 381.42089 ? 4  DG A "C2'" 1 
ATOM 11  C "C1'" . DG A 1 1  ? -11.03654 -13.25896 -30.58592 1.000 348.47681 ? 4  DG A "C1'" 1 
ATOM 12  N N9    . DG A 1 1  ? -12.14725 -12.51556 -29.99511 1.000 248.94147 ? 4  DG A N9    1 
ATOM 13  C C8    . DG A 1 1  ? -13.08312 -12.99307 -29.11584 1.000 248.91634 ? 4  DG A C8    1 
ATOM 14  N N7    . DG A 1 1  ? -13.96846 -12.10638 -28.75991 1.000 248.84461 ? 4  DG A N7    1 
ATOM 15  C C5    . DG A 1 1  ? -13.59336 -10.96360 -29.44566 1.000 248.81921 ? 4  DG A C5    1 
ATOM 16  C C6    . DG A 1 1  ? -14.17272 -9.67351  -29.45753 1.000 248.76831 ? 4  DG A C6    1 
ATOM 17  O O6    . DG A 1 1  ? -15.17168 -9.27540  -28.83871 1.000 248.73592 ? 4  DG A O6    1 
ATOM 18  N N1    . DG A 1 1  ? -13.47631 -8.80372  -30.28983 1.000 248.77984 ? 4  DG A N1    1 
ATOM 19  C C2    . DG A 1 1  ? -12.35803 -9.13223  -31.02067 1.000 248.83278 ? 4  DG A C2    1 
ATOM 20  N N2    . DG A 1 1  ? -11.82614 -8.15046  -31.76661 1.000 248.85083 ? 4  DG A N2    1 
ATOM 21  N N3    . DG A 1 1  ? -11.80272 -10.33734 -31.02038 1.000 248.88625 ? 4  DG A N3    1 
ATOM 22  C C4    . DG A 1 1  ? -12.46902 -11.19603 -30.21486 1.000 248.87520 ? 4  DG A C4    1 
ATOM 23  P P     . DC A 1 2  ? -6.85841  -13.24290 -29.45220 1.000 409.04264 ? 5  DC A P     1 
ATOM 24  O OP1   . DC A 1 2  ? -7.07882  -13.93806 -30.74035 1.000 442.08694 ? 5  DC A OP1   1 
ATOM 25  O OP2   . DC A 1 2  ? -5.66169  -13.61077 -28.66652 1.000 386.76054 ? 5  DC A OP2   1 
ATOM 26  O "O5'" . DC A 1 2  ? -6.80506  -11.65819 -29.67205 1.000 358.93099 ? 5  DC A "O5'" 1 
ATOM 27  C "C5'" . DC A 1 2  ? -5.82650  -11.08878 -30.54182 1.000 358.70207 ? 5  DC A "C5'" 1 
ATOM 28  C "C4'" . DC A 1 2  ? -6.11453  -9.61835  -30.79221 1.000 367.66348 ? 5  DC A "C4'" 1 
ATOM 29  O "O4'" . DC A 1 2  ? -7.53700  -9.36927  -30.61242 1.000 360.55013 ? 5  DC A "O4'" 1 
ATOM 30  C "C3'" . DC A 1 2  ? -5.41376  -8.65412  -29.83991 1.000 391.13318 ? 5  DC A "C3'" 1 
ATOM 31  O "O3'" . DC A 1 2  ? -5.16889  -7.41760  -30.49886 1.000 411.08978 ? 5  DC A "O3'" 1 
ATOM 32  C "C2'" . DC A 1 2  ? -6.45328  -8.49209  -28.74424 1.000 386.30538 ? 5  DC A "C2'" 1 
ATOM 33  C "C1'" . DC A 1 2  ? -7.71645  -8.41838  -29.58509 1.000 392.77970 ? 5  DC A "C1'" 1 
ATOM 34  N N1    . DC A 1 2  ? -8.95823  -8.74602  -28.83056 1.000 252.09388 ? 5  DC A N1    1 
ATOM 35  C C2    . DC A 1 2  ? -9.92561  -7.75705  -28.63319 1.000 252.09533 ? 5  DC A C2    1 
ATOM 36  O O2    . DC A 1 2  ? -9.73414  -6.62631  -29.10140 1.000 252.08966 ? 5  DC A O2    1 
ATOM 37  N N3    . DC A 1 2  ? -11.04811 -8.06562  -27.93276 1.000 252.12346 ? 5  DC A N3    1 
ATOM 38  C C4    . DC A 1 2  ? -11.21947 -9.29551  -27.45079 1.000 252.14914 ? 5  DC A C4    1 
ATOM 39  N N4    . DC A 1 2  ? -12.34466 -9.55113  -26.77060 1.000 252.19429 ? 5  DC A N4    1 
ATOM 40  C C5    . DC A 1 2  ? -10.24307 -10.31642 -27.64288 1.000 252.15083 ? 5  DC A C5    1 
ATOM 41  C C6    . DC A 1 2  ? -9.13734  -9.99871  -28.32921 1.000 252.12263 ? 5  DC A C6    1 
ATOM 42  P P     . DA A 1 3  ? -4.43933  -6.21747  -29.71952 1.000 377.94210 ? 6  DA A P     1 
ATOM 43  O OP1   . DA A 1 3  ? -3.67047  -5.45956  -30.72930 1.000 363.38086 ? 6  DA A OP1   1 
ATOM 44  O OP2   . DA A 1 3  ? -3.74590  -6.80271  -28.54940 1.000 317.73194 ? 6  DA A OP2   1 
ATOM 45  O "O5'" . DA A 1 3  ? -5.64197  -5.29466  -29.20123 1.000 352.17449 ? 6  DA A "O5'" 1 
ATOM 46  C "C5'" . DA A 1 3  ? -6.33727  -4.44508  -30.11328 1.000 313.44842 ? 6  DA A "C5'" 1 
ATOM 47  C "C4'" . DA A 1 3  ? -6.83403  -3.19504  -29.40686 1.000 344.00535 ? 6  DA A "C4'" 1 
ATOM 48  O "O4'" . DA A 1 3  ? -8.17337  -3.42468  -28.87974 1.000 362.75887 ? 6  DA A "O4'" 1 
ATOM 49  C "C3'" . DA A 1 3  ? -5.97902  -2.76246  -28.21979 1.000 369.00797 ? 6  DA A "C3'" 1 
ATOM 50  O "O3'" . DA A 1 3  ? -5.84159  -1.35208  -28.18704 1.000 377.81644 ? 6  DA A "O3'" 1 
ATOM 51  C "C2'" . DA A 1 3  ? -6.76470  -3.27681  -27.01739 1.000 334.56371 ? 6  DA A "C2'" 1 
ATOM 52  C "C1'" . DA A 1 3  ? -8.20136  -3.14203  -27.49262 1.000 357.52318 ? 6  DA A "C1'" 1 
ATOM 53  N N9    . DA A 1 3  ? -9.09714  -4.09702  -26.83801 1.000 210.59061 ? 6  DA A N9    1 
ATOM 54  C C8    . DA A 1 3  ? -8.87827  -5.43206  -26.68344 1.000 210.60572 ? 6  DA A C8    1 
ATOM 55  N N7    . DA A 1 3  ? -9.83948  -6.06367  -26.05602 1.000 210.64873 ? 6  DA A N7    1 
ATOM 56  C C5    . DA A 1 3  ? -10.75253 -5.07427  -25.76092 1.000 210.65486 ? 6  DA A C5    1 
ATOM 57  C C6    . DA A 1 3  ? -11.99080 -5.10353  -25.09645 1.000 210.70929 ? 6  DA A C6    1 
ATOM 58  N N6    . DA A 1 3  ? -12.53089 -6.22298  -24.59704 1.000 210.76532 ? 6  DA A N6    1 
ATOM 59  N N1    . DA A 1 3  ? -12.65670 -3.93653  -24.97057 1.000 210.72891 ? 6  DA A N1    1 
ATOM 60  C C2    . DA A 1 3  ? -12.10583 -2.82355  -25.47705 1.000 210.69521 ? 6  DA A C2    1 
ATOM 61  N N3    . DA A 1 3  ? -10.94854 -2.67409  -26.12205 1.000 210.64209 ? 6  DA A N3    1 
ATOM 62  C C4    . DA A 1 3  ? -10.31268 -3.84713  -26.23284 1.000 210.62153 ? 6  DA A C4    1 
ATOM 63  P P     . DC A 1 4  ? -5.09673  -0.65466  -26.94522 1.000 263.37323 ? 7  DC A P     1 
ATOM 64  O OP1   . DC A 1 4  ? -4.47668  0.59495   -27.43646 1.000 248.57507 ? 7  DC A OP1   1 
ATOM 65  O OP2   . DC A 1 4  ? -4.25303  -1.67661  -26.28586 1.000 244.70420 ? 7  DC A OP2   1 
ATOM 66  O "O5'" . DC A 1 4  ? -6.28708  -0.29406  -25.94223 1.000 234.32322 ? 7  DC A "O5'" 1 
ATOM 67  C "C5'" . DC A 1 4  ? -7.37537  0.48491   -26.39781 1.000 228.08132 ? 7  DC A "C5'" 1 
ATOM 68  C "C4'" . DC A 1 4  ? -8.43474  0.61580   -25.32161 1.000 223.07016 ? 7  DC A "C4'" 1 
ATOM 69  O "O4'" . DC A 1 4  ? -9.04376  -0.67688  -25.05240 1.000 225.78177 ? 7  DC A "O4'" 1 
ATOM 70  C "C3'" . DC A 1 4  ? -7.93131  1.13024   -23.96526 1.000 227.60848 ? 7  DC A "C3'" 1 
ATOM 71  O "O3'" . DC A 1 4  ? -8.78480  2.15395   -23.51767 1.000 237.34319 ? 7  DC A "O3'" 1 
ATOM 72  C "C2'" . DC A 1 4  ? -8.03975  -0.10085  -23.06404 1.000 214.49919 ? 7  DC A "C2'" 1 
ATOM 73  C "C1'" . DC A 1 4  ? -9.26095  -0.75483  -23.66874 1.000 222.50750 ? 7  DC A "C1'" 1 
ATOM 74  N N1    . DC A 1 4  ? -9.48677  -2.17620  -23.25270 1.000 211.82363 ? 7  DC A N1    1 
ATOM 75  C C2    . DC A 1 4  ? -10.67821 -2.49694  -22.60537 1.000 196.18925 ? 7  DC A C2    1 
ATOM 76  O O2    . DC A 1 4  ? -11.50191 -1.59369  -22.40926 1.000 176.00730 ? 7  DC A O2    1 
ATOM 77  N N3    . DC A 1 4  ? -10.89481 -3.77344  -22.21433 1.000 203.42657 ? 7  DC A N3    1 
ATOM 78  C C4    . DC A 1 4  ? -9.97181  -4.70947  -22.45190 1.000 213.78616 ? 7  DC A C4    1 
ATOM 79  N N4    . DC A 1 4  ? -10.23637 -5.95837  -22.05253 1.000 256.24313 ? 7  DC A N4    1 
ATOM 80  C C5    . DC A 1 4  ? -8.74322  -4.40357  -23.11351 1.000 203.31034 ? 7  DC A C5    1 
ATOM 81  C C6    . DC A 1 4  ? -8.54206  -3.13273  -23.49016 1.000 217.11765 ? 7  DC A C6    1 
ATOM 82  P P     . DC A 1 5  ? -8.19643  3.39759   -22.69590 1.000 251.47827 ? 8  DC A P     1 
ATOM 83  O OP1   . DC A 1 5  ? -7.78511  4.42395   -23.67785 1.000 241.11389 ? 8  DC A OP1   1 
ATOM 84  O OP2   . DC A 1 5  ? -7.22068  2.87314   -21.71370 1.000 247.92651 ? 8  DC A OP2   1 
ATOM 85  O "O5'" . DC A 1 5  ? -9.45463  3.92106   -21.86818 1.000 191.59083 ? 8  DC A "O5'" 1 
ATOM 86  C "C5'" . DC A 1 5  ? -9.74062  3.35060   -20.60964 1.000 187.89967 ? 8  DC A "C5'" 1 
ATOM 87  C "C4'" . DC A 1 5  ? -11.23322 3.30511   -20.36652 1.000 189.48748 ? 8  DC A "C4'" 1 
ATOM 88  O "O4'" . DC A 1 5  ? -11.77549 2.06598   -20.88426 1.000 204.82011 ? 8  DC A "O4'" 1 
ATOM 89  C "C3'" . DC A 1 5  ? -11.63119 3.40681   -18.90078 1.000 210.85786 ? 8  DC A "C3'" 1 
ATOM 90  O "O3'" . DC A 1 5  ? -12.26237 4.67691   -18.68755 1.000 232.62480 ? 8  DC A "O3'" 1 
ATOM 91  C "C2'" . DC A 1 5  ? -12.58296 2.22677   -18.65421 1.000 203.54348 ? 8  DC A "C2'" 1 
ATOM 92  C "C1'" . DC A 1 5  ? -12.38867 1.31577   -19.85905 1.000 225.97606 ? 8  DC A "C1'" 1 
ATOM 93  N N1    . DC A 1 5  ? -11.57471 0.05485   -19.62680 1.000 213.80632 ? 8  DC A N1    1 
ATOM 94  C C2    . DC A 1 5  ? -12.12377 -1.03313  -18.91515 1.000 198.78247 ? 8  DC A C2    1 
ATOM 95  O O2    . DC A 1 5  ? -13.25515 -0.94341  -18.42184 1.000 210.28075 ? 8  DC A O2    1 
ATOM 96  N N3    . DC A 1 5  ? -11.37797 -2.15966  -18.76845 1.000 187.78585 ? 8  DC A N3    1 
ATOM 97  C C4    . DC A 1 5  ? -10.16018 -2.23532  -19.30570 1.000 187.67960 ? 8  DC A C4    1 
ATOM 98  N N4    . DC A 1 5  ? -9.47268  -3.36857  -19.13284 1.000 196.29277 ? 8  DC A N4    1 
ATOM 99  C C5    . DC A 1 5  ? -9.59096  -1.15194  -20.03662 1.000 187.73323 ? 8  DC A C5    1 
ATOM 100 C C6    . DC A 1 5  ? -10.32907 -0.04651  -20.18307 1.000 187.90139 ? 8  DC A C6    1 
ATOM 101 P P     . DT A 1 6  ? -13.27578 4.92027   -17.46499 1.000 237.00714 ? 9  DT A P     1 
ATOM 102 O OP1   . DT A 1 6  ? -14.58516 4.34918   -17.86522 1.000 213.01974 ? 9  DT A OP1   1 
ATOM 103 O OP2   . DT A 1 6  ? -13.20530 6.36087   -17.13049 1.000 258.83075 ? 9  DT A OP2   1 
ATOM 104 O "O5'" . DT A 1 6  ? -12.61915 4.10962   -16.24707 1.000 218.57721 ? 9  DT A "O5'" 1 
ATOM 105 C "C5'" . DT A 1 6  ? -13.10677 4.28112   -14.92157 1.000 217.51710 ? 9  DT A "C5'" 1 
ATOM 106 C "C4'" . DT A 1 6  ? -14.56218 3.86405   -14.82541 1.000 203.02491 ? 9  DT A "C4'" 1 
ATOM 107 O "O4'" . DT A 1 6  ? -14.78540 2.66172   -15.59924 1.000 220.47722 ? 9  DT A "O4'" 1 
ATOM 108 C "C3'" . DT A 1 6  ? -15.06265 3.58863   -13.41722 1.000 200.31303 ? 9  DT A "C3'" 1 
ATOM 109 O "O3'" . DT A 1 6  ? -16.30949 4.24611   -13.21730 1.000 199.48980 ? 9  DT A "O3'" 1 
ATOM 110 C "C2'" . DT A 1 6  ? -15.19822 2.06021   -13.32675 1.000 192.66468 ? 9  DT A "C2'" 1 
ATOM 111 C "C1'" . DT A 1 6  ? -14.99033 1.54930   -14.75532 1.000 198.15449 ? 9  DT A "C1'" 1 
ATOM 112 N N1    . DT A 1 6  ? -13.81871 0.60813   -14.90078 1.000 190.32824 ? 9  DT A N1    1 
ATOM 113 C C2    . DT A 1 6  ? -13.90050 -0.67633  -14.39881 1.000 187.47812 ? 9  DT A C2    1 
ATOM 114 O O2    . DT A 1 6  ? -14.88522 -1.11293  -13.82500 1.000 228.34246 ? 9  DT A O2    1 
ATOM 115 N N3    . DT A 1 6  ? -12.76610 -1.43542  -14.59428 1.000 172.09351 ? 9  DT A N3    1 
ATOM 116 C C4    . DT A 1 6  ? -11.59984 -1.05719  -15.22722 1.000 171.81606 ? 9  DT A C4    1 
ATOM 117 O O4    . DT A 1 6  ? -10.63680 -1.81115  -15.35681 1.000 172.55616 ? 9  DT A O4    1 
ATOM 118 C C5    . DT A 1 6  ? -11.58592 0.28971   -15.72599 1.000 174.13845 ? 9  DT A C5    1 
ATOM 119 C C7    . DT A 1 6  ? -10.36857 0.81127   -16.42557 1.000 178.28283 ? 9  DT A C7    1 
ATOM 120 C C6    . DT A 1 6  ? -12.67944 1.04587   -15.54178 1.000 196.86322 ? 9  DT A C6    1 
ATOM 121 P P     . DG A 1 7  ? -16.89373 4.46038   -11.73503 1.000 206.55313 ? 10 DG A P     1 
ATOM 122 O OP1   . DG A 1 7  ? -17.96683 3.45265   -11.55876 1.000 168.87218 ? 10 DG A OP1   1 
ATOM 123 O OP2   . DG A 1 7  ? -17.19684 5.89875   -11.55423 1.000 310.35146 ? 10 DG A OP2   1 
ATOM 124 O "O5'" . DG A 1 7  ? -15.65261 4.14483   -10.77380 1.000 170.07851 ? 10 DG A "O5'" 1 
ATOM 125 C "C5'" . DG A 1 7  ? -15.87606 3.85794   -9.39558  1.000 189.53507 ? 10 DG A "C5'" 1 
ATOM 126 C "C4'" . DG A 1 7  ? -16.28361 2.41063   -9.23362  1.000 164.34339 ? 10 DG A "C4'" 1 
ATOM 127 O "O4'" . DG A 1 7  ? -15.60729 1.64758   -10.24331 1.000 165.68922 ? 10 DG A "O4'" 1 
ATOM 128 C "C3'" . DG A 1 7  ? -15.94401 1.78754   -7.88481  1.000 163.73606 ? 10 DG A "C3'" 1 
ATOM 129 O "O3'" . DG A 1 7  ? -17.13584 1.52506   -7.16723  1.000 186.58214 ? 10 DG A "O3'" 1 
ATOM 130 C "C2'" . DG A 1 7  ? -15.21465 0.48381   -8.21263  1.000 165.06208 ? 10 DG A "C2'" 1 
ATOM 131 C "C1'" . DG A 1 7  ? -15.14490 0.43284   -9.73050  1.000 166.37346 ? 10 DG A "C1'" 1 
ATOM 132 N N9    . DG A 1 7  ? -13.80147 0.19631   -10.25569 1.000 166.50236 ? 10 DG A N9    1 
ATOM 133 C C8    . DG A 1 7  ? -13.02849 1.06208   -10.99582 1.000 165.85835 ? 10 DG A C8    1 
ATOM 134 N N7    . DG A 1 7  ? -11.87513 0.55978   -11.34367 1.000 166.30262 ? 10 DG A N7    1 
ATOM 135 C C5    . DG A 1 7  ? -11.88548 -0.71938  -10.79870 1.000 167.29499 ? 10 DG A C5    1 
ATOM 136 C C6    . DG A 1 7  ? -10.90710 -1.74138  -10.84255 1.000 168.20757 ? 10 DG A C6    1 
ATOM 137 O O6    . DG A 1 7  ? -9.79426  -1.71919  -11.39045 1.000 168.34991 ? 10 DG A O6    1 
ATOM 138 N N1    . DG A 1 7  ? -11.32523 -2.88264  -10.15702 1.000 169.07973 ? 10 DG A N1    1 
ATOM 139 C C2    . DG A 1 7  ? -12.53603 -3.01805  -9.51649  1.000 169.08177 ? 10 DG A C2    1 
ATOM 140 N N2    . DG A 1 7  ? -12.76574 -4.18943  -8.90467  1.000 170.01774 ? 10 DG A N2    1 
ATOM 141 N N3    . DG A 1 7  ? -13.45733 -2.06958  -9.47003  1.000 168.27521 ? 10 DG A N3    1 
ATOM 142 C C4    . DG A 1 7  ? -13.06764 -0.95364  -10.12867 1.000 167.40877 ? 10 DG A C4    1 
ATOM 143 P P     . DT A 1 8  ? -17.55864 2.45257   -5.92688  1.000 189.49033 ? 11 DT A P     1 
ATOM 144 O OP1   . DT A 1 8  ? -18.86022 3.06848   -6.26851  1.000 212.65776 ? 11 DT A OP1   1 
ATOM 145 O OP2   . DT A 1 8  ? -16.41207 3.31829   -5.57102  1.000 160.62635 ? 11 DT A OP2   1 
ATOM 146 O "O5'" . DT A 1 8  ? -17.75317 1.41550   -4.72663  1.000 258.14210 ? 11 DT A "O5'" 1 
ATOM 147 C "C5'" . DT A 1 8  ? -16.74038 1.28215   -3.74615  1.000 243.20045 ? 11 DT A "C5'" 1 
ATOM 148 C "C4'" . DT A 1 8  ? -16.15912 -0.12035  -3.73706  1.000 206.00405 ? 11 DT A "C4'" 1 
ATOM 149 O "O4'" . DT A 1 8  ? -15.32277 -0.32228  -4.92709  1.000 163.36695 ? 11 DT A "O4'" 1 
ATOM 150 C "C3'" . DT A 1 8  ? -15.24032 -0.39954  -2.54014  1.000 162.35512 ? 11 DT A "C3'" 1 
ATOM 151 O "O3'" . DT A 1 8  ? -15.39010 -1.76059  -2.07041  1.000 167.53640 ? 11 DT A "O3'" 1 
ATOM 152 C "C2'" . DT A 1 8  ? -13.86406 -0.17173  -3.14934  1.000 163.49526 ? 11 DT A "C2'" 1 
ATOM 153 C "C1'" . DT A 1 8  ? -14.08459 -0.83384  -4.48986  1.000 178.11433 ? 11 DT A "C1'" 1 
ATOM 154 N N1    . DT A 1 8  ? -12.99226 -0.58719  -5.48307  1.000 179.90550 ? 11 DT A N1    1 
ATOM 155 C C2    . DT A 1 8  ? -12.07710 -1.58922  -5.71649  1.000 164.07522 ? 11 DT A C2    1 
ATOM 156 O O2    . DT A 1 8  ? -12.12727 -2.67610  -5.16976  1.000 216.13862 ? 11 DT A O2    1 
ATOM 157 N N3    . DT A 1 8  ? -11.10055 -1.27928  -6.62601  1.000 164.14104 ? 11 DT A N3    1 
ATOM 158 C C4    . DT A 1 8  ? -10.94359 -0.08872  -7.30667  1.000 163.32329 ? 11 DT A C4    1 
ATOM 159 O O4    . DT A 1 8  ? -10.03044 0.09451   -8.10870  1.000 163.50253 ? 11 DT A O4    1 
ATOM 160 C C5    . DT A 1 8  ? -11.93057 0.92513   -7.00774  1.000 162.30695 ? 11 DT A C5    1 
ATOM 161 C C7    . DT A 1 8  ? -11.86553 2.26020   -7.68494  1.000 161.39585 ? 11 DT A C7    1 
ATOM 162 C C6    . DT A 1 8  ? -12.88411 0.63560   -6.10393  1.000 163.57585 ? 11 DT A C6    1 
ATOM 163 P P     . DA A 1 9  ? -14.08843 -2.55531  -1.55198  1.000 168.47033 ? 12 DA A P     1 
ATOM 164 O OP1   . DA A 1 9  ? -13.35275 -1.67175  -0.61547  1.000 165.49634 ? 12 DA A OP1   1 
ATOM 165 O OP2   . DA A 1 9  ? -13.45755 -3.19006  -2.73241  1.000 238.07816 ? 12 DA A OP2   1 
ATOM 166 O "O5'" . DA A 1 9  ? -14.61172 -3.76687  -0.65791  1.000 257.87061 ? 12 DA A "O5'" 1 
ATOM 167 C "C5'" . DA A 1 9  ? -13.91792 -4.08544  0.56800   1.000 193.37358 ? 12 DA A "C5'" 1 
ATOM 168 C "C4'" . DA A 1 9  ? -12.54073 -4.72972  0.33122   1.000 178.20696 ? 12 DA A "C4'" 1 
ATOM 169 O "O4'" . DA A 1 9  ? -11.98868 -4.34582  -0.94894  1.000 163.49930 ? 12 DA A "O4'" 1 
ATOM 170 C "C3'" . DA A 1 9  ? -11.48435 -4.37860  1.37684   1.000 161.80574 ? 12 DA A "C3'" 1 
ATOM 171 O "O3'" . DA A 1 9  ? -11.26475 -5.49163  2.26940   1.000 163.34783 ? 12 DA A "O3'" 1 
ATOM 172 C "C2'" . DA A 1 9  ? -10.22083 -3.99303  0.58469   1.000 161.59531 ? 12 DA A "C2'" 1 
ATOM 173 C "C1'" . DA A 1 9  ? -10.58419 -4.23078  -0.88148  1.000 162.93340 ? 12 DA A "C1'" 1 
ATOM 174 N N9    . DA A 1 9  ? -10.17839 -3.13314  -1.77808  1.000 168.81092 ? 12 DA A N9    1 
ATOM 175 C C8    . DA A 1 9  ? -10.85326 -1.96272  -1.98411  1.000 197.47464 ? 12 DA A C8    1 
ATOM 176 N N7    . DA A 1 9  ? -10.28503 -1.15613  -2.84429  1.000 160.95199 ? 12 DA A N7    1 
ATOM 177 C C5    . DA A 1 9  ? -9.15124  -1.83800  -3.24259  1.000 161.68858 ? 12 DA A C5    1 
ATOM 178 C C6    . DA A 1 9  ? -8.12307  -1.50613  -4.14674  1.000 161.77818 ? 12 DA A C6    1 
ATOM 179 N N6    . DA A 1 9  ? -8.09271  -0.35610  -4.82542  1.000 161.03335 ? 12 DA A N6    1 
ATOM 180 N N1    . DA A 1 9  ? -7.12671  -2.40122  -4.32517  1.000 162.71958 ? 12 DA A N1    1 
ATOM 181 C C2    . DA A 1 9  ? -7.16783  -3.55488  -3.63571  1.000 187.33730 ? 12 DA A C2    1 
ATOM 182 N N3    . DA A 1 9  ? -8.08575  -3.97934  -2.75412  1.000 209.70652 ? 12 DA A N3    1 
ATOM 183 C C4    . DA A 1 9  ? -9.06210  -3.06454  -2.60148  1.000 186.22809 ? 12 DA A C4    1 
ATOM 184 P P     . DC A 1 10 ? -10.55306 -6.85453  1.78116   1.000 197.67151 ? 13 DC A P     1 
ATOM 185 O OP1   . DC A 1 10 ? -11.01412 -7.26340  0.43647   1.000 209.52742 ? 13 DC A OP1   1 
ATOM 186 O OP2   . DC A 1 10 ? -10.69906 -7.81166  2.89819   1.000 198.21168 ? 13 DC A OP2   1 
ATOM 187 O "O5'" . DC A 1 10 ? -9.00506  -6.47893  1.69471   1.000 198.87143 ? 13 DC A "O5'" 1 
ATOM 188 C "C5'" . DC A 1 10 ? -8.21731  -6.95936  0.61235   1.000 174.28256 ? 13 DC A "C5'" 1 
ATOM 189 C "C4'" . DC A 1 10 ? -6.75711  -6.62915  0.83963   1.000 164.35539 ? 13 DC A "C4'" 1 
ATOM 190 O "O4'" . DC A 1 10 ? -6.37040  -5.50252  0.01263   1.000 197.54114 ? 13 DC A "O4'" 1 
ATOM 191 C "C3'" . DC A 1 10 ? -6.41568  -6.24745  2.27853   1.000 162.29955 ? 13 DC A "C3'" 1 
ATOM 192 O "O3'" . DC A 1 10 ? -5.19374  -6.86497  2.66547   1.000 164.10193 ? 13 DC A "O3'" 1 
ATOM 193 C "C2'" . DC A 1 10 ? -6.30251  -4.72278  2.22040   1.000 184.42754 ? 13 DC A "C2'" 1 
ATOM 194 C "C1'" . DC A 1 10 ? -5.76867  -4.50843  0.81208   1.000 172.64897 ? 13 DC A "C1'" 1 
ATOM 195 N N1    . DC A 1 10 ? -6.11173  -3.17711  0.23278   1.000 160.87878 ? 13 DC A N1    1 
ATOM 196 C C2    . DC A 1 10 ? -5.25087  -2.58830  -0.69827  1.000 160.96318 ? 13 DC A C2    1 
ATOM 197 O O2    . DC A 1 10 ? -4.21626  -3.18450  -1.01565  1.000 196.19622 ? 13 DC A O2    1 
ATOM 198 N N3    . DC A 1 10 ? -5.57572  -1.37808  -1.22444  1.000 172.29455 ? 13 DC A N3    1 
ATOM 199 C C4    . DC A 1 10 ? -6.70684  -0.77044  -0.85397  1.000 192.63805 ? 13 DC A C4    1 
ATOM 200 N N4    . DC A 1 10 ? -6.98561  0.42190   -1.39782  1.000 261.34624 ? 13 DC A N4    1 
ATOM 201 C C5    . DC A 1 10 ? -7.59600  -1.35616  0.09754   1.000 158.72349 ? 13 DC A C5    1 
ATOM 202 C C6    . DC A 1 10 ? -7.25978  -2.54735  0.60994   1.000 159.53934 ? 13 DC A C6    1 
ATOM 203 P P     . DG A 1 11 ? -5.18641  -8.38506  3.19636   1.000 185.50209 ? 14 DG A P     1 
ATOM 204 O OP1   . DG A 1 11 ? -6.39488  -9.08053  2.69727   1.000 195.29953 ? 14 DG A OP1   1 
ATOM 205 O OP2   . DG A 1 11 ? -4.93054  -8.33062  4.65255   1.000 195.60429 ? 14 DG A OP2   1 
ATOM 206 O "O5'" . DG A 1 11 ? -3.89010  -9.02096  2.50715   1.000 203.79657 ? 14 DG A "O5'" 1 
ATOM 207 C "C5'" . DG A 1 11 ? -2.61837  -8.84361  3.11395   1.000 228.90601 ? 14 DG A "C5'" 1 
ATOM 208 C "C4'" . DG A 1 11 ? -1.51173  -8.76074  2.07591   1.000 216.85404 ? 14 DG A "C4'" 1 
ATOM 209 O "O4'" . DG A 1 11 ? -1.65697  -7.54648  1.29485   1.000 193.95609 ? 14 DG A "O4'" 1 
ATOM 210 C "C3'" . DG A 1 11 ? -0.12347  -8.65237  2.65806   1.000 169.72349 ? 14 DG A "C3'" 1 
ATOM 211 O "O3'" . DG A 1 11 ? 0.84025   -9.01688  1.66984   1.000 173.38102 ? 14 DG A "O3'" 1 
ATOM 212 C "C2'" . DG A 1 11 ? -0.06032  -7.16449  3.00007   1.000 180.83988 ? 14 DG A "C2'" 1 
ATOM 213 C "C1'" . DG A 1 11 ? -0.81735  -6.52861  1.82884   1.000 168.47793 ? 14 DG A "C1'" 1 
ATOM 214 N N9    . DG A 1 11 ? -1.67972  -5.40744  2.21366   1.000 169.23454 ? 14 DG A N9    1 
ATOM 215 C C8    . DG A 1 11 ? -2.65661  -5.42715  3.18045   1.000 188.77769 ? 14 DG A C8    1 
ATOM 216 N N7    . DG A 1 11 ? -3.30009  -4.30251  3.30225   1.000 187.89425 ? 14 DG A N7    1 
ATOM 217 C C5    . DG A 1 11 ? -2.72653  -3.47364  2.35049   1.000 159.87059 ? 14 DG A C5    1 
ATOM 218 C C6    . DG A 1 11 ? -3.02398  -2.12834  2.02786   1.000 158.68273 ? 14 DG A C6    1 
ATOM 219 O O6    . DG A 1 11 ? -3.87946  -1.38597  2.53417   1.000 157.65780 ? 14 DG A O6    1 
ATOM 220 N N1    . DG A 1 11 ? -2.21453  -1.65172  1.00489   1.000 158.82072 ? 14 DG A N1    1 
ATOM 221 C C2    . DG A 1 11 ? -1.23500  -2.37737  0.36280   1.000 160.00559 ? 14 DG A C2    1 
ATOM 222 N N2    . DG A 1 11 ? -0.56246  -1.72537  -0.60264  1.000 178.62681 ? 14 DG A N2    1 
ATOM 223 N N3    . DG A 1 11 ? -0.93692  -3.65132  0.65250   1.000 169.34432 ? 14 DG A N3    1 
ATOM 224 C C4    . DG A 1 11 ? -1.72532  -4.13406  1.65835   1.000 161.01928 ? 14 DG A C4    1 
ATOM 225 P P     . DG A 1 12 ? 2.40572   -8.74683  1.91488   1.000 208.68585 ? 15 DG A P     1 
ATOM 226 O OP1   . DG A 1 12 ? 3.16958   -9.70004  1.07632   1.000 229.24052 ? 15 DG A OP1   1 
ATOM 227 O OP2   . DG A 1 12 ? 2.64194   -8.70642  3.37561   1.000 208.27296 ? 15 DG A OP2   1 
ATOM 228 O "O5'" . DG A 1 12 ? 2.63353   -7.27518  1.33079   1.000 183.33698 ? 15 DG A "O5'" 1 
ATOM 229 C "C5'" . DG A 1 12 ? 2.92930   -7.09040  -0.05129  1.000 210.80290 ? 15 DG A "C5'" 1 
ATOM 230 C "C4'" . DG A 1 12 ? 3.96092   -5.99104  -0.22847  1.000 217.14507 ? 15 DG A "C4'" 1 
ATOM 231 O "O4'" . DG A 1 12 ? 3.34182   -4.71685  0.06193   1.000 187.91990 ? 15 DG A "O4'" 1 
ATOM 232 C "C3'" . DG A 1 12 ? 5.18335   -6.11944  0.68217   1.000 222.91866 ? 15 DG A "C3'" 1 
ATOM 233 O "O3'" . DG A 1 12 ? 6.44645   -6.09485  -0.06088  1.000 210.55331 ? 15 DG A "O3'" 1 
ATOM 234 C "C2'" . DG A 1 12 ? 5.07002   -4.98384  1.70253   1.000 240.79002 ? 15 DG A "C2'" 1 
ATOM 235 C "C1'" . DG A 1 12 ? 3.88235   -4.13687  1.23073   1.000 193.00741 ? 15 DG A "C1'" 1 
ATOM 236 N N9    . DG A 1 12 ? 2.82893   -4.01642  2.24119   1.000 186.18075 ? 15 DG A N9    1 
ATOM 237 C C8    . DG A 1 12 ? 2.42880   -4.98683  3.12477   1.000 197.86653 ? 15 DG A C8    1 
ATOM 238 N N7    . DG A 1 12 ? 1.47350   -4.60657  3.92404   1.000 193.64906 ? 15 DG A N7    1 
ATOM 239 C C5    . DG A 1 12 ? 1.22260   -3.29465  3.55707   1.000 177.52761 ? 15 DG A C5    1 
ATOM 240 C C6    . DG A 1 12 ? 0.28760   -2.37163  4.07879   1.000 176.18407 ? 15 DG A C6    1 
ATOM 241 O O6    . DG A 1 12 ? -0.52962  -2.54069  4.99347   1.000 232.34265 ? 15 DG A O6    1 
ATOM 242 N N1    . DG A 1 12 ? 0.35786   -1.14408  3.42872   1.000 175.33246 ? 15 DG A N1    1 
ATOM 243 C C2    . DG A 1 12 ? 1.22430   -0.84273  2.39967   1.000 175.70955 ? 15 DG A C2    1 
ATOM 244 N N2    . DG A 1 12 ? 1.14489   0.40142   1.89817   1.000 182.18175 ? 15 DG A N2    1 
ATOM 245 N N3    . DG A 1 12 ? 2.10944   -1.70267  1.89732   1.000 176.99373 ? 15 DG A N3    1 
ATOM 246 C C4    . DG A 1 12 ? 2.05191   -2.90742  2.52345   1.000 177.85473 ? 15 DG A C4    1 
ATOM 247 P P     . DA A 1 13 ? 6.80170   -4.97739  -1.17256  1.000 216.17106 ? 16 DA A P     1 
ATOM 248 O OP1   . DA A 1 13 ? 6.00549   -5.21743  -2.39838  1.000 217.05500 ? 16 DA A OP1   1 
ATOM 249 O OP2   . DA A 1 13 ? 8.27800   -4.97021  -1.28242  1.000 225.61916 ? 16 DA A OP2   1 
ATOM 250 O "O5'" . DA A 1 13 ? 6.40534   -3.57649  -0.50960  1.000 241.36241 ? 16 DA A "O5'" 1 
ATOM 251 C "C5'" . DA A 1 13 ? 6.04427   -2.47997  -1.33858  1.000 229.30920 ? 16 DA A "C5'" 1 
ATOM 252 C "C4'" . DA A 1 13 ? 6.17844   -1.16214  -0.59611  1.000 246.92885 ? 16 DA A "C4'" 1 
ATOM 253 O "O4'" . DA A 1 13 ? 5.23751   -1.11273  0.49775   1.000 225.59510 ? 16 DA A "O4'" 1 
ATOM 254 C "C3'" . DA A 1 13 ? 7.55882   -0.88624  0.00223   1.000 236.84654 ? 16 DA A "C3'" 1 
ATOM 255 O "O3'" . DA A 1 13 ? 8.07272   0.31226   -0.56733  1.000 243.04482 ? 16 DA A "O3'" 1 
ATOM 256 C "C2'" . DA A 1 13 ? 7.30490   -0.75808  1.51840   1.000 204.18029 ? 16 DA A "C2'" 1 
ATOM 257 C "C1'" . DA A 1 13 ? 5.81958   -0.43488  1.58289   1.000 218.70859 ? 16 DA A "C1'" 1 
ATOM 258 N N9    . DA A 1 13 ? 5.15023   -0.89969  2.79923   1.000 228.88348 ? 16 DA A N9    1 
ATOM 259 C C8    . DA A 1 13 ? 5.20887   -2.15050  3.34695   1.000 236.00584 ? 16 DA A C8    1 
ATOM 260 N N7    . DA A 1 13 ? 4.47269   -2.29915  4.42306   1.000 176.49706 ? 16 DA A N7    1 
ATOM 261 C C5    . DA A 1 13 ? 3.88995   -1.05678  4.59723   1.000 190.91445 ? 16 DA A C5    1 
ATOM 262 C C6    . DA A 1 13 ? 3.00499   -0.55432  5.56925   1.000 210.15084 ? 16 DA A C6    1 
ATOM 263 N N6    . DA A 1 13 ? 2.53824   -1.28661  6.58732   1.000 274.86703 ? 16 DA A N6    1 
ATOM 264 N N1    . DA A 1 13 ? 2.62126   0.73558   5.45718   1.000 176.28726 ? 16 DA A N1    1 
ATOM 265 C C2    . DA A 1 13 ? 3.09249   1.46437   4.43621   1.000 197.11936 ? 16 DA A C2    1 
ATOM 266 N N3    . DA A 1 13 ? 3.92766   1.10295   3.46267   1.000 199.55054 ? 16 DA A N3    1 
ATOM 267 C C4    . DA A 1 13 ? 4.29127   -0.18196  3.60096   1.000 195.04289 ? 16 DA A C4    1 
ATOM 268 P P     . DC A 1 14 ? 9.45502   0.95187   -0.06081  1.000 209.35398 ? 17 DC A P     1 
ATOM 269 O OP1   . DC A 1 14 ? 10.06517  1.62385   -1.23077  1.000 228.90957 ? 17 DC A OP1   1 
ATOM 270 O OP2   . DC A 1 14 ? 10.22347  -0.07789  0.67730   1.000 175.78092 ? 17 DC A OP2   1 
ATOM 271 O "O5'" . DC A 1 14 ? 8.98223   2.07105   0.97934   1.000 198.54812 ? 17 DC A "O5'" 1 
ATOM 272 C "C5'" . DC A 1 14 ? 7.88741   2.92324   0.65012   1.000 214.03810 ? 17 DC A "C5'" 1 
ATOM 273 C "C4'" . DC A 1 14 ? 7.53947   3.82972   1.81499   1.000 221.90750 ? 17 DC A "C4'" 1 
ATOM 274 O "O4'" . DC A 1 14 ? 6.68972   3.12080   2.75788   1.000 228.72960 ? 17 DC A "O4'" 1 
ATOM 275 C "C3'" . DC A 1 14 ? 8.74019   4.32822   2.62980   1.000 191.34280 ? 17 DC A "C3'" 1 
ATOM 276 O "O3'" . DC A 1 14 ? 8.57977   5.70422   2.91764   1.000 210.04793 ? 17 DC A "O3'" 1 
ATOM 277 C "C2'" . DC A 1 14 ? 8.65842   3.48952   3.90348   1.000 177.58385 ? 17 DC A "C2'" 1 
ATOM 278 C "C1'" . DC A 1 14 ? 7.15637   3.39577   4.05586   1.000 180.37025 ? 17 DC A "C1'" 1 
ATOM 279 N N1    . DC A 1 14 ? 6.69635   2.32951   4.98610   1.000 214.41387 ? 17 DC A N1    1 
ATOM 280 C C2    . DC A 1 14 ? 5.81713   2.66212   6.02143   1.000 235.86556 ? 17 DC A C2    1 
ATOM 281 O O2    . DC A 1 14 ? 5.44197   3.83440   6.13615   1.000 217.71527 ? 17 DC A O2    1 
ATOM 282 N N3    . DC A 1 14 ? 5.39987   1.69181   6.86781   1.000 214.69114 ? 17 DC A N3    1 
ATOM 283 C C4    . DC A 1 14 ? 5.83279   0.44088   6.71004   1.000 185.79082 ? 17 DC A C4    1 
ATOM 284 N N4    . DC A 1 14 ? 5.39336   -0.48447  7.57047   1.000 229.19234 ? 17 DC A N4    1 
ATOM 285 C C5    . DC A 1 14 ? 6.73533   0.08183   5.66220   1.000 168.92420 ? 17 DC A C5    1 
ATOM 286 C C6    . DC A 1 14 ? 7.13621   1.04884   4.83024   1.000 191.81403 ? 17 DC A C6    1 
ATOM 287 P P     . DA A 1 15 ? 9.86431   6.62366   3.19787   1.000 248.39008 ? 18 DA A P     1 
ATOM 288 O OP1   . DA A 1 15 ? 10.10863  7.40892   1.96693   1.000 183.79059 ? 18 DA A OP1   1 
ATOM 289 O OP2   . DA A 1 15 ? 10.92872  5.75108   3.74320   1.000 214.94152 ? 18 DA A OP2   1 
ATOM 290 O "O5'" . DA A 1 15 ? 9.39121   7.59938   4.37723   1.000 209.04179 ? 18 DA A "O5'" 1 
ATOM 291 C "C5'" . DA A 1 15 ? 8.30946   8.49744   4.17007   1.000 191.94779 ? 18 DA A "C5'" 1 
ATOM 292 C "C4'" . DA A 1 15 ? 7.44766   8.60943   5.41762   1.000 206.90337 ? 18 DA A "C4'" 1 
ATOM 293 O "O4'" . DA A 1 15 ? 7.07617   7.28206   5.88143   1.000 205.65597 ? 18 DA A "O4'" 1 
ATOM 294 C "C3'" . DA A 1 15 ? 8.10533   9.29921   6.61684   1.000 239.90796 ? 18 DA A "C3'" 1 
ATOM 295 O "O3'" . DA A 1 15 ? 7.13937   10.10825  7.27597   1.000 252.80998 ? 18 DA A "O3'" 1 
ATOM 296 C "C2'" . DA A 1 15 ? 8.52638   8.11749   7.49044   1.000 236.31935 ? 18 DA A "C2'" 1 
ATOM 297 C "C1'" . DA A 1 15 ? 7.35293   7.18660   7.26056   1.000 219.78925 ? 18 DA A "C1'" 1 
ATOM 298 N N9    . DA A 1 15 ? 7.60592   5.78728   7.59385   1.000 205.26717 ? 18 DA A N9    1 
ATOM 299 C C8    . DA A 1 15 ? 8.49002   4.93557   6.99003   1.000 196.70445 ? 18 DA A C8    1 
ATOM 300 N N7    . DA A 1 15 ? 8.48453   3.72312   7.49544   1.000 191.54468 ? 18 DA A N7    1 
ATOM 301 C C5    . DA A 1 15 ? 7.52529   3.78477   8.49701   1.000 206.10956 ? 18 DA A C5    1 
ATOM 302 C C6    . DA A 1 15 ? 7.03614   2.82568   9.41022   1.000 227.31141 ? 18 DA A C6    1 
ATOM 303 N N6    . DA A 1 15 ? 7.47769   1.56465   9.46009   1.000 252.47529 ? 18 DA A N6    1 
ATOM 304 N N1    . DA A 1 15 ? 6.07438   3.21754   10.27673  1.000 216.48270 ? 18 DA A N1    1 
ATOM 305 C C2    . DA A 1 15 ? 5.63366   4.47942   10.22333  1.000 221.05065 ? 18 DA A C2    1 
ATOM 306 N N3    . DA A 1 15 ? 6.01605   5.46655   9.41379   1.000 200.85191 ? 18 DA A N3    1 
ATOM 307 C C4    . DA A 1 15 ? 6.97182   5.04829   8.56552   1.000 197.70056 ? 18 DA A C4    1 
ATOM 308 P P     . DG A 1 16 ? 7.59229   11.33545  8.20812   1.000 278.92067 ? 19 DG A P     1 
ATOM 309 O OP1   . DG A 1 16 ? 7.70079   12.53414  7.34593   1.000 278.44220 ? 19 DG A OP1   1 
ATOM 310 O OP2   . DG A 1 16 ? 8.76007   10.90085  9.00842   1.000 276.76655 ? 19 DG A OP2   1 
ATOM 311 O "O5'" . DG A 1 16 ? 6.35158   11.52552  9.20378   1.000 281.87532 ? 19 DG A "O5'" 1 
ATOM 312 C "C5'" . DG A 1 16 ? 5.54439   10.40072  9.56206   1.000 276.97233 ? 19 DG A "C5'" 1 
ATOM 313 C "C4'" . DG A 1 16 ? 5.75845   10.01336  11.01730  1.000 291.50431 ? 19 DG A "C4'" 1 
ATOM 314 O "O4'" . DG A 1 16 ? 6.06674   8.60406   11.10004  1.000 275.42946 ? 19 DG A "O4'" 1 
ATOM 315 C "C3'" . DG A 1 16 ? 6.90373   10.74568  11.71768  1.000 305.77661 ? 19 DG A "C3'" 1 
ATOM 316 O "O3'" . DG A 1 16 ? 6.39889   11.64879  12.73496  1.000 306.34287 ? 19 DG A "O3'" 1 
ATOM 317 C "C2'" . DG A 1 16 ? 7.81087   9.64185   12.28339  1.000 276.36758 ? 19 DG A "C2'" 1 
ATOM 318 C "C1'" . DG A 1 16 ? 6.97436   8.37287   12.15293  1.000 275.25404 ? 19 DG A "C1'" 1 
ATOM 319 N N9    . DG A 1 16 ? 7.75580   7.17865   11.81259  1.000 273.81181 ? 19 DG A N9    1 
ATOM 320 C C8    . DG A 1 16 ? 8.74139   7.08589   10.86047  1.000 273.26302 ? 19 DG A C8    1 
ATOM 321 N N7    . DG A 1 16 ? 9.25223   5.89132   10.75216  1.000 272.03045 ? 19 DG A N7    1 
ATOM 322 C C5    . DG A 1 16 ? 8.55995   5.13524   11.68576  1.000 271.73106 ? 19 DG A C5    1 
ATOM 323 C C6    . DG A 1 16 ? 8.68417   3.76488   12.01751  1.000 270.62696 ? 19 DG A C6    1 
ATOM 324 O O6    . DG A 1 16 ? 9.45601   2.92584   11.52956  1.000 269.63522 ? 19 DG A O6    1 
ATOM 325 N N1    . DG A 1 16 ? 7.79281   3.39131   13.01826  1.000 270.86498 ? 19 DG A N1    1 
ATOM 326 C C2    . DG A 1 16 ? 6.89251   4.23583   13.62834  1.000 272.03868 ? 19 DG A C2    1 
ATOM 327 N N2    . DG A 1 16 ? 6.11533   3.69127   14.57764  1.000 272.22815 ? 19 DG A N2    1 
ATOM 328 N N3    . DG A 1 16 ? 6.76386   5.52729   13.32678  1.000 273.06756 ? 19 DG A N3    1 
ATOM 329 C C4    . DG A 1 16 ? 7.62907   5.90841   12.35132  1.000 272.83585 ? 19 DG A C4    1 
ATOM 330 P P     . DT A 1 17 ? 5.77083   11.13334  14.12998  1.000 280.42247 ? 20 DT A P     1 
ATOM 331 O OP1   . DT A 1 17 ? 4.89870   9.95409   13.92587  1.000 278.07013 ? 20 DT A OP1   1 
ATOM 332 O OP2   . DT A 1 17 ? 5.19496   12.33566  14.76686  1.000 280.84181 ? 20 DT A OP2   1 
ATOM 333 O "O5'" . DT A 1 17 ? 7.04055   10.72292  15.01317  1.000 278.64353 ? 20 DT A "O5'" 1 
ATOM 334 C "C5'" . DT A 1 17 ? 6.95929   10.73891  16.43986  1.000 305.53092 ? 20 DT A "C5'" 1 
ATOM 335 C "C4'" . DT A 1 17 ? 6.05779   9.63108   16.95623  1.000 278.63638 ? 20 DT A "C4'" 1 
ATOM 336 O "O4'" . DT A 1 17 ? 6.32309   8.41424   16.21504  1.000 276.98779 ? 20 DT A "O4'" 1 
ATOM 337 C "C3'" . DT A 1 17 ? 6.30557   9.24044   18.39976  1.000 283.75574 ? 20 DT A "C3'" 1 
ATOM 338 O "O3'" . DT A 1 17 ? 5.19782   8.48647   18.88043  1.000 278.78897 ? 20 DT A "O3'" 1 
ATOM 339 C "C2'" . DT A 1 17 ? 7.52696   8.35458   18.23259  1.000 277.46869 ? 20 DT A "C2'" 1 
ATOM 340 C "C1'" . DT A 1 17 ? 7.09589   7.53534   17.02112  1.000 276.23414 ? 20 DT A "C1'" 1 
ATOM 341 N N1    . DT A 1 17 ? 8.21552   7.01305   16.18597  1.000 275.02740 ? 20 DT A N1    1 
ATOM 342 C C2    . DT A 1 17 ? 8.52867   5.66546   16.22165  1.000 273.69964 ? 20 DT A C2    1 
ATOM 343 O O2    . DT A 1 17 ? 7.95237   4.85901   16.93503  1.000 273.46525 ? 20 DT A O2    1 
ATOM 344 N N3    . DT A 1 17 ? 9.55894   5.30094   15.38475  1.000 272.77020 ? 20 DT A N3    1 
ATOM 345 C C4    . DT A 1 17 ? 10.27923  6.12065   14.53736  1.000 273.07285 ? 20 DT A C4    1 
ATOM 346 O O4    . DT A 1 17 ? 11.18836  5.70396   13.82500  1.000 272.29744 ? 20 DT A O4    1 
ATOM 347 C C5    . DT A 1 17 ? 9.89412   7.50591   14.54432  1.000 274.49001 ? 20 DT A C5    1 
ATOM 348 C C7    . DT A 1 17 ? 10.61842  8.47873   13.66682  1.000 275.07520 ? 20 DT A C7    1 
ATOM 349 C C6    . DT A 1 17 ? 8.89093   7.88336   15.35300  1.000 275.36969 ? 20 DT A C6    1 
ATOM 350 P P     . DA A 1 18 ? 4.50581   8.83789   20.28764  1.000 280.75334 ? 21 DA A P     1 
ATOM 351 O OP1   . DA A 1 18 ? 3.03797   8.78367   20.08597  1.000 280.77107 ? 21 DA A OP1   1 
ATOM 352 O OP2   . DA A 1 18 ? 5.13237   10.06982  20.81366  1.000 291.25361 ? 21 DA A OP2   1 
ATOM 353 O "O5'" . DA A 1 18 ? 4.95682   7.63392   21.23824  1.000 279.44100 ? 21 DA A "O5'" 1 
ATOM 354 C "C5'" . DA A 1 18 ? 6.33822   7.44047   21.51965  1.000 278.81787 ? 21 DA A "C5'" 1 
ATOM 355 C "C4'" . DA A 1 18 ? 6.63133   5.98978   21.85033  1.000 277.54163 ? 21 DA A "C4'" 1 
ATOM 356 O "O4'" . DA A 1 18 ? 7.36938   5.37820   20.75275  1.000 276.03918 ? 21 DA A "O4'" 1 
ATOM 357 C "C3'" . DA A 1 18 ? 7.50153   5.79022   23.08060  1.000 277.76264 ? 21 DA A "C3'" 1 
ATOM 358 O "O3'" . DA A 1 18 ? 7.18795   4.54659   23.70144  1.000 277.19620 ? 21 DA A "O3'" 1 
ATOM 359 C "C2'" . DA A 1 18 ? 8.90022   5.78264   22.47767  1.000 276.84342 ? 21 DA A "C2'" 1 
ATOM 360 C "C1'" . DA A 1 18 ? 8.66229   5.00011   21.19601  1.000 275.46295 ? 21 DA A "C1'" 1 
ATOM 361 N N9    . DA A 1 18 ? 9.62276   5.29449   20.12861  1.000 274.83591 ? 21 DA A N9    1 
ATOM 362 C C8    . DA A 1 18 ? 9.80553   6.49134   19.50251  1.000 275.59284 ? 21 DA A C8    1 
ATOM 363 N N7    . DA A 1 18 ? 10.72446  6.47161   18.56686  1.000 274.89997 ? 21 DA A N7    1 
ATOM 364 C C5    . DA A 1 18 ? 11.18338  5.16728   18.57660  1.000 273.55837 ? 21 DA A C5    1 
ATOM 365 C C6    . DA A 1 18 ? 12.16863  4.50266   17.81485  1.000 272.41649 ? 21 DA A C6    1 
ATOM 366 N N6    . DA A 1 18 ? 12.88853  5.10427   16.86237  1.000 272.49041 ? 21 DA A N6    1 
ATOM 367 N N1    . DA A 1 18 ? 12.38928  3.19545   18.07664  1.000 271.31366 ? 21 DA A N1    1 
ATOM 368 C C2    . DA A 1 18 ? 11.66281  2.60099   19.03611  1.000 271.38048 ? 21 DA A C2    1 
ATOM 369 N N3    . DA A 1 18 ? 10.70884  3.12321   19.81577  1.000 272.44117 ? 21 DA A N3    1 
ATOM 370 C C4    . DA A 1 18 ? 10.51597  4.42207   19.53254  1.000 273.48928 ? 21 DA A C4    1 
ATOM 371 P P     . DG A 1 19 ? 7.72846   4.21289   25.17934  1.000 277.67115 ? 22 DG A P     1 
ATOM 372 O OP1   . DG A 1 19 ? 6.54710   4.09346   26.06285  1.000 278.78028 ? 22 DG A OP1   1 
ATOM 373 O OP2   . DG A 1 19 ? 8.79638   5.17689   25.52527  1.000 278.31686 ? 22 DG A OP2   1 
ATOM 374 O "O5'" . DG A 1 19 ? 8.40844   2.77394   25.01585  1.000 276.04257 ? 22 DG A "O5'" 1 
ATOM 375 C "C5'" . DG A 1 19 ? 8.85528   2.34725   23.73379  1.000 274.65711 ? 22 DG A "C5'" 1 
ATOM 376 C "C4'" . DG A 1 19 ? 10.32443  1.96223   23.76811  1.000 273.79115 ? 22 DG A "C4'" 1 
ATOM 377 O "O4'" . DG A 1 19 ? 11.01783  2.56094   22.63764  1.000 273.37295 ? 22 DG A "O4'" 1 
ATOM 378 C "C3'" . DG A 1 19 ? 11.09319  2.40893   25.01797  1.000 274.68005 ? 22 DG A "C3'" 1 
ATOM 379 O "O3'" . DG A 1 19 ? 11.93944  1.35224   25.45055  1.000 273.80134 ? 22 DG A "O3'" 1 
ATOM 380 C "C2'" . DG A 1 19 ? 11.90564  3.59868   24.50884  1.000 275.13205 ? 22 DG A "C2'" 1 
ATOM 381 C "C1'" . DG A 1 19 ? 12.21466  3.13650   23.09805  1.000 273.78406 ? 22 DG A "C1'" 1 
ATOM 382 N N9    . DG A 1 19 ? 12.61920  4.20646   22.18615  1.000 274.13895 ? 22 DG A N9    1 
ATOM 383 C C8    . DG A 1 19 ? 12.11295  5.48217   22.11558  1.000 275.42163 ? 22 DG A C8    1 
ATOM 384 N N7    . DG A 1 19 ? 12.67479  6.21657   21.19469  1.000 275.53748 ? 22 DG A N7    1 
ATOM 385 C C5    . DG A 1 19 ? 13.62118  5.37722   20.62545  1.000 274.26317 ? 22 DG A C5    1 
ATOM 386 C C6    . DG A 1 19 ? 14.53988  5.61814   19.57885  1.000 273.90408 ? 22 DG A C6    1 
ATOM 387 O O6    . DG A 1 19 ? 14.70580  6.65736   18.92219  1.000 274.66884 ? 22 DG A O6    1 
ATOM 388 N N1    . DG A 1 19 ? 15.31291  4.49424   19.31030  1.000 272.61501 ? 22 DG A N1    1 
ATOM 389 C C2    . DG A 1 19 ? 15.21722  3.29098   19.97016  1.000 271.77166 ? 22 DG A C2    1 
ATOM 390 N N2    . DG A 1 19 ? 16.05046  2.32254   19.57142  1.000 270.64358 ? 22 DG A N2    1 
ATOM 391 N N3    . DG A 1 19 ? 14.36109  3.05191   20.95114  1.000 272.11830 ? 22 DG A N3    1 
ATOM 392 C C4    . DG A 1 19 ? 13.59765  4.13614   21.22416  1.000 273.37433 ? 22 DG A C4    1 
ATOM 393 P P     . DC A 1 20 ? 12.60760  1.37071   26.91285  1.000 274.58139 ? 23 DC A P     1 
ATOM 394 O OP1   . DC A 1 20 ? 11.55883  0.99511   27.88687  1.000 275.33944 ? 23 DC A OP1   1 
ATOM 395 O OP2   . DC A 1 20 ? 13.35167  2.63788   27.08896  1.000 275.56997 ? 23 DC A OP2   1 
ATOM 396 O "O5'" . DC A 1 20 ? 13.69259  0.20075   26.83117  1.000 273.23869 ? 23 DC A "O5'" 1 
ATOM 397 C "C5'" . DC A 1 20 ? 13.88803  -0.49113  25.60213  1.000 271.83976 ? 23 DC A "C5'" 1 
ATOM 398 C "C4'" . DC A 1 20 ? 15.29251  -0.26821  25.06731  1.000 271.33635 ? 23 DC A "C4'" 1 
ATOM 399 O "O4'" . DC A 1 20 ? 15.31457  0.87860   24.18212  1.000 271.75639 ? 23 DC A "O4'" 1 
ATOM 400 C "C3'" . DC A 1 20 ? 16.36532  -0.01394  26.13250  1.000 271.97345 ? 23 DC A "C3'" 1 
ATOM 401 O "O3'" . DC A 1 20 ? 17.39868  -0.98614  26.00205  1.000 270.92657 ? 23 DC A "O3'" 1 
ATOM 402 C "C2'" . DC A 1 20 ? 16.86643  1.40879   25.82891  1.000 272.92764 ? 23 DC A "C2'" 1 
ATOM 403 C "C1'" . DC A 1 20 ? 16.53303  1.55552   24.35293  1.000 272.24110 ? 23 DC A "C1'" 1 
ATOM 404 N N1    . DC A 1 20 ? 16.35398  2.97070   23.89826  1.000 273.29916 ? 23 DC A N1    1 
ATOM 405 C C2    . DC A 1 20 ? 17.20276  3.49574   22.91625  1.000 273.20124 ? 23 DC A C2    1 
ATOM 406 O O2    . DC A 1 20 ? 18.09857  2.77861   22.45193  1.000 272.24147 ? 23 DC A O2    1 
ATOM 407 N N3    . DC A 1 20 ? 17.01876  4.77775   22.50632  1.000 274.27158 ? 23 DC A N3    1 
ATOM 408 C C4    . DC A 1 20 ? 16.03661  5.51427   23.03630  1.000 275.36091 ? 23 DC A C4    1 
ATOM 409 N N4    . DC A 1 20 ? 15.89003  6.77195   22.60543  1.000 276.46547 ? 23 DC A N4    1 
ATOM 410 C C5    . DC A 1 20 ? 15.16244  4.99360   24.03374  1.000 275.48191 ? 23 DC A C5    1 
ATOM 411 C C6    . DC A 1 20 ? 15.35507  3.73102   24.42970  1.000 274.45194 ? 23 DC A C6    1 
ATOM 412 P P     . DA A 1 21 ? 18.72721  -0.90805  26.90206  1.000 275.02718 ? 24 DA A P     1 
ATOM 413 O OP1   . DA A 1 21 ? 19.25388  -2.28743  27.00768  1.000 273.92104 ? 24 DA A OP1   1 
ATOM 414 O OP2   . DA A 1 21 ? 18.41150  -0.15833  28.13937  1.000 276.48306 ? 24 DA A OP2   1 
ATOM 415 O "O5'" . DA A 1 21 ? 19.73415  -0.03074  26.01682  1.000 275.16920 ? 24 DA A "O5'" 1 
ATOM 416 C "C5'" . DA A 1 21 ? 19.96780  -0.37422  24.64854  1.000 274.11091 ? 24 DA A "C5'" 1 
ATOM 417 C "C4'" . DA A 1 21 ? 21.00874  0.53948   24.02143  1.000 274.60362 ? 24 DA A "C4'" 1 
ATOM 418 O "O4'" . DA A 1 21 ? 20.39930  1.81307   23.67671  1.000 275.59709 ? 24 DA A "O4'" 1 
ATOM 419 C "C3'" . DA A 1 21 ? 22.19878  0.87799   24.91858  1.000 275.43383 ? 24 DA A "C3'" 1 
ATOM 420 O "O3'" . DA A 1 21 ? 23.38485  0.97928   24.13223  1.000 275.26872 ? 24 DA A "O3'" 1 
ATOM 421 C "C2'" . DA A 1 21 ? 21.79490  2.22927   25.49509  1.000 277.01435 ? 24 DA A "C2'" 1 
ATOM 422 C "C1'" . DA A 1 21 ? 21.13314  2.85347   24.28143  1.000 276.95439 ? 24 DA A "C1'" 1 
ATOM 423 N N9    . DA A 1 21 ? 20.22961  3.95924   24.58739  1.000 278.18806 ? 24 DA A N9    1 
ATOM 424 C C8    . DA A 1 21 ? 19.22940  3.99115   25.52275  1.000 278.71826 ? 24 DA A C8    1 
ATOM 425 N N7    . DA A 1 21 ? 18.58126  5.13521   25.56170  1.000 279.93885 ? 24 DA A N7    1 
ATOM 426 C C5    . DA A 1 21 ? 19.20167  5.90071   24.58429  1.000 280.21336 ? 24 DA A C5    1 
ATOM 427 C C6    . DA A 1 21 ? 18.98846  7.21674   24.12214  1.000 281.42494 ? 24 DA A C6    1 
ATOM 428 N N6    . DA A 1 21 ? 18.04398  8.02841   24.61091  1.000 282.60081 ? 24 DA A N6    1 
ATOM 429 N N1    . DA A 1 21 ? 19.78932  7.66854   23.13258  1.000 281.49068 ? 24 DA A N1    1 
ATOM 430 C C2    . DA A 1 21 ? 20.73387  6.85673   22.64345  1.000 280.42080 ? 24 DA A C2    1 
ATOM 431 N N3    . DA A 1 21 ? 21.02694  5.60864   22.99503  1.000 279.21683 ? 24 DA A N3    1 
ATOM 432 C C4    . DA A 1 21 ? 20.21732  5.18646   23.97841  1.000 279.16572 ? 24 DA A C4    1 
ATOM 433 P P     . DC B 2 1  ? -7.10244  4.68769   2.51976   1.000 130.82919 ? 1  DC B P     1 
ATOM 434 O OP1   . DC B 2 1  ? -8.24779  5.61098   2.70752   1.000 118.71622 ? 1  DC B OP1   1 
ATOM 435 O OP2   . DC B 2 1  ? -7.23922  3.51260   1.62818   1.000 118.49991 ? 1  DC B OP2   1 
ATOM 436 O "O5'" . DC B 2 1  ? -5.81300  5.52888   2.07145   1.000 163.31627 ? 1  DC B "O5'" 1 
ATOM 437 C "C5'" . DC B 2 1  ? -5.22909  6.47098   2.96915   1.000 195.62049 ? 1  DC B "C5'" 1 
ATOM 438 C "C4'" . DC B 2 1  ? -3.72562  6.28608   3.04379   1.000 214.11399 ? 1  DC B "C4'" 1 
ATOM 439 O "O4'" . DC B 2 1  ? -3.41600  5.17646   3.91756   1.000 152.59454 ? 1  DC B "O4'" 1 
ATOM 440 C "C3'" . DC B 2 1  ? -3.04785  5.98113   1.70687   1.000 192.24893 ? 1  DC B "C3'" 1 
ATOM 441 O "O3'" . DC B 2 1  ? -1.93849  6.85630   1.51574   1.000 219.28486 ? 1  DC B "O3'" 1 
ATOM 442 C "C2'" . DC B 2 1  ? -2.61084  4.51416   1.83886   1.000 152.37854 ? 1  DC B "C2'" 1 
ATOM 443 C "C1'" . DC B 2 1  ? -2.40658  4.39108   3.33352   1.000 129.92521 ? 1  DC B "C1'" 1 
ATOM 444 N N1    . DC B 2 1  ? -2.52449  3.00313   3.89047   1.000 127.87686 ? 1  DC B N1    1 
ATOM 445 C C2    . DC B 2 1  ? -1.48413  2.07564   3.70907   1.000 134.34247 ? 1  DC B C2    1 
ATOM 446 O O2    . DC B 2 1  ? -0.48385  2.39752   3.05196   1.000 154.58612 ? 1  DC B O2    1 
ATOM 447 N N3    . DC B 2 1  ? -1.61283  0.83688   4.24902   1.000 157.37783 ? 1  DC B N3    1 
ATOM 448 C C4    . DC B 2 1  ? -2.70407  0.52217   4.94883   1.000 207.21202 ? 1  DC B C4    1 
ATOM 449 N N4    . DC B 2 1  ? -2.78334  -0.70900  5.46150   1.000 248.41138 ? 1  DC B N4    1 
ATOM 450 C C5    . DC B 2 1  ? -3.76284  1.45497   5.15539   1.000 206.82794 ? 1  DC B C5    1 
ATOM 451 C C6    . DC B 2 1  ? -3.62992  2.67058   4.62049   1.000 156.64373 ? 1  DC B C6    1 
ATOM 452 P P     . DC B 2 2  ? -1.75867  7.62983   0.11786   1.000 172.45031 ? 2  DC B P     1 
ATOM 453 O OP1   . DC B 2 2  ? -0.33309  7.52492   -0.26926  1.000 151.27040 ? 2  DC B OP1   1 
ATOM 454 O OP2   . DC B 2 2  ? -2.37261  8.97193   0.23340   1.000 196.01143 ? 2  DC B OP2   1 
ATOM 455 O "O5'" . DC B 2 2  ? -2.66897  6.78589   -0.88832  1.000 184.34535 ? 2  DC B "O5'" 1 
ATOM 456 C "C5'" . DC B 2 2  ? -2.44580  6.86002   -2.28228  1.000 215.15243 ? 2  DC B "C5'" 1 
ATOM 457 C "C4'" . DC B 2 2  ? -1.36718  5.88230   -2.70261  1.000 210.97432 ? 2  DC B "C4'" 1 
ATOM 458 O "O4'" . DC B 2 2  ? -1.31891  4.77715   -1.75664  1.000 183.74895 ? 2  DC B "O4'" 1 
ATOM 459 C "C3'" . DC B 2 2  ? -1.59456  5.24865   -4.05937  1.000 222.40725 ? 2  DC B "C3'" 1 
ATOM 460 O "O3'" . DC B 2 2  ? -0.35062  4.93612   -4.67073  1.000 190.86105 ? 2  DC B "O3'" 1 
ATOM 461 C "C2'" . DC B 2 2  ? -2.38195  3.99837   -3.69429  1.000 257.12281 ? 2  DC B "C2'" 1 
ATOM 462 C "C1'" . DC B 2 2  ? -1.72468  3.57853   -2.39125  1.000 214.57626 ? 2  DC B "C1'" 1 
ATOM 463 N N1    . DC B 2 2  ? -2.64787  2.84540   -1.46672  1.000 200.00489 ? 2  DC B N1    1 
ATOM 464 C C2    . DC B 2 2  ? -2.29022  1.57536   -0.97253  1.000 181.31992 ? 2  DC B C2    1 
ATOM 465 O O2    . DC B 2 2  ? -1.20864  1.06794   -1.31355  1.000 187.14781 ? 2  DC B O2    1 
ATOM 466 N N3    . DC B 2 2  ? -3.14507  0.93579   -0.13047  1.000 161.07946 ? 2  DC B N3    1 
ATOM 467 C C4    . DC B 2 2  ? -4.30021  1.51310   0.21487   1.000 165.09705 ? 2  DC B C4    1 
ATOM 468 N N4    . DC B 2 2  ? -5.10280  0.84661   1.05113   1.000 155.80118 ? 2  DC B N4    1 
ATOM 469 C C5    . DC B 2 2  ? -4.67918  2.79929   -0.27878  1.000 152.16113 ? 2  DC B C5    1 
ATOM 470 C C6    . DC B 2 2  ? -3.83347  3.42092   -1.10839  1.000 171.41477 ? 2  DC B C6    1 
ATOM 471 P P     . DG B 2 3  ? -0.10518  5.29415   -6.21726  1.000 176.53651 ? 3  DG B P     1 
ATOM 472 O OP1   . DG B 2 3  ? 0.94685   6.33789   -6.28440  1.000 244.72492 ? 3  DG B OP1   1 
ATOM 473 O OP2   . DG B 2 3  ? -1.43348  5.55800   -6.81731  1.000 175.27680 ? 3  DG B OP2   1 
ATOM 474 O "O5'" . DG B 2 3  ? 0.44782   3.92410   -6.83643  1.000 164.32287 ? 3  DG B "O5'" 1 
ATOM 475 C "C5'" . DG B 2 3  ? 1.62879   3.32335   -6.30598  1.000 155.03867 ? 3  DG B "C5'" 1 
ATOM 476 C "C4'" . DG B 2 3  ? 1.69103   1.82627   -6.62135  1.000 184.82858 ? 3  DG B "C4'" 1 
ATOM 477 O "O4'" . DG B 2 3  ? 0.69506   1.11174   -5.84816  1.000 178.84616 ? 3  DG B "O4'" 1 
ATOM 478 C "C3'" . DG B 2 3  ? 1.44700   1.43657   -8.07749  1.000 187.63960 ? 3  DG B "C3'" 1 
ATOM 479 O "O3'" . DG B 2 3  ? 2.25050   0.30401   -8.41553  1.000 229.67745 ? 3  DG B "O3'" 1 
ATOM 480 C "C2'" . DG B 2 3  ? -0.04418  1.11332   -8.10039  1.000 192.57191 ? 3  DG B "C2'" 1 
ATOM 481 C "C1'" . DG B 2 3  ? -0.29186  0.56260   -6.69855  1.000 223.15172 ? 3  DG B "C1'" 1 
ATOM 482 N N9    . DG B 2 3  ? -1.58540  0.94917   -6.16501  1.000 209.49799 ? 3  DG B N9    1 
ATOM 483 C C8    . DG B 2 3  ? -2.27246  2.10140   -6.44349  1.000 171.69584 ? 3  DG B C8    1 
ATOM 484 N N7    . DG B 2 3  ? -3.41551  2.18671   -5.82308  1.000 149.12951 ? 3  DG B N7    1 
ATOM 485 C C5    . DG B 2 3  ? -3.47845  1.02888   -5.06316  1.000 186.14106 ? 3  DG B C5    1 
ATOM 486 C C6    . DG B 2 3  ? -4.48360  0.57419   -4.18064  1.000 164.89798 ? 3  DG B C6    1 
ATOM 487 O O6    . DG B 2 3  ? -5.54763  1.12909   -3.87348  1.000 156.73609 ? 3  DG B O6    1 
ATOM 488 N N1    . DG B 2 3  ? -4.15830  -0.65958  -3.62370  1.000 159.41719 ? 3  DG B N1    1 
ATOM 489 C C2    . DG B 2 3  ? -3.00745  -1.36330  -3.88798  1.000 160.02606 ? 3  DG B C2    1 
ATOM 490 N N2    . DG B 2 3  ? -2.86883  -2.53827  -3.25918  1.000 170.92487 ? 3  DG B N2    1 
ATOM 491 N N3    . DG B 2 3  ? -2.05769  -0.94805  -4.71464  1.000 146.53812 ? 3  DG B N3    1 
ATOM 492 C C4    . DG B 2 3  ? -2.35900  0.25246   -5.26481  1.000 200.33259 ? 3  DG B C4    1 
ATOM 493 P P     . DT B 2 4  ? 2.01642   -0.51882  -9.77734  1.000 226.82837 ? 4  DT B P     1 
ATOM 494 O OP1   . DT B 2 4  ? 3.29057   -1.20975  -10.07099 1.000 214.22248 ? 4  DT B OP1   1 
ATOM 495 O OP2   . DT B 2 4  ? 1.37995   0.34586   -10.80344 1.000 189.92009 ? 4  DT B OP2   1 
ATOM 496 O "O5'" . DT B 2 4  ? 1.03573   -1.67715  -9.31852  1.000 256.25456 ? 4  DT B "O5'" 1 
ATOM 497 C "C5'" . DT B 2 4  ? 1.38631   -2.44700  -8.18507  1.000 198.50933 ? 4  DT B "C5'" 1 
ATOM 498 C "C4'" . DT B 2 4  ? 0.37737   -3.53853  -7.96520  1.000 232.16066 ? 4  DT B "C4'" 1 
ATOM 499 O "O4'" . DT B 2 4  ? -0.75902  -2.98684  -7.25660  1.000 261.76516 ? 4  DT B "O4'" 1 
ATOM 500 C "C3'" . DT B 2 4  ? -0.16801  -4.14154  -9.26448  1.000 217.87159 ? 4  DT B "C3'" 1 
ATOM 501 O "O3'" . DT B 2 4  ? 0.02630   -5.56293  -9.28819  1.000 224.70907 ? 4  DT B "O3'" 1 
ATOM 502 C "C2'" . DT B 2 4  ? -1.64144  -3.74618  -9.26939  1.000 183.25009 ? 4  DT B "C2'" 1 
ATOM 503 C "C1'" . DT B 2 4  ? -1.93422  -3.52706  -7.80172  1.000 189.22889 ? 4  DT B "C1'" 1 
ATOM 504 N N1    . DT B 2 4  ? -3.09301  -2.58966  -7.57252  1.000 180.06676 ? 4  DT B N1    1 
ATOM 505 C C2    . DT B 2 4  ? -4.11752  -2.97351  -6.72886  1.000 198.30344 ? 4  DT B C2    1 
ATOM 506 O O2    . DT B 2 4  ? -4.12116  -4.02967  -6.12692  1.000 215.05160 ? 4  DT B O2    1 
ATOM 507 N N3    . DT B 2 4  ? -5.13936  -2.05579  -6.60241  1.000 191.14120 ? 4  DT B N3    1 
ATOM 508 C C4    . DT B 2 4  ? -5.23988  -0.82834  -7.23910  1.000 170.65242 ? 4  DT B C4    1 
ATOM 509 O O4    . DT B 2 4  ? -6.19258  -0.06905  -7.06925  1.000 164.02774 ? 4  DT B O4    1 
ATOM 510 C C5    . DT B 2 4  ? -4.14206  -0.49978  -8.12227  1.000 160.91275 ? 4  DT B C5    1 
ATOM 511 C C7    . DT B 2 4  ? -4.14061  0.80433   -8.86894  1.000 139.28058 ? 4  DT B C7    1 
ATOM 512 C C6    . DT B 2 4  ? -3.14080  -1.39045  -8.25209  1.000 155.33042 ? 4  DT B C6    1 
ATOM 513 P P     . DA B 2 5  ? -0.72658  -6.49505  -10.36767 1.000 223.59622 ? 5  DA B P     1 
ATOM 514 O OP1   . DA B 2 5  ? 0.10595   -7.70287  -10.57473 1.000 215.82633 ? 5  DA B OP1   1 
ATOM 515 O OP2   . DA B 2 5  ? -1.13429  -5.70064  -11.54646 1.000 237.05357 ? 5  DA B OP2   1 
ATOM 516 O "O5'" . DA B 2 5  ? -2.05378  -6.93779  -9.60501  1.000 212.08962 ? 5  DA B "O5'" 1 
ATOM 517 C "C5'" . DA B 2 5  ? -1.95389  -7.53728  -8.31796  1.000 217.28078 ? 5  DA B "C5'" 1 
ATOM 518 C "C4'" . DA B 2 5  ? -3.30707  -8.01715  -7.83505  1.000 172.42390 ? 5  DA B "C4'" 1 
ATOM 519 O "O4'" . DA B 2 5  ? -4.15702  -6.87015  -7.58103  1.000 170.44091 ? 5  DA B "O4'" 1 
ATOM 520 C "C3'" . DA B 2 5  ? -4.06483  -8.89124  -8.82892  1.000 158.32992 ? 5  DA B "C3'" 1 
ATOM 521 O "O3'" . DA B 2 5  ? -4.83690  -9.86819  -8.14522  1.000 181.03966 ? 5  DA B "O3'" 1 
ATOM 522 C "C2'" . DA B 2 5  ? -4.95231  -7.88928  -9.54900  1.000 178.50865 ? 5  DA B "C2'" 1 
ATOM 523 C "C1'" . DA B 2 5  ? -5.28000  -6.90191  -8.43565  1.000 158.69149 ? 5  DA B "C1'" 1 
ATOM 524 N N9    . DA B 2 5  ? -5.51792  -5.55370  -8.93219  1.000 163.03068 ? 5  DA B N9    1 
ATOM 525 C C8    . DA B 2 5  ? -4.69349  -4.82196  -9.73836  1.000 151.70491 ? 5  DA B C8    1 
ATOM 526 N N7    . DA B 2 5  ? -5.16204  -3.63505  -10.04054 1.000 151.26515 ? 5  DA B N7    1 
ATOM 527 C C5    . DA B 2 5  ? -6.38827  -3.58637  -9.39196  1.000 152.94583 ? 5  DA B C5    1 
ATOM 528 C C6    . DA B 2 5  ? -7.38931  -2.58982  -9.31421  1.000 163.42344 ? 5  DA B C6    1 
ATOM 529 N N6    . DA B 2 5  ? -7.30028  -1.40131  -9.92602  1.000 168.50202 ? 5  DA B N6    1 
ATOM 530 N N1    . DA B 2 5  ? -8.48940  -2.86535  -8.58015  1.000 184.15301 ? 5  DA B N1    1 
ATOM 531 C C2    . DA B 2 5  ? -8.57757  -4.05399  -7.96866  1.000 194.73933 ? 5  DA B C2    1 
ATOM 532 N N3    . DA B 2 5  ? -7.70756  -5.06535  -7.96796  1.000 144.13271 ? 5  DA B N3    1 
ATOM 533 C C4    . DA B 2 5  ? -6.62127  -4.76191  -8.70015  1.000 145.19306 ? 5  DA B C4    1 
ATOM 534 P P     . DC B 2 6  ? -5.34959  -11.17704 -8.92529  1.000 202.92160 ? 6  DC B P     1 
ATOM 535 O OP1   . DC B 2 6  ? -4.81687  -12.36366 -8.21557  1.000 212.69944 ? 6  DC B OP1   1 
ATOM 536 O OP2   . DC B 2 6  ? -5.05282  -10.98960 -10.36289 1.000 176.58220 ? 6  DC B OP2   1 
ATOM 537 O "O5'" . DC B 2 6  ? -6.93742  -11.11815 -8.76482  1.000 190.12556 ? 6  DC B "O5'" 1 
ATOM 538 C "C5'" . DC B 2 6  ? -7.50929  -10.88419 -7.49289  1.000 153.69961 ? 6  DC B "C5'" 1 
ATOM 539 C "C4'" . DC B 2 6  ? -8.89576  -10.27966 -7.62738  1.000 164.54876 ? 6  DC B "C4'" 1 
ATOM 540 O "O4'" . DC B 2 6  ? -8.80450  -8.88999  -8.04389  1.000 146.21697 ? 6  DC B "O4'" 1 
ATOM 541 C "C3'" . DC B 2 6  ? -9.82213  -10.96282 -8.64078  1.000 161.93031 ? 6  DC B "C3'" 1 
ATOM 542 O "O3'" . DC B 2 6  ? -11.09081 -11.11776 -8.04730  1.000 134.07736 ? 6  DC B "O3'" 1 
ATOM 543 C "C2'" . DC B 2 6  ? -9.86819  -9.95933  -9.80038  1.000 130.20073 ? 6  DC B "C2'" 1 
ATOM 544 C "C1'" . DC B 2 6  ? -9.78306  -8.65671  -9.03002  1.000 142.27674 ? 6  DC B "C1'" 1 
ATOM 545 N N1    . DC B 2 6  ? -9.38316  -7.45957  -9.83865  1.000 129.82303 ? 6  DC B N1    1 
ATOM 546 C C2    . DC B 2 6  ? -10.26748 -6.37978  -9.94709  1.000 140.06371 ? 6  DC B C2    1 
ATOM 547 O O2    . DC B 2 6  ? -11.36684 -6.44526  -9.38994  1.000 203.99343 ? 6  DC B O2    1 
ATOM 548 N N3    . DC B 2 6  ? -9.89435  -5.29005  -10.66569 1.000 137.35900 ? 6  DC B N3    1 
ATOM 549 C C4    . DC B 2 6  ? -8.69739  -5.25229  -11.25154 1.000 148.80804 ? 6  DC B C4    1 
ATOM 550 N N4    . DC B 2 6  ? -8.37595  -4.15346  -11.95063 1.000 141.15838 ? 6  DC B N4    1 
ATOM 551 C C5    . DC B 2 6  ? -7.77956  -6.34387  -11.15222 1.000 179.17898 ? 6  DC B C5    1 
ATOM 552 C C6    . DC B 2 6  ? -8.15874  -7.41353  -10.43720 1.000 150.24805 ? 6  DC B C6    1 
ATOM 553 P P     . DA B 2 7  ? -12.11078 -12.25117 -8.54423  1.000 138.56670 ? 7  DA B P     1 
ATOM 554 O OP1   . DA B 2 7  ? -12.13656 -13.31631 -7.51409  1.000 148.83264 ? 7  DA B OP1   1 
ATOM 555 O OP2   . DA B 2 7  ? -11.79625 -12.58832 -9.95618  1.000 113.01423 ? 7  DA B OP2   1 
ATOM 556 O "O5'" . DA B 2 7  ? -13.50504 -11.48386 -8.48639  1.000 149.34514 ? 7  DA B "O5'" 1 
ATOM 557 C "C5'" . DA B 2 7  ? -13.51150 -10.06093 -8.36096  1.000 152.36176 ? 7  DA B "C5'" 1 
ATOM 558 C "C4'" . DA B 2 7  ? -14.43571 -9.46105  -9.39067  1.000 114.72418 ? 7  DA B "C4'" 1 
ATOM 559 O "O4'" . DA B 2 7  ? -13.80546 -8.30834  -10.01514 1.000 108.20961 ? 7  DA B "O4'" 1 
ATOM 560 C "C3'" . DA B 2 7  ? -14.77567 -10.40547 -10.54717 1.000 127.08825 ? 7  DA B "C3'" 1 
ATOM 561 O "O3'" . DA B 2 7  ? -16.08179 -10.16013 -10.97611 1.000 102.62950 ? 7  DA B "O3'" 1 
ATOM 562 C "C2'" . DA B 2 7  ? -13.79553 -9.96233  -11.60741 1.000 141.70343 ? 7  DA B "C2'" 1 
ATOM 563 C "C1'" . DA B 2 7  ? -13.91947 -8.47567  -11.40573 1.000 122.82456 ? 7  DA B "C1'" 1 
ATOM 564 N N9    . DA B 2 7  ? -12.89532 -7.72818  -12.08608 1.000 108.61311 ? 7  DA B N9    1 
ATOM 565 C C8    . DA B 2 7  ? -11.65232 -8.17162  -12.42626 1.000 130.33046 ? 7  DA B C8    1 
ATOM 566 N N7    . DA B 2 7  ? -10.94091 -7.28628  -13.07319 1.000 168.13574 ? 7  DA B N7    1 
ATOM 567 C C5    . DA B 2 7  ? -11.78782 -6.19194  -13.17557 1.000 145.14003 ? 7  DA B C5    1 
ATOM 568 C C6    . DA B 2 7  ? -11.62857 -4.92277  -13.75539 1.000 169.57818 ? 7  DA B C6    1 
ATOM 569 N N6    . DA B 2 7  ? -10.50786 -4.53731  -14.36443 1.000 188.54273 ? 7  DA B N6    1 
ATOM 570 N N1    . DA B 2 7  ? -12.67162 -4.06253  -13.68498 1.000 166.37327 ? 7  DA B N1    1 
ATOM 571 C C2    . DA B 2 7  ? -13.79089 -4.45862  -13.07366 1.000 173.23594 ? 7  DA B C2    1 
ATOM 572 N N3    . DA B 2 7  ? -14.05742 -5.62569  -12.49391 1.000 133.82841 ? 7  DA B N3    1 
ATOM 573 C C4    . DA B 2 7  ? -13.00058 -6.45397  -12.58164 1.000 127.52165 ? 7  DA B C4    1 
ATOM 574 P P     . DG C 3 1  ? -15.65485 -13.12299 -16.38631 1.000 186.13595 ? 8  DG C P     1 
ATOM 575 O OP1   . DG C 3 1  ? -14.19440 -12.92161 -16.20263 1.000 138.41303 ? 8  DG C OP1   1 
ATOM 576 O OP2   . DG C 3 1  ? -16.29409 -14.40490 -16.00508 1.000 150.01188 ? 8  DG C OP2   1 
ATOM 577 O "O5'" . DG C 3 1  ? -16.44960 -11.95539 -15.63225 1.000 156.26972 ? 8  DG C "O5'" 1 
ATOM 578 C "C5'" . DG C 3 1  ? -16.96725 -10.86062 -16.37318 1.000 164.94069 ? 8  DG C "C5'" 1 
ATOM 579 C "C4'" . DG C 3 1  ? -17.03739 -9.60665  -15.51743 1.000 156.11715 ? 8  DG C "C4'" 1 
ATOM 580 O "O4'" . DG C 3 1  ? -15.72989 -9.31595  -14.96039 1.000 137.33503 ? 8  DG C "O4'" 1 
ATOM 581 C "C3'" . DG C 3 1  ? -17.43970 -8.34985  -16.26798 1.000 160.72797 ? 8  DG C "C3'" 1 
ATOM 582 O "O3'" . DG C 3 1  ? -18.85011 -8.23204  -16.27467 1.000 172.55363 ? 8  DG C "O3'" 1 
ATOM 583 C "C2'" . DG C 3 1  ? -16.78648 -7.24783  -15.44065 1.000 180.31785 ? 8  DG C "C2'" 1 
ATOM 584 C "C1'" . DG C 3 1  ? -15.48973 -7.91793  -14.98663 1.000 149.81431 ? 8  DG C "C1'" 1 
ATOM 585 N N9    . DG C 3 1  ? -14.33827 -7.66821  -15.85754 1.000 156.81611 ? 8  DG C N9    1 
ATOM 586 C C8    . DG C 3 1  ? -13.47457 -8.61586  -16.36094 1.000 194.34502 ? 8  DG C C8    1 
ATOM 587 N N7    . DG C 3 1  ? -12.52597 -8.12243  -17.10749 1.000 171.28056 ? 8  DG C N7    1 
ATOM 588 C C5    . DG C 3 1  ? -12.76215 -6.75361  -17.09900 1.000 177.32921 ? 8  DG C C5    1 
ATOM 589 C C6    . DG C 3 1  ? -12.05109 -5.70634  -17.73673 1.000 175.81392 ? 8  DG C C6    1 
ATOM 590 O O6    . DG C 3 1  ? -11.04097 -5.77840  -18.45459 1.000 191.77031 ? 8  DG C O6    1 
ATOM 591 N N1    . DG C 3 1  ? -12.62100 -4.46461  -17.47181 1.000 164.67883 ? 8  DG C N1    1 
ATOM 592 C C2    . DG C 3 1  ? -13.73796 -4.25208  -16.69323 1.000 153.22776 ? 8  DG C C2    1 
ATOM 593 N N2    . DG C 3 1  ? -14.13093 -2.97315  -16.56960 1.000 194.39658 ? 8  DG C N2    1 
ATOM 594 N N3    . DG C 3 1  ? -14.42336 -5.22515  -16.08553 1.000 138.55066 ? 8  DG C N3    1 
ATOM 595 C C4    . DG C 3 1  ? -13.87747 -6.45139  -16.33161 1.000 143.89800 ? 8  DG C C4    1 
ATOM 596 P P     . DG C 3 2  ? -19.68528 -8.64763  -17.58267 1.000 219.21404 ? 9  DG C P     1 
ATOM 597 O OP1   . DG C 3 2  ? -20.92869 -9.29874  -17.11468 1.000 219.66980 ? 9  DG C OP1   1 
ATOM 598 O OP2   . DG C 3 2  ? -18.77600 -9.36644  -18.50483 1.000 218.96428 ? 9  DG C OP2   1 
ATOM 599 O "O5'" . DG C 3 2  ? -20.05542 -7.24606  -18.25457 1.000 179.35404 ? 9  DG C "O5'" 1 
ATOM 600 C "C5'" . DG C 3 2  ? -20.59579 -6.20138  -17.45444 1.000 201.47913 ? 9  DG C "C5'" 1 
ATOM 601 C "C4'" . DG C 3 2  ? -19.87232 -4.89569  -17.72552 1.000 223.63932 ? 9  DG C "C4'" 1 
ATOM 602 O "O4'" . DG C 3 2  ? -18.45729 -5.09167  -17.53299 1.000 225.07365 ? 9  DG C "O4'" 1 
ATOM 603 C "C3'" . DG C 3 2  ? -20.01865 -4.37610  -19.14516 1.000 202.17075 ? 9  DG C "C3'" 1 
ATOM 604 O "O3'" . DG C 3 2  ? -21.15056 -3.51492  -19.22277 1.000 229.82583 ? 9  DG C "O3'" 1 
ATOM 605 C "C2'" . DG C 3 2  ? -18.71742 -3.60722  -19.38152 1.000 209.10916 ? 9  DG C "C2'" 1 
ATOM 606 C "C1'" . DG C 3 2  ? -17.72887 -4.27028  -18.41892 1.000 203.29257 ? 9  DG C "C1'" 1 
ATOM 607 N N9    . DG C 3 2  ? -16.71470 -5.08558  -19.07417 1.000 217.71222 ? 9  DG C N9    1 
ATOM 608 C C8    . DG C 3 2  ? -16.60794 -6.45526  -19.04693 1.000 208.00945 ? 9  DG C C8    1 
ATOM 609 N N7    . DG C 3 2  ? -15.58335 -6.90864  -19.71443 1.000 198.20444 ? 9  DG C N7    1 
ATOM 610 C C5    . DG C 3 2  ? -14.96824 -5.76413  -20.21062 1.000 205.04297 ? 9  DG C C5    1 
ATOM 611 C C6    . DG C 3 2  ? -13.81147 -5.62461  -21.00923 1.000 188.67516 ? 9  DG C C6    1 
ATOM 612 O O6    . DG C 3 2  ? -13.06501 -6.50679  -21.45195 1.000 183.86835 ? 9  DG C O6    1 
ATOM 613 N N1    . DG C 3 2  ? -13.54033 -4.28885  -21.28485 1.000 195.59801 ? 9  DG C N1    1 
ATOM 614 C C2    . DG C 3 2  ? -14.29102 -3.22632  -20.84290 1.000 201.95088 ? 9  DG C C2    1 
ATOM 615 N N2    . DG C 3 2  ? -13.87667 -2.01201  -21.21110 1.000 238.73003 ? 9  DG C N2    1 
ATOM 616 N N3    . DG C 3 2  ? -15.37537 -3.34482  -20.09745 1.000 173.05636 ? 9  DG C N3    1 
ATOM 617 C C4    . DG C 3 2  ? -15.65575 -4.63866  -19.81899 1.000 203.73288 ? 9  DG C C4    1 
ATOM 618 P P     . DT C 3 3  ? -22.03835 -3.46876  -20.55997 1.000 327.60983 ? 10 DT C P     1 
ATOM 619 O OP1   . DT C 3 3  ? -22.56109 -2.09296  -20.70645 1.000 370.93152 ? 10 DT C OP1   1 
ATOM 620 O OP2   . DT C 3 3  ? -22.98529 -4.60748  -20.51835 1.000 369.67586 ? 10 DT C OP2   1 
ATOM 621 O "O5'" . DT C 3 3  ? -20.97346 -3.73401  -21.72167 1.000 309.43729 ? 10 DT C "O5'" 1 
ATOM 622 C "C5'" . DT C 3 3  ? -21.05415 -3.00868  -22.93698 1.000 332.36360 ? 10 DT C "C5'" 1 
ATOM 623 C "C4'" . DT C 3 3  ? -20.23002 -1.73391  -22.86891 1.000 320.87267 ? 10 DT C "C4'" 1 
ATOM 624 O "O4'" . DT C 3 3  ? -18.95375 -2.01661  -22.24240 1.000 305.77418 ? 10 DT C "O4'" 1 
ATOM 625 C "C3'" . DT C 3 3  ? -19.93600 -1.10167  -24.22638 1.000 323.60792 ? 10 DT C "C3'" 1 
ATOM 626 O "O3'" . DT C 3 3  ? -20.77597 0.03563   -24.41384 1.000 356.28737 ? 10 DT C "O3'" 1 
ATOM 627 C "C2'" . DT C 3 3  ? -18.46467 -0.68873  -24.14709 1.000 308.61480 ? 10 DT C "C2'" 1 
ATOM 628 C "C1'" . DT C 3 3  ? -17.88583 -1.59892  -23.06420 1.000 305.78624 ? 10 DT C "C1'" 1 
ATOM 629 N N1    . DT C 3 3  ? -17.18563 -2.81862  -23.58293 1.000 208.14717 ? 10 DT C N1    1 
ATOM 630 C C2    . DT C 3 3  ? -16.04075 -2.68469  -24.34427 1.000 209.22287 ? 10 DT C C2    1 
ATOM 631 O O2    . DT C 3 3  ? -15.55506 -1.60874  -24.64683 1.000 210.14780 ? 10 DT C O2    1 
ATOM 632 N N3    . DT C 3 3  ? -15.48492 -3.87168  -24.75380 1.000 209.31579 ? 10 DT C N3    1 
ATOM 633 C C4    . DT C 3 3  ? -15.94108 -5.14812  -24.48183 1.000 208.44415 ? 10 DT C C4    1 
ATOM 634 O O4    . DT C 3 3  ? -15.36617 -6.15321  -24.89317 1.000 208.72083 ? 10 DT C O4    1 
ATOM 635 C C5    . DT C 3 3  ? -17.13301 -5.21500  -23.67097 1.000 207.32593 ? 10 DT C C5    1 
ATOM 636 C C7    . DT C 3 3  ? -17.71991 -6.54362  -23.30730 1.000 206.44474 ? 10 DT C C7    1 
ATOM 637 C C6    . DT C 3 3  ? -17.68744 -4.06269  -23.26327 1.000 207.24610 ? 10 DT C C6    1 
ATOM 638 P P     . DG C 3 4  ? -21.86445 0.07658   -25.59800 1.000 388.36515 ? 11 DG C P     1 
ATOM 639 O OP1   . DG C 3 4  ? -22.10438 1.50587   -25.91936 1.000 384.94831 ? 11 DG C OP1   1 
ATOM 640 O OP2   . DG C 3 4  ? -22.99964 -0.78534  -25.19775 1.000 430.93070 ? 11 DG C OP2   1 
ATOM 641 O "O5'" . DG C 3 4  ? -21.14045 -0.65196  -26.82635 1.000 367.26953 ? 11 DG C "O5'" 1 
ATOM 642 C "C5'" . DG C 3 4  ? -21.37167 -0.20582  -28.16310 1.000 388.14763 ? 11 DG C "C5'" 1 
ATOM 643 C "C4'" . DG C 3 4  ? -20.29471 0.77522   -28.58121 1.000 380.60023 ? 11 DG C "C4'" 1 
ATOM 644 O "O4'" . DG C 3 4  ? -19.24534 0.76378   -27.57443 1.000 329.13333 ? 11 DG C "O4'" 1 
ATOM 645 C "C3'" . DG C 3 4  ? -19.60042 0.44900   -29.90562 1.000 371.41204 ? 11 DG C "C3'" 1 
ATOM 646 O "O3'" . DG C 3 4  ? -20.17663 1.18793   -30.96723 1.000 395.05656 ? 11 DG C "O3'" 1 
ATOM 647 C "C2'" . DG C 3 4  ? -18.17008 0.89302   -29.64088 1.000 351.73432 ? 11 DG C "C2'" 1 
ATOM 648 C "C1'" . DG C 3 4  ? -18.00498 0.48660   -28.18302 1.000 354.22894 ? 11 DG C "C1'" 1 
ATOM 649 N N9    . DG C 3 4  ? -17.71760 -0.93932  -28.00414 1.000 234.11031 ? 11 DG C N9    1 
ATOM 650 C C8    . DG C 3 4  ? -18.52778 -1.88089  -27.40479 1.000 232.72051 ? 11 DG C C8    1 
ATOM 651 N N7    . DG C 3 4  ? -18.02010 -3.08040  -27.39643 1.000 232.27995 ? 11 DG C N7    1 
ATOM 652 C C5    . DG C 3 4  ? -16.79156 -2.93221  -28.02465 1.000 233.44810 ? 11 DG C C5    1 
ATOM 653 C C6    . DG C 3 4  ? -15.79609 -3.89360  -28.30373 1.000 233.73927 ? 11 DG C C6    1 
ATOM 654 O O6    . DG C 3 4  ? -15.79995 -5.10992  -28.04110 1.000 232.97604 ? 11 DG C O6    1 
ATOM 655 N N1    . DG C 3 4  ? -14.70782 -3.32537  -28.95563 1.000 235.22140 ? 11 DG C N1    1 
ATOM 656 C C2    . DG C 3 4  ? -14.58558 -1.99941  -29.29683 1.000 236.29462 ? 11 DG C C2    1 
ATOM 657 N N2    . DG C 3 4  ? -13.44997 -1.65766  -29.92241 1.000 237.80290 ? 11 DG C N2    1 
ATOM 658 N N3    . DG C 3 4  ? -15.50981 -1.07923  -29.04293 1.000 236.04340 ? 11 DG C N3    1 
ATOM 659 C C4    . DG C 3 4  ? -16.58593 -1.61502  -28.40604 1.000 234.59290 ? 11 DG C C4    1 
ATOM 660 P P     . DC D 4 1  ? 23.74211  12.35368  26.13180  1.000 298.68222 ? -2 DC D P     1 
ATOM 661 O OP1   . DC D 4 1  ? 23.77746  13.51384  27.04232  1.000 303.33411 ? -2 DC D OP1   1 
ATOM 662 O OP2   . DC D 4 1  ? 22.91198  11.16865  26.45939  1.000 294.42083 ? -2 DC D OP2   1 
ATOM 663 O "O5'" . DC D 4 1  ? 23.25846  12.93307  24.72565  1.000 293.12266 ? -2 DC D "O5'" 1 
ATOM 664 C "C5'" . DC D 4 1  ? 24.20350  13.38581  23.75165  1.000 295.31271 ? -2 DC D "C5'" 1 
ATOM 665 C "C4'" . DC D 4 1  ? 23.55838  13.41521  22.37715  1.000 288.59218 ? -2 DC D "C4'" 1 
ATOM 666 O "O4'" . DC D 4 1  ? 22.41124  12.51887  22.37159  1.000 281.97521 ? -2 DC D "O4'" 1 
ATOM 667 C "C3'" . DC D 4 1  ? 23.02748  14.77433  21.93901  1.000 287.15210 ? -2 DC D "C3'" 1 
ATOM 668 O "O3'" . DC D 4 1  ? 23.14599  14.91061  20.52335  1.000 284.23542 ? -2 DC D "O3'" 1 
ATOM 669 C "C2'" . DC D 4 1  ? 21.56501  14.72277  22.37687  1.000 281.57774 ? -2 DC D "C2'" 1 
ATOM 670 C "C1'" . DC D 4 1  ? 21.21568  13.25073  22.18184  1.000 277.08917 ? -2 DC D "C1'" 1 
ATOM 671 N N1    . DC D 4 1  ? 20.11398  12.76836  23.13203  1.000 274.13642 ? -2 DC D N1    1 
ATOM 672 C C2    . DC D 4 1  ? 20.32461  11.72640  24.07691  1.000 276.40211 ? -2 DC D C2    1 
ATOM 673 O O2    . DC D 4 1  ? 21.41819  11.15353  24.14640  1.000 280.72249 ? -2 DC D O2    1 
ATOM 674 N N3    . DC D 4 1  ? 19.29717  11.36502  24.89074  1.000 273.91420 ? -2 DC D N3    1 
ATOM 675 C C4    . DC D 4 1  ? 18.11675  11.98082  24.80341  1.000 269.37048 ? -2 DC D C4    1 
ATOM 676 N N4    . DC D 4 1  ? 17.13910  11.58215  25.62941  1.000 267.32649 ? -2 DC D N4    1 
ATOM 677 C C5    . DC D 4 1  ? 17.88488  13.02980  23.86514  1.000 266.96852 ? -2 DC D C5    1 
ATOM 678 C C6    . DC D 4 1  ? 18.89609  13.38684  23.06490  1.000 269.49885 ? -2 DC D C6    1 
ATOM 679 P P     . DT D 4 2  ? 24.37028  15.73227  19.87880  1.000 317.81614 ? -1 DT D P     1 
ATOM 680 O OP1   . DT D 4 2  ? 25.62314  15.10093  20.35060  1.000 323.82292 ? -1 DT D OP1   1 
ATOM 681 O OP2   . DT D 4 2  ? 24.13117  17.16932  20.14530  1.000 320.07217 ? -1 DT D OP2   1 
ATOM 682 O "O5'" . DT D 4 2  ? 24.22825  15.47865  18.30163  1.000 312.94393 ? -1 DT D "O5'" 1 
ATOM 683 C "C5'" . DT D 4 2  ? 23.25049  14.57553  17.81255  1.000 305.55921 ? -1 DT D "C5'" 1 
ATOM 684 C "C4'" . DT D 4 2  ? 23.70622  13.13681  17.97899  1.000 305.81852 ? -1 DT D "C4'" 1 
ATOM 685 O "O4'" . DT D 4 2  ? 23.01413  12.53795  19.10819  1.000 304.30971 ? -1 DT D "O4'" 1 
ATOM 686 C "C3'" . DT D 4 2  ? 23.40858  12.23326  16.78285  1.000 300.36261 ? -1 DT D "C3'" 1 
ATOM 687 O "O3'" . DT D 4 2  ? 24.44241  11.30167  16.60885  1.000 303.75174 ? -1 DT D "O3'" 1 
ATOM 688 C "C2'" . DT D 4 2  ? 22.13256  11.53421  17.20002  1.000 294.21765 ? -1 DT D "C2'" 1 
ATOM 689 C "C1'" . DT D 4 2  ? 22.37160  11.35726  18.68703  1.000 298.63078 ? -1 DT D "C1'" 1 
ATOM 690 N N1    . DT D 4 2  ? 21.11805  11.20973  19.44160  1.000 294.45211 ? -1 DT D N1    1 
ATOM 691 C C2    . DT D 4 2  ? 21.03565  10.27082  20.43761  1.000 295.49835 ? -1 DT D C2    1 
ATOM 692 O O2    . DT D 4 2  ? 21.96316  9.54773   20.74952  1.000 299.78290 ? -1 DT D O2    1 
ATOM 693 N N3    . DT D 4 2  ? 19.82052  10.21191  21.06588  1.000 291.58651 ? -1 DT D N3    1 
ATOM 694 C C4    . DT D 4 2  ? 18.70155  10.98117  20.79236  1.000 286.74227 ? -1 DT D C4    1 
ATOM 695 O O4    . DT D 4 2  ? 17.65042  10.85569  21.41166  1.000 283.66225 ? -1 DT D O4    1 
ATOM 696 C C5    . DT D 4 2  ? 18.86005  11.94449  19.72886  1.000 285.85326 ? -1 DT D C5    1 
ATOM 697 C C7    . DT D 4 2  ? 17.71913  12.83845  19.33903  1.000 280.98415 ? -1 DT D C7    1 
ATOM 698 C C6    . DT D 4 2  ? 20.04500  12.00731  19.11180  1.000 289.73027 ? -1 DT D C6    1 
ATOM 699 P P     . DG D 4 3  ? 25.16287  11.16867  15.18299  1.000 294.04258 ? 0  DG D P     1 
ATOM 700 O OP1   . DG D 4 3  ? 26.53795  11.68448  15.34847  1.000 301.94018 ? 0  DG D OP1   1 
ATOM 701 O OP2   . DG D 4 3  ? 24.26425  11.77687  14.17780  1.000 288.38837 ? 0  DG D OP2   1 
ATOM 702 O "O5'" . DG D 4 3  ? 25.21891  9.59101   14.91543  1.000 291.91130 ? 0  DG D "O5'" 1 
ATOM 703 C "C5'" . DG D 4 3  ? 24.03030  8.88167   14.57851  1.000 284.56960 ? 0  DG D "C5'" 1 
ATOM 704 C "C4'" . DG D 4 3  ? 23.85034  7.65727   15.46490  1.000 284.33637 ? 0  DG D "C4'" 1 
ATOM 705 O "O4'" . DG D 4 3  ? 23.07650  8.01549   16.62064  1.000 283.36829 ? 0  DG D "O4'" 1 
ATOM 706 C "C3'" . DG D 4 3  ? 23.08646  6.51084   14.81352  1.000 278.30442 ? 0  DG D "C3'" 1 
ATOM 707 O "O3'" . DG D 4 3  ? 23.99851  5.57259   14.26370  1.000 281.06445 ? 0  DG D "O3'" 1 
ATOM 708 C "C2'" . DG D 4 3  ? 22.25986  5.89028   15.95200  1.000 276.26313 ? 0  DG D "C2'" 1 
ATOM 709 C "C1'" . DG D 4 3  ? 22.41636  6.87244   17.11027  1.000 280.32776 ? 0  DG D "C1'" 1 
ATOM 710 N N9    . DG D 4 3  ? 21.16125  7.29927   17.72775  1.000 276.15154 ? 0  DG D N9    1 
ATOM 711 C C8    . DG D 4 3  ? 20.55152  8.52647   17.59925  1.000 274.08408 ? 0  DG D C8    1 
ATOM 712 N N7    . DG D 4 3  ? 19.45394  8.63935   18.29373  1.000 270.80030 ? 0  DG D N7    1 
ATOM 713 C C5    . DG D 4 3  ? 19.33226  7.41420   18.93450  1.000 270.74714 ? 0  DG D C5    1 
ATOM 714 C C6    . DG D 4 3  ? 18.33629  6.94830   19.82306  1.000 268.18387 ? 0  DG D C6    1 
ATOM 715 O O6    . DG D 4 3  ? 17.32958  7.54615   20.23332  1.000 265.29614 ? 0  DG D O6    1 
ATOM 716 N N1    . DG D 4 3  ? 18.58953  5.64613   20.23952  1.000 269.52631 ? 0  DG D N1    1 
ATOM 717 C C2    . DG D 4 3  ? 19.66948  4.88681   19.85313  1.000 272.93673 ? 0  DG D C2    1 
ATOM 718 N N2    . DG D 4 3  ? 19.73548  3.64917   20.36370  1.000 274.01549 ? 0  DG D N2    1 
ATOM 719 N N3    . DG D 4 3  ? 20.61367  5.30902   19.01793  1.000 275.35841 ? 0  DG D N3    1 
ATOM 720 C C4    . DG D 4 3  ? 20.38065  6.57896   18.60056  1.000 274.07296 ? 0  DG D C4    1 
ATOM 721 P P     . DC D 4 4  ? 23.57192  4.69614   12.98818  1.000 419.53302 ? 1  DC D P     1 
ATOM 722 O OP1   . DC D 4 4  ? 24.79957  4.08559   12.43472  1.000 476.91566 ? 1  DC D OP1   1 
ATOM 723 O OP2   . DC D 4 4  ? 22.71071  5.53647   12.12570  1.000 328.59521 ? 1  DC D OP2   1 
ATOM 724 O "O5'" . DC D 4 4  ? 22.64892  3.54990   13.60731  1.000 344.77853 ? 1  DC D "O5'" 1 
ATOM 725 C "C5'" . DC D 4 4  ? 23.18195  2.64541   14.55777  1.000 355.17760 ? 1  DC D "C5'" 1 
ATOM 726 C "C4'" . DC D 4 4  ? 22.06593  1.92001   15.28003  1.000 351.16220 ? 1  DC D "C4'" 1 
ATOM 727 O "O4'" . DC D 4 4  ? 21.27278  2.87981   16.03692  1.000 333.07501 ? 1  DC D "O4'" 1 
ATOM 728 C "C3'" . DC D 4 4  ? 21.07692  1.18351   14.36342  1.000 284.37398 ? 1  DC D "C3'" 1 
ATOM 729 O "O3'" . DC D 4 4  ? 20.80093  -0.13183  14.88829  1.000 284.20519 ? 1  DC D "O3'" 1 
ATOM 730 C "C2'" . DC D 4 4  ? 19.84679  2.09133   14.39264  1.000 291.13916 ? 1  DC D "C2'" 1 
ATOM 731 C "C1'" . DC D 4 4  ? 19.91407  2.59362   15.82026  1.000 328.58898 ? 1  DC D "C1'" 1 
ATOM 732 N N1    . DC D 4 4  ? 19.07716  3.80120   16.09055  1.000 292.06063 ? 1  DC D N1    1 
ATOM 733 C C2    . DC D 4 4  ? 18.17488  3.77592   17.15919  1.000 264.78816 ? 1  DC D C2    1 
ATOM 734 O O2    . DC D 4 4  ? 18.11420  2.76025   17.86642  1.000 265.90489 ? 1  DC D O2    1 
ATOM 735 N N3    . DC D 4 4  ? 17.40937  4.86821   17.39912  1.000 262.41172 ? 1  DC D N3    1 
ATOM 736 C C4    . DC D 4 4  ? 17.51390  5.94342   16.61075  1.000 261.60158 ? 1  DC D C4    1 
ATOM 737 N N4    . DC D 4 4  ? 16.73738  6.99929   16.88363  1.000 259.51299 ? 1  DC D N4    1 
ATOM 738 C C5    . DC D 4 4  ? 18.42135  5.98299   15.50903  1.000 263.22288 ? 1  DC D C5    1 
ATOM 739 C C6    . DC D 4 4  ? 19.16843  4.89630   15.28215  1.000 269.47411 ? 1  DC D C6    1 
ATOM 740 P P     . DT D 4 5  ? 19.30876  -0.73318  14.86436  1.000 294.35245 ? 2  DT D P     1 
ATOM 741 O OP1   . DT D 4 5  ? 18.76941  -0.62085  13.48951  1.000 304.96079 ? 2  DT D OP1   1 
ATOM 742 O OP2   . DT D 4 5  ? 18.60389  -0.14811  16.02609  1.000 281.07379 ? 2  DT D OP2   1 
ATOM 743 O "O5'" . DT D 4 5  ? 19.48999  -2.28400  15.21491  1.000 356.59757 ? 2  DT D "O5'" 1 
ATOM 744 C "C5'" . DT D 4 5  ? 18.59905  -3.24782  14.65186  1.000 319.57928 ? 2  DT D "C5'" 1 
ATOM 745 C "C4'" . DT D 4 5  ? 17.32939  -3.39855  15.48350  1.000 287.43243 ? 2  DT D "C4'" 1 
ATOM 746 O "O4'" . DT D 4 5  ? 16.99204  -2.13868  16.10512  1.000 243.65974 ? 2  DT D "O4'" 1 
ATOM 747 C "C3'" . DT D 4 5  ? 16.10027  -3.83853  14.69030  1.000 295.88422 ? 2  DT D "C3'" 1 
ATOM 748 O "O3'" . DT D 4 5  ? 15.73416  -5.21440  14.99784  1.000 312.44275 ? 2  DT D "O3'" 1 
ATOM 749 C "C2'" . DT D 4 5  ? 14.99391  -2.83369  15.04074  1.000 273.00969 ? 2  DT D "C2'" 1 
ATOM 750 C "C1'" . DT D 4 5  ? 15.59719  -1.93916  16.12065  1.000 264.19788 ? 2  DT D "C1'" 1 
ATOM 751 N N1    . DT D 4 5  ? 15.32804  -0.46117  15.90570  1.000 275.24975 ? 2  DT D N1    1 
ATOM 752 C C2    . DT D 4 5  ? 14.49695  0.22524   16.77737  1.000 276.62889 ? 2  DT D C2    1 
ATOM 753 O O2    . DT D 4 5  ? 13.94737  -0.29823  17.73052  1.000 252.40897 ? 2  DT D O2    1 
ATOM 754 N N3    . DT D 4 5  ? 14.33695  1.56289   16.48337  1.000 265.24042 ? 2  DT D N3    1 
ATOM 755 C C4    . DT D 4 5  ? 14.91060  2.26044   15.43216  1.000 238.27276 ? 2  DT D C4    1 
ATOM 756 O O4    . DT D 4 5  ? 14.71178  3.45724   15.24430  1.000 207.79493 ? 2  DT D O4    1 
ATOM 757 C C5    . DT D 4 5  ? 15.76405  1.48330   14.56698  1.000 232.41364 ? 2  DT D C5    1 
ATOM 758 C C7    . DT D 4 5  ? 16.43716  2.13499   13.39709  1.000 224.97062 ? 2  DT D C7    1 
ATOM 759 C C6    . DT D 4 5  ? 15.92548  0.17947   14.83858  1.000 245.07535 ? 2  DT D C6    1 
ATOM 760 P P     . DA D 4 6  ? 15.17176  -5.66423  16.44293  1.000 381.63244 ? 3  DA D P     1 
ATOM 761 O OP1   . DA D 4 6  ? 15.96393  -5.06261  17.53642  1.000 395.05998 ? 3  DA D OP1   1 
ATOM 762 O OP2   . DA D 4 6  ? 15.04345  -7.13631  16.38799  1.000 416.70250 ? 3  DA D OP2   1 
ATOM 763 O "O5'" . DA D 4 6  ? 13.68666  -5.07688  16.50517  1.000 295.94529 ? 3  DA D "O5'" 1 
ATOM 764 C "C5'" . DA D 4 6  ? 13.06985  -4.86618  17.76716  1.000 339.87860 ? 3  DA D "C5'" 1 
ATOM 765 C "C4'" . DA D 4 6  ? 11.76400  -4.10457  17.62428  1.000 310.48172 ? 3  DA D "C4'" 1 
ATOM 766 O "O4'" . DA D 4 6  ? 12.01481  -2.73797  17.17218  1.000 304.37313 ? 3  DA D "O4'" 1 
ATOM 767 C "C3'" . DA D 4 6  ? 10.76676  -4.69028  16.61356  1.000 315.70347 ? 3  DA D "C3'" 1 
ATOM 768 O "O3'" . DA D 4 6  ? 9.45965   -4.52328  17.11322  1.000 287.07522 ? 3  DA D "O3'" 1 
ATOM 769 C "C2'" . DA D 4 6  ? 10.97107  -3.77550  15.41620  1.000 355.51653 ? 3  DA D "C2'" 1 
ATOM 770 C "C1'" . DA D 4 6  ? 11.07553  -2.46682  16.16371  1.000 293.63056 ? 3  DA D "C1'" 1 
ATOM 771 N N9    . DA D 4 6  ? 11.48114  -1.32176  15.35068  1.000 202.54988 ? 3  DA D N9    1 
ATOM 772 C C8    . DA D 4 6  ? 12.31834  -1.31910  14.27153  1.000 203.56551 ? 3  DA D C8    1 
ATOM 773 N N7    . DA D 4 6  ? 12.47451  -0.13622  13.72435  1.000 202.86322 ? 3  DA D N7    1 
ATOM 774 C C5    . DA D 4 6  ? 11.66182  0.68966   14.48469  1.000 201.11426 ? 3  DA D C5    1 
ATOM 775 C C6    . DA D 4 6  ? 11.37610  2.06897   14.41745  1.000 199.91893 ? 3  DA D C6    1 
ATOM 776 N N6    . DA D 4 6  ? 11.90725  2.88285   13.50268  1.000 200.30248 ? 3  DA D N6    1 
ATOM 777 N N1    . DA D 4 6  ? 10.51714  2.57936   15.33203  1.000 198.62245 ? 3  DA D N1    1 
ATOM 778 C C2    . DA D 4 6  ? 9.98882   1.75724   16.24484  1.000 198.54239 ? 3  DA D C2    1 
ATOM 779 N N3    . DA D 4 6  ? 10.18294  0.44872   16.40640  1.000 199.62752 ? 3  DA D N3    1 
ATOM 780 C C4    . DA D 4 6  ? 11.03764  -0.02688  15.48502  1.000 200.86830 ? 3  DA D C4    1 
ATOM 781 P P     . DC D 4 7  ? 8.66811   -5.72782  17.81497  1.000 314.25209 ? 4  DC D P     1 
ATOM 782 O OP1   . DC D 4 7  ? 9.48027   -6.18867  18.96322  1.000 307.19191 ? 4  DC D OP1   1 
ATOM 783 O OP2   . DC D 4 7  ? 8.27215   -6.68904  16.76217  1.000 309.92620 ? 4  DC D OP2   1 
ATOM 784 O "O5'" . DC D 4 7  ? 7.34995   -5.00424  18.36222  1.000 314.16752 ? 4  DC D "O5'" 1 
ATOM 785 C "C5'" . DC D 4 7  ? 7.48115   -3.82635  19.15480  1.000 296.07340 ? 4  DC D "C5'" 1 
ATOM 786 C "C4'" . DC D 4 7  ? 6.64365   -2.67801  18.60552  1.000 318.12813 ? 4  DC D "C4'" 1 
ATOM 787 O "O4'" . DC D 4 7  ? 7.39774   -1.90535  17.63204  1.000 308.32023 ? 4  DC D "O4'" 1 
ATOM 788 C "C3'" . DC D 4 7  ? 5.33326   -3.07668  17.91384  1.000 271.95675 ? 4  DC D "C3'" 1 
ATOM 789 O "O3'" . DC D 4 7  ? 4.25625   -2.41570  18.55825  1.000 275.20009 ? 4  DC D "O3'" 1 
ATOM 790 C "C2'" . DC D 4 7  ? 5.52372   -2.58390  16.47044  1.000 254.11570 ? 4  DC D "C2'" 1 
ATOM 791 C "C1'" . DC D 4 7  ? 6.49336   -1.43306  16.66839  1.000 265.10766 ? 4  DC D "C1'" 1 
ATOM 792 N N1    . DC D 4 7  ? 7.24226   -1.04480  15.42507  1.000 213.04227 ? 4  DC D N1    1 
ATOM 793 C C2    . DC D 4 7  ? 7.23097   0.29177   14.98907  1.000 211.78466 ? 4  DC D C2    1 
ATOM 794 O O2    . DC D 4 7  ? 6.60964   1.13938   15.64497  1.000 211.06598 ? 4  DC D O2    1 
ATOM 795 N N3    . DC D 4 7  ? 7.90957   0.62004   13.85756  1.000 211.72378 ? 4  DC D N3    1 
ATOM 796 C C4    . DC D 4 7  ? 8.56927   -0.31831  13.17622  1.000 212.82081 ? 4  DC D C4    1 
ATOM 797 N N4    . DC D 4 7  ? 9.22193   0.05364   12.06747  1.000 213.00901 ? 4  DC D N4    1 
ATOM 798 C C5    . DC D 4 7  ? 8.58863   -1.68045  13.60139  1.000 214.09582 ? 4  DC D C5    1 
ATOM 799 C C6    . DC D 4 7  ? 7.91624   -1.99571  14.71671  1.000 214.13916 ? 4  DC D C6    1 
ATOM 800 P P     . DT D 4 8  ? 2.73040   -2.67412  18.12508  1.000 262.24640 ? 5  DT D P     1 
ATOM 801 O OP1   . DT D 4 8  ? 2.05996   -3.23112  19.32135  1.000 258.10150 ? 5  DT D OP1   1 
ATOM 802 O OP2   . DT D 4 8  ? 2.66708   -3.42242  16.84746  1.000 283.31157 ? 5  DT D OP2   1 
ATOM 803 O "O5'" . DT D 4 8  ? 2.18464   -1.19509  17.85368  1.000 240.84835 ? 5  DT D "O5'" 1 
ATOM 804 C "C5'" . DT D 4 8  ? 2.98146   -0.28098  17.10584  1.000 227.15551 ? 5  DT D "C5'" 1 
ATOM 805 C "C4'" . DT D 4 8  ? 2.29625   1.06501   16.96262  1.000 233.97096 ? 5  DT D "C4'" 1 
ATOM 806 O "O4'" . DT D 4 8  ? 3.00551   1.84686   15.97711  1.000 230.54819 ? 5  DT D "O4'" 1 
ATOM 807 C "C3'" . DT D 4 8  ? 0.86925   1.00687   16.44631  1.000 225.66356 ? 5  DT D "C3'" 1 
ATOM 808 O "O3'" . DT D 4 8  ? 0.16446   2.19603   16.80345  1.000 228.74403 ? 5  DT D "O3'" 1 
ATOM 809 C "C2'" . DT D 4 8  ? 1.08139   0.91965   14.94317  1.000 185.19288 ? 5  DT D "C2'" 1 
ATOM 810 C "C1'" . DT D 4 8  ? 2.31294   1.79874   14.74003  1.000 219.66026 ? 5  DT D "C1'" 1 
ATOM 811 N N1    . DT D 4 8  ? 3.22741   1.26360   13.71260  1.000 212.64238 ? 5  DT D N1    1 
ATOM 812 C C2    . DT D 4 8  ? 3.71262   2.10199   12.74006  1.000 208.76733 ? 5  DT D C2    1 
ATOM 813 O O2    . DT D 4 8  ? 3.43907   3.28792   12.68271  1.000 218.91675 ? 5  DT D O2    1 
ATOM 814 N N3    . DT D 4 8  ? 4.54352   1.50047   11.83259  1.000 202.94202 ? 5  DT D N3    1 
ATOM 815 C C4    . DT D 4 8  ? 4.92231   0.17093   11.80003  1.000 200.54985 ? 5  DT D C4    1 
ATOM 816 O O4    . DT D 4 8  ? 5.67710   -0.27568  10.94359  1.000 207.67995 ? 5  DT D O4    1 
ATOM 817 C C5    . DT D 4 8  ? 4.36943   -0.65272  12.84688  1.000 213.06006 ? 5  DT D C5    1 
ATOM 818 C C7    . DT D 4 8  ? 4.70613   -2.11099  12.91738  1.000 202.09907 ? 5  DT D C7    1 
ATOM 819 C C6    . DT D 4 8  ? 3.55555   -0.07421  13.73798  1.000 212.26528 ? 5  DT D C6    1 
ATOM 820 P P     . DG D 4 9  ? -1.34966  2.42750   16.30589  1.000 199.39403 ? 6  DG D P     1 
ATOM 821 O OP1   . DG D 4 9  ? -2.07707  3.13207   17.38605  1.000 194.40753 ? 6  DG D OP1   1 
ATOM 822 O OP2   . DG D 4 9  ? -1.88641  1.14925   15.78678  1.000 189.35208 ? 6  DG D OP2   1 
ATOM 823 O "O5'" . DG D 4 9  ? -1.19878  3.41000   15.05746  1.000 190.53954 ? 6  DG D "O5'" 1 
ATOM 824 C "C5'" . DG D 4 9  ? -0.65515  4.70639   15.23393  1.000 203.56327 ? 6  DG D "C5'" 1 
ATOM 825 C "C4'" . DG D 4 9  ? -0.48214  5.38762   13.89311  1.000 191.11131 ? 6  DG D "C4'" 1 
ATOM 826 O "O4'" . DG D 4 9  ? 0.46905   4.63184   13.09318  1.000 192.06404 ? 6  DG D "O4'" 1 
ATOM 827 C "C3'" . DG D 4 9  ? -1.76326  5.47762   13.05430  1.000 183.82998 ? 6  DG D "C3'" 1 
ATOM 828 O "O3'" . DG D 4 9  ? -1.85644  6.75704   12.41190  1.000 182.78490 ? 6  DG D "O3'" 1 
ATOM 829 C "C2'" . DG D 4 9  ? -1.58858  4.35328   12.03785  1.000 180.87182 ? 6  DG D "C2'" 1 
ATOM 830 C "C1'" . DG D 4 9  ? -0.08819  4.38933   11.82183  1.000 186.23839 ? 6  DG D "C1'" 1 
ATOM 831 N N9    . DG D 4 9  ? 0.45651   3.14469   11.28680  1.000 186.34028 ? 6  DG D N9    1 
ATOM 832 C C8    . DG D 4 9  ? 0.17618   1.86411   11.70125  1.000 185.81204 ? 6  DG D C8    1 
ATOM 833 N N7    . DG D 4 9  ? 0.81167   0.94867   11.02049  1.000 206.47510 ? 6  DG D N7    1 
ATOM 834 C C5    . DG D 4 9  ? 1.55992   1.67056   10.09777  1.000 187.31921 ? 6  DG D C5    1 
ATOM 835 C C6    . DG D 4 9  ? 2.45082   1.22370   9.09241   1.000 188.54135 ? 6  DG D C6    1 
ATOM 836 O O6    . DG D 4 9  ? 2.76628   0.06037   8.80713   1.000 189.06784 ? 6  DG D O6    1 
ATOM 837 N N1    . DG D 4 9  ? 2.99847   2.28840   8.37874   1.000 189.52548 ? 6  DG D N1    1 
ATOM 838 C C2    . DG D 4 9  ? 2.72042   3.61532   8.60944   1.000 189.42121 ? 6  DG D C2    1 
ATOM 839 N N2    . DG D 4 9  ? 3.34151   4.50414   7.81884   1.000 229.92284 ? 6  DG D N2    1 
ATOM 840 N N3    . DG D 4 9  ? 1.88864   4.04439   9.54733   1.000 188.34129 ? 6  DG D N3    1 
ATOM 841 C C4    . DG D 4 9  ? 1.34811   3.02148   10.24954  1.000 187.29329 ? 6  DG D C4    1 
ATOM 842 P P     . DT D 4 10 ? -3.27173  7.28993   11.85350  1.000 168.07263 ? 7  DT D P     1 
ATOM 843 O OP1   . DT D 4 10 ? -3.54060  8.60429   12.47908  1.000 178.96151 ? 7  DT D OP1   1 
ATOM 844 O OP2   . DT D 4 10 ? -4.26095  6.19343   11.98399  1.000 222.45218 ? 7  DT D OP2   1 
ATOM 845 O "O5'" . DT D 4 10 ? -3.01088  7.54915   10.29565  1.000 161.22548 ? 7  DT D "O5'" 1 
ATOM 846 C "C5'" . DT D 4 10 ? -3.16632  6.49292   9.35407   1.000 157.10308 ? 7  DT D "C5'" 1 
ATOM 847 C "C4'" . DT D 4 10 ? -2.25509  6.72185   8.17176   1.000 157.99621 ? 7  DT D "C4'" 1 
ATOM 848 O "O4'" . DT D 4 10 ? -1.01248  6.01231   8.38747   1.000 162.83679 ? 7  DT D "O4'" 1 
ATOM 849 C "C3'" . DT D 4 10 ? -2.76019  6.20409   6.84034   1.000 152.35250 ? 7  DT D "C3'" 1 
ATOM 850 O "O3'" . DT D 4 10 ? -3.62938  7.14809   6.24049   1.000 159.29479 ? 7  DT D "O3'" 1 
ATOM 851 C "C2'" . DT D 4 10 ? -1.45227  6.08974   6.07659   1.000 155.83901 ? 7  DT D "C2'" 1 
ATOM 852 C "C1'" . DT D 4 10 ? -0.53633  5.51605   7.15098   1.000 161.50060 ? 7  DT D "C1'" 1 
ATOM 853 N N1    . DT D 4 10 ? -0.52922  4.01802   7.19628   1.000 160.58034 ? 7  DT D N1    1 
ATOM 854 C C2    . DT D 4 10 ? 0.27698   3.33390   6.31903   1.000 161.63304 ? 7  DT D C2    1 
ATOM 855 O O2    . DT D 4 10 ? 0.98737   3.88652   5.49722   1.000 277.97139 ? 7  DT D O2    1 
ATOM 856 N N3    . DT D 4 10 ? 0.22036   1.97274   6.43408   1.000 161.07934 ? 7  DT D N3    1 
ATOM 857 C C4    . DT D 4 10 ? -0.54528  1.24259   7.32273   1.000 159.64025 ? 7  DT D C4    1 
ATOM 858 O O4    . DT D 4 10 ? -0.52698  0.01926   7.34813   1.000 209.87666 ? 7  DT D O4    1 
ATOM 859 C C5    . DT D 4 10 ? -1.36782  2.02147   8.21838   1.000 158.56529 ? 7  DT D C5    1 
ATOM 860 C C7    . DT D 4 10 ? -2.24112  1.34117   9.22686   1.000 157.29469 ? 7  DT D C7    1 
ATOM 861 C C6    . DT D 4 10 ? -1.31983  3.35396   8.11532   1.000 159.09155 ? 7  DT D C6    1 
# 
loop_
_atom_site_anisotrop.id 
_atom_site_anisotrop.type_symbol 
_atom_site_anisotrop.pdbx_label_atom_id 
_atom_site_anisotrop.pdbx_label_alt_id 
_atom_site_anisotrop.pdbx_label_comp_id 
_atom_site_anisotrop.pdbx_label_asym_id 
_atom_site_anisotrop.pdbx_label_seq_id 
_atom_site_anisotrop.pdbx_PDB_ins_code 
_atom_site_anisotrop.U[1][1] 
_atom_site_anisotrop.U[2][2] 
_atom_site_anisotrop.U[3][3] 
_atom_site_anisotrop.U[1][2] 
_atom_site_anisotrop.U[1][3] 
_atom_site_anisotrop.U[2][3] 
_atom_site_anisotrop.pdbx_auth_seq_id 
_atom_site_anisotrop.pdbx_auth_comp_id 
_atom_site_anisotrop.pdbx_auth_asym_id 
_atom_site_anisotrop.pdbx_auth_atom_id 
1   P P     . DG A 1  ? 5.34352 6.13985 3.85429 -0.46282 -0.39030 0.00382  4  DG A P     
2   O OP1   . DG A 1  ? 5.33830 6.13401 3.84265 -0.47189 -0.38734 0.00293  4  DG A OP1   
3   O OP2   . DG A 1  ? 4.65135 5.44104 3.16061 -0.45068 -0.39006 0.00544  4  DG A OP2   
4   O "O5'" . DG A 1  ? 5.07797 5.88895 3.60825 -0.46263 -0.39901 0.00586  4  DG A "O5'" 
5   C "C5'" . DG A 1  ? 4.98519 5.80265 3.52901 -0.45520 -0.40564 0.00919  4  DG A "C5'" 
6   C "C4'" . DG A 1  ? 5.01527 5.83507 3.55975 -0.45962 -0.40614 0.01041  4  DG A "C4'" 
7   O "O4'" . DG A 1  ? 4.35242 5.17819 2.89733 -0.47143 -0.40595 0.00903  4  DG A "O4'" 
8   C "C3'" . DG A 1  ? 5.16261 5.99072 3.72248 -0.45359 -0.41377 0.01401  4  DG A "C3'" 
9   O "O3'" . DG A 1  ? 5.25865 6.08041 3.81593 -0.44419 -0.41302 0.01568  4  DG A "O3'" 
10  C "C2'" . DG A 1  ? 5.03182 5.86621 3.59422 -0.46301 -0.41489 0.01445  4  DG A "C2'" 
11  C "C1'" . DG A 1  ? 4.61553 5.45155 3.17345 -0.47285 -0.41221 0.01153  4  DG A "C1'" 
12  N N9    . DG A 1  ? 3.34711 4.19331 1.91822 -0.47316 -0.41823 0.01211  4  DG A N9    
13  C C8    . DG A 1  ? 3.34650 4.19319 1.91800 -0.47237 -0.41801 0.01060  4  DG A C8    
14  N N7    . DG A 1  ? 3.33776 4.19489 1.92231 -0.47270 -0.42410 0.01159  4  DG A N7    
15  C C5    . DG A 1  ? 3.33238 4.19597 1.92564 -0.47375 -0.42870 0.01387  4  DG A C5    
16  C C6    . DG A 1  ? 3.32308 4.19802 1.93097 -0.47422 -0.43600 0.01573  4  DG A C6    
17  O O6    . DG A 1  ? 3.31750 4.19945 1.93388 -0.47365 -0.43994 0.01568  4  DG A O6    
18  N N1    . DG A 1  ? 3.32085 4.19866 1.93300 -0.47533 -0.43865 0.01785  4  DG A N1    
19  C C2    . DG A 1  ? 3.32655 4.19773 1.93023 -0.47596 -0.43474 0.01821  4  DG A C2    
20  N N2    . DG A 1  ? 3.32320 4.19900 1.93300 -0.47718 -0.43828 0.02057  4  DG A N2    
21  N N3    . DG A 1  ? 3.33534 4.19600 1.92521 -0.47532 -0.42783 0.01643  4  DG A N3    
22  C C4    . DG A 1  ? 3.33787 4.19507 1.92318 -0.47419 -0.42519 0.01428  4  DG A C4    
23  P P     . DC A 2  ? 5.38989 6.20904 3.94283 -0.44486 -0.41127 0.01718  5  DC A P     
24  O OP1   . DC A 2  ? 5.81405 6.62905 4.35419 -0.45524 -0.40497 0.01481  5  DC A OP1   
25  O OP2   . DC A 2  ? 5.11155 5.92304 3.66054 -0.43408 -0.40977 0.01831  5  DC A OP2   
26  O "O5'" . DC A 2  ? 4.74547 5.57668 3.31559 -0.44461 -0.41970 0.02043  5  DC A "O5'" 
27  C "C5'" . DC A 2  ? 4.74186 5.57438 3.31282 -0.44544 -0.42041 0.02258  5  DC A "C5'" 
28  C "C4'" . DC A 2  ? 4.84606 5.69044 3.43305 -0.44710 -0.42841 0.02520  5  DC A "C4'" 
29  O "O4'" . DC A 2  ? 4.75169 5.60260 3.34497 -0.45196 -0.43118 0.02387  5  DC A "O4'" 
30  C "C3'" . DC A 2  ? 5.13767 5.98591 3.73770 -0.43660 -0.43537 0.02843  5  DC A "C3'" 
31  O "O3'" . DC A 2  ? 5.38429 6.24066 3.99459 -0.43887 -0.44087 0.03119  5  DC A "O3'" 
32  C "C2'" . DC A 2  ? 5.07255 5.92463 3.68068 -0.43342 -0.43929 0.02763  5  DC A "C2'" 
33  C "C1'" . DC A 2  ? 5.15280 6.01026 3.76077 -0.44460 -0.43876 0.02589  5  DC A "C1'" 
34  N N1    . DC A 2  ? 3.36974 4.22912 1.97958 -0.44522 -0.43926 0.02387  5  DC A N1    
35  C C2    . DC A 2  ? 3.36210 4.23152 1.98486 -0.44665 -0.44576 0.02465  5  DC A C2    
36  O O2    . DC A 2  ? 3.35667 4.23274 1.98884 -0.44743 -0.45100 0.02696  5  DC A O2    
37  N N3    . DC A 2  ? 3.36120 4.23274 1.98560 -0.44705 -0.44613 0.02292  5  DC A N3    
38  C C4    . DC A 2  ? 3.36754 4.23160 1.98138 -0.44637 -0.44040 0.02056  5  DC A C4    
39  N N4    . DC A 2  ? 3.36642 4.23336 1.98246 -0.44702 -0.44102 0.01908  5  DC A N4    
40  C C5    . DC A 2  ? 3.37569 4.22890 1.97599 -0.44486 -0.43373 0.01968  5  DC A C5    
41  C C6    . DC A 2  ? 3.37649 4.22778 1.97525 -0.44419 -0.43340 0.02136  5  DC A C6    
42  P P     . DA A 3  ? 4.95791 5.81935 3.58282 -0.42933 -0.44894 0.03483  6  DA A P     
43  O OP1   . DA A 3  ? 4.77142 5.63640 3.39899 -0.43244 -0.45065 0.03741  6  DA A OP1   
44  O OP2   . DA A 3  ? 4.19853 5.05315 2.82068 -0.41896 -0.44764 0.03481  6  DA A OP2   
45  O "O5'" . DA A 3  ? 4.62403 5.49445 3.26255 -0.42965 -0.45606 0.03503  6  DA A "O5'" 
46  C "C5'" . DA A 3  ? 4.12885 5.00729 2.77348 -0.43775 -0.45934 0.03565  6  DA A "C5'" 
47  C "C4'" . DA A 3  ? 4.50786 5.39442 3.16837 -0.43317 -0.46826 0.03746  6  DA A "C4'" 
48  O "O4'" . DA A 3  ? 4.74393 5.63308 3.40618 -0.43491 -0.46874 0.03519  6  DA A "O4'" 
49  C "C3'" . DA A 3  ? 4.82238 5.70768 3.49056 -0.42103 -0.47294 0.03953  6  DA A "C3'" 
50  O "O3'" . DA A 3  ? 4.92709 5.81946 3.60876 -0.41844 -0.48112 0.04240  6  DA A "O3'" 
51  C "C2'" . DA A 3  ? 4.38637 5.27024 3.05528 -0.41619 -0.47298 0.03750  6  DA A "C2'" 
52  C "C1'" . DA A 3  ? 4.67472 5.56442 3.34510 -0.42480 -0.47337 0.03577  6  DA A "C1'" 
53  N N9    . DA A 3  ? 2.81646 3.70358 1.48145 -0.42507 -0.46974 0.03290  6  DA A N9    
54  C C8    . DA A 3  ? 2.82376 3.70239 1.47590 -0.42517 -0.46238 0.03077  6  DA A C8    
55  N N7    . DA A 3  ? 2.82524 3.70339 1.47507 -0.42559 -0.46061 0.02855  6  DA A N7    
56  C C5    . DA A 3  ? 2.81818 3.70539 1.48035 -0.42554 -0.46726 0.02925  6  DA A C5    
57  C C6    . DA A 3  ? 2.81598 3.70767 1.48235 -0.42579 -0.46905 0.02787  6  DA A C6    
58  N N6    . DA A 3  ? 2.82078 3.70824 1.47910 -0.42648 -0.46406 0.02547  6  DA A N6    
59  N N1    . DA A 3  ? 2.80907 3.70970 1.48797 -0.42526 -0.47615 0.02909  6  DA A N1    
60  C C2    . DA A 3  ? 2.80488 3.70922 1.49136 -0.42463 -0.48113 0.03154  6  DA A C2    
61  N N3    . DA A 3  ? 2.80621 3.70721 1.49004 -0.42462 -0.48016 0.03315  6  DA A N3    
62  C C4    . DA A 3  ? 2.81287 3.70542 1.48437 -0.42506 -0.47300 0.03188  6  DA A C4    
63  P P     . DC A 4  ? 3.47410 4.36665 2.16624 -0.40604 -0.48765 0.04467  7  DC A P     
64  O OP1   . DC A 4  ? 3.28201 4.17949 1.98322 -0.40576 -0.49365 0.04795  7  DC A OP1   
65  O OP2   . DC A 4  ? 3.24314 4.12743 1.92708 -0.39965 -0.48277 0.04398  7  DC A OP2   
66  O "O5'" . DC A 4  ? 3.10194 3.99868 1.80259 -0.40254 -0.49250 0.04350  7  DC A "O5'" 
67  C "C5'" . DC A 4  ? 3.01824 3.92238 1.72543 -0.40837 -0.49643 0.04337  7  DC A "C5'" 
68  C "C4'" . DC A 4  ? 2.95169 3.85875 1.66521 -0.40401 -0.49998 0.04201  7  DC A "C4'" 
69  O "O4'" . DC A 4  ? 2.99067 3.89367 1.69434 -0.40643 -0.49326 0.03901  7  DC A "O4'" 
70  C "C3'" . DC A 4  ? 3.00638 3.91275 1.72896 -0.39160 -0.50590 0.04338  7  DC A "C3'" 
71  O "O3'" . DC A 4  ? 3.12373 4.03665 1.85757 -0.38931 -0.51321 0.04378  7  DC A "O3'" 
72  C "C2'" . DC A 4  ? 2.84478 3.74531 1.55991 -0.38754 -0.50073 0.04117  7  DC A "C2'" 
73  C "C1'" . DC A 4  ? 2.94787 3.85015 1.65625 -0.39733 -0.49595 0.03856  7  DC A "C1'" 
74  N N1    . DC A 4  ? 2.81834 3.71439 1.51561 -0.39766 -0.48871 0.03597  7  DC A N1    
75  C C2    . DC A 4  ? 2.61915 3.51771 1.31744 -0.39793 -0.48871 0.03404  7  DC A C2    
76  O O2    . DC A 4  ? 2.35776 3.26370 1.06601 -0.39776 -0.49461 0.03447  7  DC A O2    
77  N N3    . DC A 4  ? 2.71609 3.60890 1.40429 -0.39830 -0.48230 0.03181  7  DC A N3    
78  C C4    . DC A 4  ? 2.85383 3.73819 1.53087 -0.39814 -0.47607 0.03136  7  DC A C4    
79  N N4    . DC A 4  ? 3.39702 4.27530 2.06376 -0.39846 -0.46989 0.02911  7  DC A N4    
80  C C5    . DC A 4  ? 2.72250 3.60420 1.39816 -0.39762 -0.47587 0.03326  7  DC A C5    
81  C C6    . DC A 4  ? 2.89178 3.77974 1.57797 -0.39751 -0.48230 0.03558  7  DC A C6    
82  P P     . DC A 5  ? 3.29779 4.21269 2.04456 -0.37910 -0.52234 0.04632  8  DC A P     
83  O OP1   . DC A 5  ? 3.16386 4.08221 1.91517 -0.38314 -0.52611 0.04870  8  DC A OP1   
84  O OP2   . DC A 5  ? 3.25535 4.16419 2.00054 -0.36980 -0.52124 0.04666  8  DC A OP2   
85  O "O5'" . DC A 5  ? 2.53486 3.45487 1.28985 -0.37588 -0.52766 0.04521  8  DC A "O5'" 
86  C "C5'" . DC A 5  ? 2.48881 3.40660 1.24392 -0.36862 -0.52722 0.04376  8  DC A "C5'" 
87  C "C4'" . DC A 5  ? 2.50668 3.42950 1.26348 -0.37158 -0.52779 0.04176  8  DC A "C4'" 
88  O "O4'" . DC A 5  ? 2.70529 3.62627 1.45068 -0.37986 -0.51938 0.03946  8  DC A "O4'" 
89  C "C3'" . DC A 5  ? 2.77504 3.69844 1.53816 -0.36171 -0.53183 0.04117  8  DC A "C3'" 
90  O "O3'" . DC A 5  ? 3.04500 3.97452 1.81918 -0.35910 -0.54002 0.04196  8  DC A "O3'" 
91  C "C2'" . DC A 5  ? 2.68510 3.60814 1.44049 -0.36558 -0.52553 0.03850  8  DC A "C2'" 
92  C "C1'" . DC A 5  ? 2.97422 3.89411 1.71773 -0.37595 -0.51740 0.03761  8  DC A "C1'" 
93  N N1    . DC A 5  ? 2.82641 3.73795 1.55931 -0.37424 -0.51034 0.03684  8  DC A N1    
94  C C2    . DC A 5  ? 2.63910 3.54792 1.36580 -0.37322 -0.50571 0.03472  8  DC A C2    
95  O O2    . DC A 5  ? 2.78178 3.69555 1.51237 -0.37336 -0.50760 0.03362  8  DC A O2    
96  N N3    . DC A 5  ? 2.50598 3.40668 1.22235 -0.37183 -0.49927 0.03402  8  DC A N3    
97  C C4    . DC A 5  ? 2.50769 3.40341 1.21987 -0.37152 -0.49728 0.03526  8  DC A C4    
98  N N4    . DC A 5  ? 2.62313 3.51058 1.32453 -0.36985 -0.49082 0.03444  8  DC A N4    
99  C C5    . DC A 5  ? 2.50515 3.40410 1.22376 -0.37279 -0.50182 0.03749  8  DC A C5    
100 C C6    . DC A 5  ? 2.50137 3.40800 1.23004 -0.37427 -0.50819 0.03819  8  DC A C6    
101 P P     . DT A 6  ? 2.85167 2.92590 3.22761 -0.08188 -0.84755 -0.02881 9  DT A P     
102 O OP1   . DT A 6  ? 2.54661 2.53956 3.00762 -0.08514 -0.86172 -0.05274 9  DT A OP1   
103 O OP2   . DT A 6  ? 3.09997 3.21675 3.51766 -0.12910 -0.82700 0.00449  9  DT A OP2   
104 O "O5'" . DT A 6  ? 2.66591 2.68549 2.95354 -0.06074 -0.80701 -0.03858 9  DT A "O5'" 
105 C "C5'" . DT A 6  ? 2.67260 2.59924 2.99282 -0.09353 -0.75281 -0.03608 9  DT A "C5'" 
106 C "C4'" . DT A 6  ? 2.49284 2.30939 2.91179 -0.10990 -0.74490 -0.05675 9  DT A "C4'" 
107 O "O4'" . DT A 6  ? 2.72636 2.52308 3.12769 -0.06774 -0.78101 -0.08686 9  DT A "O4'" 
108 C "C3'" . DT A 6  ? 2.49137 2.19196 2.92766 -0.12945 -0.68862 -0.06346 9  DT A "C3'" 
109 O "O3'" . DT A 6  ? 2.46176 2.10097 3.01697 -0.17518 -0.67065 -0.05717 9  DT A "O3'" 
110 C "C2'" . DT A 6  ? 2.43208 2.06133 2.82697 -0.08686 -0.69286 -0.09796 9  DT A "C2'" 
111 C "C1'" . DT A 6  ? 2.48671 2.18319 2.85907 -0.04903 -0.75286 -0.11111 9  DT A "C1'" 
112 N N1    . DT A 6  ? 2.41529 2.15274 2.66358 0.00498  -0.76737 -0.12296 9  DT A N1    
113 C C2    . DT A 6  ? 2.42095 2.07569 2.62667 0.03611  -0.75341 -0.15068 9  DT A C2    
114 O O2    . DT A 6  ? 2.95479 2.50265 3.21853 0.02194  -0.72977 -0.16682 9  DT A O2    
115 N N3    . DT A 6  ? 2.24805 1.95110 2.33962 0.08545  -0.76764 -0.15792 9  DT A N3    
116 C C4    . DT A 6  ? 2.22877 2.05142 2.24803 0.10642  -0.79373 -0.14026 9  DT A C4    
117 O O4    . DT A 6  ? 2.25976 2.11758 2.17901 0.15209  -0.80380 -0.14733 9  DT A O4    
118 C C5    . DT A 6  ? 2.21424 2.11824 2.28398 0.07141  -0.80762 -0.11192 9  DT A C5    
119 C C7    . DT A 6  ? 2.24570 2.28232 2.24591 0.08983  -0.83569 -0.09006 9  DT A C7    
120 C C6    . DT A 6  ? 2.48084 2.33858 2.66048 0.02308  -0.79399 -0.10504 9  DT A C6    
121 P P     . DG A 7  ? 2.57479 2.10542 3.16789 -0.21102 -0.60672 -0.05299 10 DG A P     
122 O OP1   . DG A 7  ? 2.11684 1.53715 2.76238 -0.20275 -0.60010 -0.08124 10 DG A OP1   
123 O OP2   . DG A 7  ? 3.85918 3.41283 4.51993 -0.26167 -0.58822 -0.02272 10 DG A OP2   
124 O "O5'" . DG A 7  ? 2.14961 1.69034 2.62226 -0.19144 -0.57745 -0.04969 10 DG A "O5'" 
125 C "C5'" . DG A 7  ? 2.43236 1.87223 2.89688 -0.20445 -0.52293 -0.05450 10 DG A "C5'" 
126 C "C4'" . DG A 7  ? 2.14653 1.50112 2.59663 -0.16976 -0.52250 -0.08841 10 DG A "C4'" 
127 O "O4'" . DG A 7  ? 2.16285 1.58624 2.54635 -0.12143 -0.57090 -0.10267 10 DG A "O4'" 
128 C "C3'" . DG A 7  ? 2.18547 1.46329 2.57246 -0.16179 -0.47435 -0.09641 10 DG A "C3'" 
129 O "O3'" . DG A 7  ? 2.48945 1.64517 2.95465 -0.18388 -0.43946 -0.10839 10 DG A "O3'" 
130 C "C2'" . DG A 7  ? 2.22848 1.52219 2.52093 -0.10448 -0.49885 -0.12002 10 DG A "C2'" 
131 C "C1'" . DG A 7  ? 2.21356 1.59219 2.51568 -0.08223 -0.55950 -0.12441 10 DG A "C1'" 
132 N N9    . DG A 7  ? 2.21713 1.69783 2.41138 -0.04280 -0.58814 -0.12005 10 DG A N9    
133 C C8    . DG A 7  ? 2.17697 1.77796 2.34692 -0.04526 -0.61673 -0.09651 10 DG A C8    
134 N N7    . DG A 7  ? 2.19277 1.86536 2.26061 -0.00281 -0.63787 -0.09763 10 DG A N7    
135 C C5    . DG A 7  ? 2.24715 1.84122 2.26806 0.02992  -0.62214 -0.12386 10 DG A C5    
136 C C6    . DG A 7  ? 2.28683 1.90521 2.19908 0.08213  -0.63181 -0.13613 10 DG A C6    
137 O O6    . DG A 7  ? 2.28148 1.99997 2.11507 0.11115  -0.65693 -0.12529 10 DG A O6    
138 N N1    . DG A 7  ? 2.33778 1.84922 2.23727 0.10080  -0.60795 -0.16293 10 DG A N1    
139 C C2    . DG A 7  ? 2.34853 1.74510 2.33070 0.07247  -0.57884 -0.17594 10 DG A C2    
140 N N2    . DG A 7  ? 2.40024 1.70440 2.35525 0.09675  -0.55857 -0.20145 10 DG A N2    
141 N N3    . DG A 7  ? 2.31173 1.68533 2.39663 0.02405  -0.56922 -0.16390 10 DG A N3    
142 C C4    . DG A 7  ? 2.26237 1.73806 2.36034 0.00540  -0.59188 -0.13816 10 DG A C4    
143 P P     . DT A 8  ? 2.53277 1.62427 3.04274 -0.23455 -0.38081 -0.08806 11 DT A P     
144 O OP1   . DT A 8  ? 2.79569 1.84968 3.43466 -0.27092 -0.38120 -0.08283 11 DT A OP1   
145 O OP2   . DT A 8  ? 2.16528 1.33501 2.60279 -0.24612 -0.36970 -0.06134 11 DT A OP2   
146 O "O5'" . DT A 8  ? 3.45174 2.42696 3.92952 -0.22117 -0.33723 -0.10876 11 DT A "O5'" 
147 C "C5'" . DT A 8  ? 3.29581 2.27150 3.67320 -0.21218 -0.30617 -0.10281 11 DT A "C5'" 
148 C "C4'" . DT A 8  ? 2.85781 1.82133 3.14807 -0.15927 -0.31806 -0.12860 11 DT A "C4'" 
149 O "O4'" . DT A 8  ? 2.29892 1.37469 2.53358 -0.12345 -0.37233 -0.12976 11 DT A "O4'" 
150 C "C3'" . DT A 8  ? 2.34499 1.28753 2.53624 -0.15016 -0.27889 -0.12459 11 DT A "C3'" 
151 O "O3'" . DT A 8  ? 2.44959 1.30957 2.60647 -0.11611 -0.26596 -0.15314 11 DT A "O3'" 
152 C "C2'" . DT A 8  ? 2.34712 1.41891 2.44603 -0.12610 -0.31219 -0.11018 11 DT A "C2'" 
153 C "C1'" . DT A 8  ? 2.51362 1.62431 2.62960 -0.09136 -0.36607 -0.12950 11 DT A "C1'" 
154 N N1    . DT A 8  ? 2.51340 1.75709 2.56510 -0.06667 -0.41090 -0.11734 11 DT A N1    
155 C C2    . DT A 8  ? 2.33396 1.61271 2.28744 -0.01512 -0.42982 -0.13052 11 DT A C2    
156 O O2    . DT A 8  ? 3.02971 2.23586 2.94671 0.01135  -0.41267 -0.15234 11 DT A O2    
157 N N3    . DT A 8  ? 2.31168 1.71371 2.21122 0.00527  -0.46924 -0.11674 11 DT A N3    
158 C C4    . DT A 8  ? 2.26006 1.75251 2.19296 -0.02072 -0.49157 -0.09186 11 DT A C4    
159 O O4    . DT A 8  ? 2.24395 1.84536 2.12305 0.00141  -0.52654 -0.08052 11 DT A O4    
160 C C5    . DT A 8  ? 2.22732 1.67659 2.26302 -0.07514 -0.46995 -0.07942 11 DT A C5    
161 C C7    . DT A 8  ? 2.17135 1.70944 2.25152 -0.10717 -0.49043 -0.05216 11 DT A C7    
162 C C6    . DT A 8  ? 2.26611 1.59440 2.35463 -0.09517 -0.43020 -0.09211 11 DT A C6    
163 P P     . DA A 9  ? 2.49735 1.38260 2.52115 -0.07533 -0.25893 -0.15766 12 DA A P     
164 O OP1   . DA A 9  ? 2.46741 1.37619 2.44451 -0.10335 -0.22431 -0.13022 12 DA A OP1   
165 O OP2   . DA A 9  ? 3.36798 2.33716 3.34075 -0.02869 -0.31208 -0.16869 12 DA A OP2   
166 O "O5'" . DA A 9  ? 3.67392 2.43354 3.69045 -0.05748 -0.22527 -0.18482 12 DA A "O5'" 
167 C "C5'" . DA A 9  ? 2.89648 1.61985 2.83098 -0.05114 -0.18389 -0.18182 12 DA A "C5'" 
168 C "C4'" . DA A 9  ? 2.71826 1.52147 2.53132 -0.00355 -0.20600 -0.18292 12 DA A "C4'" 
169 O "O4'" . DA A 9  ? 2.49597 1.41979 2.29647 0.01081  -0.25783 -0.17340 12 DA A "O4'" 
170 C "C3'" . DA A 9  ? 2.53222 1.35749 2.25817 -0.01097 -0.17295 -0.16193 12 DA A "C3'" 
171 O "O3'" . DA A 9  ? 2.59705 1.34844 2.26099 0.01720  -0.14426 -0.17948 12 DA A "O3'" 
172 C "C2'" . DA A 9  ? 2.50661 1.47307 2.16020 0.00879  -0.21171 -0.14289 12 DA A "C2'" 
173 C "C1'" . DA A 9  ? 2.49288 1.50883 2.18901 0.03084  -0.26494 -0.15612 12 DA A "C1'" 
174 N N9    . DA A 9  ? 2.52427 1.65507 2.23471 0.01438  -0.29828 -0.13183 12 DA A N9    
175 C C8    . DA A 9  ? 2.85541 1.99397 2.65375 -0.03288 -0.29728 -0.11562 12 DA A C8    
176 N N7    . DA A 9  ? 2.35743 1.60915 2.14887 -0.03740 -0.33117 -0.09532 12 DA A N7    
177 C C5    . DA A 9  ? 2.37537 1.70036 2.06770 0.01049  -0.35643 -0.09784 12 DA A C5    
178 C C6    . DA A 9  ? 2.35124 1.80592 1.98967 0.03081  -0.39605 -0.08143 12 DA A C6    
179 N N6    . DA A 9  ? 2.30150 1.83588 1.98116 0.00307  -0.41800 -0.05925 12 DA A N6    
180 N N1    . DA A 9  ? 2.38086 1.88006 1.92166 0.08128  -0.41141 -0.08793 12 DA A N1    
181 C C2    . DA A 9  ? 2.73345 2.15110 2.23341 0.10912  -0.38852 -0.11002 12 DA A C2    
182 N N3    . DA A 9  ? 3.04390 2.33707 2.58692 0.09373  -0.35123 -0.12759 12 DA A N3    
183 C C4    . DA A 9  ? 2.72762 1.98004 2.36815 0.04351  -0.33672 -0.12015 12 DA A C4    
184 P P     . DC A 10 ? 3.05103 1.82955 2.63004 0.08130  -0.17202 -0.20083 13 DC A P     
185 O OP1   . DC A 10 ? 3.17768 1.98476 2.79864 0.10489  -0.22061 -0.21862 13 DC A OP1   
186 O OP2   . DC A 10 ? 3.10394 1.77732 2.64988 0.09522  -0.13117 -0.21810 13 DC A OP2   
187 O "O5'" . DC A 10 ? 3.06035 1.96026 2.53558 0.09715  -0.18588 -0.17555 13 DC A "O5'" 
188 C "C5'" . DC A 10 ? 2.73608 1.73116 2.15470 0.14283  -0.23253 -0.17903 13 DC A "C5'" 
189 C "C4'" . DC A 10 ? 2.61079 1.70481 1.92915 0.15442  -0.23393 -0.15269 13 DC A "C4'" 
190 O "O4'" . DC A 10 ? 2.98845 2.19385 2.32336 0.13502  -0.26495 -0.12764 13 DC A "O4'" 
191 C "C3'" . DC A 10 ? 2.61040 1.66271 1.89353 0.12577  -0.18381 -0.13582 13 DC A "C3'" 
192 O "O3'" . DC A 10 ? 2.65619 1.75073 1.82820 0.16250  -0.18011 -0.12962 13 DC A "O3'" 
193 C "C2'" . DC A 10 ? 2.85797 1.97328 2.17615 0.07593  -0.18444 -0.10430 13 DC A "C2'" 
194 C "C1'" . DC A 10 ? 2.67132 1.90911 1.97945 0.09911  -0.23909 -0.09710 13 DC A "C1'" 
195 N N1    . DC A 10 ? 2.48061 1.77222 1.85983 0.05622  -0.25498 -0.07703 13 DC A N1    
196 C C2    . DC A 10 ? 2.44822 1.87097 1.79668 0.06492  -0.29409 -0.05622 13 DC A C2    
197 O O2    . DC A 10 ? 2.90004 2.39173 2.16279 0.10840  -0.31414 -0.05429 13 DC A O2    
198 N N3    . DC A 10 ? 2.55399 2.02447 1.96794 0.02588  -0.30812 -0.03799 13 DC A N3    
199 C C4    . DC A 10 ? 2.80686 2.19911 2.31339 -0.01953 -0.28425 -0.03975 13 DC A C4    
200 N N4    . DC A 10 ? 3.63940 3.08265 3.20793 -0.05634 -0.29857 -0.02074 13 DC A N4    
201 C C5    . DC A 10 ? 2.41094 1.66932 1.95051 -0.02869 -0.24364 -0.06016 13 DC A C5    
202 C C6    . DC A 10 ? 2.45833 1.67121 1.93221 0.00966  -0.23068 -0.07838 13 DC A C6    
203 P P     . DG A 11 ? 2.97163 1.98453 2.09208 0.20767  -0.16248 -0.15754 14 DG A P     
204 O OP1   . DG A 11 ? 3.09838 2.02929 2.29282 0.21776  -0.17216 -0.19012 14 DG A OP1   
205 O OP2   . DG A 11 ? 3.13252 2.08587 2.21367 0.18797  -0.11256 -0.14771 14 DG A OP2   
206 O "O5'" . DG A 11 ? 3.20158 2.31987 2.22189 0.26381  -0.19657 -0.15300 14 DG A "O5'" 
207 C "C5'" . DG A 11 ? 3.52890 2.71172 2.45676 0.27079  -0.18448 -0.12740 14 DG A "C5'" 
208 C "C4'" . DG A 11 ? 3.35015 2.67043 2.21888 0.30444  -0.22819 -0.11128 14 DG A "C4'" 
209 O "O4'" . DG A 11 ? 3.01652 2.41140 1.94152 0.27083  -0.25443 -0.09285 14 DG A "O4'" 
210 C "C3'" . DG A 11 ? 2.76174 2.15605 1.53093 0.31593  -0.21828 -0.08331 14 DG A "C3'" 
211 O "O3'" . DG A 11 ? 2.79225 2.29561 1.49984 0.36337  -0.25777 -0.07659 14 DG A "O3'" 
212 C "C2'" . DG A 11 ? 2.87864 2.31183 1.68061 0.25690  -0.20832 -0.05252 14 DG A "C2'" 
213 C "C1'" . DG A 11 ? 2.68306 2.14620 1.57213 0.24018  -0.24253 -0.05727 14 DG A "C1'" 
214 N N9    . DG A 11 ? 2.67933 2.09802 1.65280 0.17841  -0.22274 -0.04868 14 DG A N9    
215 C C8    . DG A 11 ? 2.95112 2.24578 1.97580 0.14678  -0.18135 -0.06165 14 DG A C8    
216 N N7    . DG A 11 ? 2.92078 2.19992 2.01841 0.09401  -0.17084 -0.04946 14 DG A N7    
217 C C5    . DG A 11 ? 2.52584 1.92650 1.62201 0.08935  -0.20832 -0.02743 14 DG A C5    
218 C C6    . DG A 11 ? 2.47656 1.91787 1.63479 0.04189  -0.21559 -0.00677 14 DG A C6    
219 O O6    . DG A 11 ? 2.46224 1.83744 1.69059 -0.00626 -0.18901 -0.00363 14 DG A O6    
220 N N1    . DG A 11 ? 2.44322 2.01550 1.57574 0.05488  -0.25776 0.01209  14 DG A N1    
221 C C2    . DG A 11 ? 2.45623 2.11078 1.51248 0.10775  -0.28871 0.01173  14 DG A C2    
222 N N2    . DG A 11 ? 2.65500 2.43307 1.69894 0.11189  -0.32676 0.03271  14 DG A N2    
223 N N3    . DG A 11 ? 2.60698 2.22429 1.60305 0.15378  -0.28174 -0.00729 14 DG A N3    
224 C C4    . DG A 11 ? 2.53614 2.02511 1.55675 0.14102  -0.24109 -0.02649 14 DG A C4    
225 P P     . DG A 12 ? 3.23472 2.85112 1.84326 0.37774  -0.26069 -0.04140 15 DG A P     
226 O OP1   . DG A 12 ? 3.49581 3.17704 2.03725 0.44209  -0.29133 -0.04779 15 DG A OP1   
227 O OP2   . DG A 12 ? 3.26028 2.81957 1.83358 0.35494  -0.21460 -0.03089 15 DG A OP2   
228 O "O5'" . DG A 12 ? 2.86820 2.58505 1.51272 0.33722  -0.28373 -0.01110 15 DG A "O5'" 
229 C "C5'" . DG A 12 ? 3.18087 2.99821 1.83045 0.36006  -0.33121 -0.00666 15 DG A "C5'" 
230 C "C4'" . DG A 12 ? 3.22989 3.17335 1.84728 0.34076  -0.34568 0.03383  15 DG A "C4'" 
231 O "O4'" . DG A 12 ? 2.84103 2.76796 1.53111 0.27681  -0.33368 0.04703  15 DG A "O4'" 
232 C "C3'" . DG A 12 ? 3.32115 3.30505 1.84369 0.35077  -0.32491 0.05902  15 DG A "C3'" 
233 O "O3'" . DG A 12 ? 3.14208 3.26187 1.59611 0.38619  -0.35734 0.08332  15 DG A "O3'" 
234 C "C2'" . DG A 12 ? 3.54725 3.50815 2.09352 0.28669  -0.29373 0.08146  15 DG A "C2'" 
235 C "C1'" . DG A 12 ? 2.91837 2.84336 1.57166 0.24312  -0.30068 0.07226  15 DG A "C1'" 
236 N N9    . DG A 12 ? 2.85683 2.65189 1.56530 0.20263  -0.25932 0.05749  15 DG A N9    
237 C C8    . DG A 12 ? 3.04658 2.73113 1.74032 0.21648  -0.22608 0.03440  15 DG A C8    
238 N N7    . DG A 12 ? 3.00765 2.58943 1.76070 0.17245  -0.19170 0.02652  15 DG A N7    
239 C C5    . DG A 12 ? 2.76962 2.39556 1.58006 0.12619  -0.20222 0.04569  15 DG A C5    
240 C C6    . DG A 12 ? 2.75033 2.30670 1.63716 0.06825  -0.17604 0.04835  15 DG A C6    
241 O O6    . DG A 12 ? 3.48977 2.92834 2.40986 0.04603  -0.13718 0.03393  15 DG A O6    
242 N N1    . DG A 12 ? 2.69992 2.33661 1.62531 0.03555  -0.19827 0.07103  15 DG A N1    
243 C C2    . DG A 12 ? 2.67092 2.43970 1.56554 0.05600  -0.24096 0.08895  15 DG A C2    
244 N N2    . DG A 12 ? 2.71706 2.54703 1.65799 0.01782  -0.25659 0.10993  15 DG A N2    
245 N N3    . DG A 12 ? 2.68875 2.52446 1.51175 0.11080  -0.26572 0.08701  15 DG A N3    
246 C C4    . DG A 12 ? 2.73860 2.49636 1.52270 0.14346  -0.24410 0.06492  15 DG A C4    
247 P P     . DA A 13 ? 3.16316 3.40747 1.64290 0.37070  -0.39717 0.10825  16 DA A P     
248 O OP1   . DA A 13 ? 3.15699 3.39446 1.69565 0.38857  -0.42982 0.08288  16 DA A OP1   
249 O OP2   . DA A 13 ? 3.27155 3.63376 1.66719 0.39669  -0.40939 0.13983  16 DA A OP2   
250 O "O5'" . DA A 13 ? 3.46891 3.69755 2.00421 0.29741  -0.37655 0.12844  16 DA A "O5'" 
251 C "C5'" . DA A 13 ? 3.27621 3.55884 1.87765 0.26507  -0.40184 0.13912  16 DA A "C5'" 
252 C "C4'" . DA A 13 ? 3.48894 3.78642 2.10681 0.20285  -0.38152 0.16904  16 DA A "C4'" 
253 O "O4'" . DA A 13 ? 3.24786 3.41549 1.90823 0.16472  -0.33904 0.15404  16 DA A "O4'" 
254 C "C3'" . DA A 13 ? 3.36324 3.74349 1.89236 0.20325  -0.37481 0.20497  16 DA A "C3'" 
255 O "O3'" . DA A 13 ? 3.40188 3.89179 1.94093 0.17634  -0.39888 0.23682  16 DA A "O3'" 
256 C "C2'" . DA A 13 ? 2.98501 3.26639 1.50652 0.16446  -0.32578 0.20633  16 DA A "C2'" 
257 C "C1'" . DA A 13 ? 3.17159 3.34503 1.79332 0.12742  -0.31057 0.18165  16 DA A "C1'" 
258 N N9    . DA A 13 ? 3.34251 3.38194 1.97208 0.11158  -0.26517 0.16293  16 DA A N9    
259 C C8    . DA A 13 ? 3.46968 3.44388 2.05359 0.14996  -0.24685 0.14239  16 DA A C8    
260 N N7    . DA A 13 ? 2.74892 2.60161 1.35557 0.12399  -0.20524 0.12817  16 DA A N7    
261 C C5    . DA A 13 ? 2.91556 2.75162 1.58669 0.06460  -0.19488 0.14041  16 DA A C5    
262 C C6    . DA A 13 ? 3.17906 2.90636 1.89935 0.01451  -0.15427 0.13572  16 DA A C6    
263 N N6    . DA A 13 ? 4.04024 3.65129 2.75216 0.01673  -0.11568 0.11632  16 DA A N6    
264 N N1    . DA A 13 ? 2.72619 2.46806 1.50386 -0.03758 -0.15390 0.15233  16 DA A N1    
265 C C2    . DA A 13 ? 2.94837 2.80694 1.73432 -0.03945 -0.19246 0.17194  16 DA A C2    
266 N N3    . DA A 13 ? 2.95656 2.92503 1.70042 0.00447  -0.23296 0.17832  16 DA A N3    
267 C C4    . DA A 13 ? 2.92468 2.87476 1.61130 0.05601  -0.23164 0.16168  16 DA A C4    
268 P P     . DC A 14 ? 2.96874 3.49130 1.49446 0.14761  -0.38168 0.26496  17 DC A P     
269 O OP1   . DC A 14 ? 3.17588 3.76040 1.76124 0.14321  -0.40601 0.27129  17 DC A OP1   
270 O OP2   . DC A 14 ? 2.57352 3.05792 1.04744 0.17227  -0.35872 0.25958  17 DC A OP2   
271 O "O5'" . DC A 14 ? 2.83921 3.34386 1.36087 0.08802  -0.35771 0.28707  17 DC A "O5'" 
272 C "C5'" . DC A 14 ? 3.01653 3.50474 1.61120 0.04767  -0.36336 0.28484  17 DC A "C5'" 
273 C "C4'" . DC A 14 ? 3.13229 3.55270 1.74648 -0.01605 -0.32466 0.29726  17 DC A "C4'" 
274 O "O4'" . DC A 14 ? 3.26033 3.53959 1.89077 -0.01945 -0.28562 0.26883  17 DC A "O4'" 
275 C "C3'" . DC A 14 ? 2.75183 3.23124 1.28709 -0.03509 -0.31278 0.33364  17 DC A "C3'" 
276 O "O3'" . DC A 14 ? 2.97471 3.46114 1.54502 -0.09699 -0.30326 0.35576  17 DC A "O3'" 
277 C "C2'" . DC A 14 ? 2.62655 3.00254 1.11828 -0.02946 -0.27218 0.32008  17 DC A "C2'" 
278 C "C1'" . DC A 14 ? 2.67589 2.92253 1.25483 -0.04947 -0.25042 0.28682  17 DC A "C1'" 
279 N N1    . DC A 14 ? 3.15256 3.27887 1.71532 -0.03277 -0.21525 0.26009  17 DC A N1    
280 C C2    . DC A 14 ? 3.45173 3.45689 2.05320 -0.07799 -0.17269 0.25093  17 DC A C2    
281 O O2    . DC A 14 ? 3.20824 3.20824 1.85571 -0.13051 -0.16496 0.26521  17 DC A O2    
282 N N3    . DC A 14 ? 3.22480 3.12071 1.81178 -0.06252 -0.14037 0.22701  17 DC A N3    
283 C C4    . DC A 14 ? 2.87285 2.77764 1.40871 -0.00511 -0.14948 0.21247  17 DC A C4    
284 N N4    . DC A 14 ? 3.46357 3.25757 1.98713 0.00805  -0.11630 0.18912  17 DC A N4    
285 C C5    . DC A 14 ? 2.63246 2.65903 1.12687 0.04198  -0.19213 0.22160  17 DC A C5    
286 C C6    . DC A 14 ? 2.88145 3.01541 1.39119 0.02636  -0.22369 0.24539  17 DC A C6    
287 P P     . DA A 15 ? 3.44250 3.95910 2.03609 -0.10260 -0.28986 0.36744  18 DA A P     
288 O OP1   . DA A 15 ? 2.57722 3.16788 1.23810 -0.09876 -0.31849 0.36927  18 DA A OP1   
289 O OP2   . DA A 15 ? 3.04241 3.53490 1.58949 -0.06133 -0.27620 0.35845  18 DA A OP2   
290 O "O5'" . DA A 15 ? 2.96282 3.43032 1.54949 -0.17410 -0.25688 0.38834  18 DA A "O5'" 
291 C "C5'" . DA A 15 ? 2.73880 3.19686 1.35747 -0.23489 -0.26216 0.40256  18 DA A "C5'" 
292 C "C4'" . DA A 15 ? 2.96914 3.28730 1.60495 -0.27715 -0.21349 0.39129  18 DA A "C4'" 
293 O "O4'" . DA A 15 ? 2.98818 3.21675 1.60906 -0.23908 -0.19413 0.36048  18 DA A "O4'" 
294 C "C3'" . DA A 15 ? 3.41036 3.71959 1.98546 -0.32170 -0.18530 0.41979  18 DA A "C3'" 
295 O "O3'" . DA A 15 ? 3.58894 3.79702 2.21968 -0.37775 -0.15082 0.41583  18 DA A "O3'" 
296 C "C2'" . DA A 15 ? 3.40519 3.66554 1.90833 -0.28849 -0.16414 0.40917  18 DA A "C2'" 
297 C "C1'" . DA A 15 ? 3.20837 3.36943 1.77319 -0.26027 -0.15482 0.36739  18 DA A "C1'" 
298 N N9    . DA A 15 ? 3.05285 3.18001 1.56636 -0.20903 -0.14747 0.34815  18 DA A N9    
299 C C8    . DA A 15 ? 2.93392 3.14792 1.39203 -0.15223 -0.17712 0.35017  18 DA A C8    
300 N N7    . DA A 15 ? 2.90144 3.05373 1.32266 -0.11458 -0.16034 0.32952  18 DA A N7    
301 C C5    . DA A 15 ? 3.11978 3.13588 1.57555 -0.14936 -0.11713 0.31264  18 DA A C5    
302 C C6    . DA A 15 ? 3.43199 3.32930 1.87552 -0.13592 -0.08152 0.28751  18 DA A C6    
303 N N6    . DA A 15 ? 3.76847 3.66610 2.15835 -0.08161 -0.08445 0.27441  18 DA A N6    
304 N N1    . DA A 15 ? 3.32005 3.09704 1.80827 -0.18023 -0.04171 0.27693  18 DA A N1    
305 C C2    . DA A 15 ? 3.36083 3.13628 1.90182 -0.23371 -0.03766 0.29057  18 DA A C2    
306 N N3    . DA A 15 ? 3.06481 2.94446 1.62220 -0.25179 -0.06869 0.31403  18 DA A N3    
307 C C4    . DA A 15 ? 3.00009 2.99874 1.51288 -0.20721 -0.10839 0.32395  18 DA A C4    
308 P P     . DG A 16 ? 2.47047 5.34704 2.78020 -0.96034 -1.06082 0.14281  19 DG A P     
309 O OP1   . DG A 16 ? 2.44011 5.34444 2.79499 -0.96342 -1.06518 0.15777  19 DG A OP1   
310 O OP2   . DG A 16 ? 2.45585 5.30006 2.75997 -0.95645 -1.06876 0.12127  19 DG A OP2   
311 O "O5'" . DG A 16 ? 2.50779 5.39635 2.80584 -0.95457 -1.06158 0.13424  19 DG A "O5'" 
312 C "C5'" . DG A 16 ? 2.46380 5.34363 2.71626 -0.95541 -1.05089 0.13427  19 DG A "C5'" 
313 C "C4'" . DG A 16 ? 2.66145 5.51892 2.89548 -0.94817 -1.05756 0.10951  19 DG A "C4'" 
314 O "O4'" . DG A 16 ? 2.48183 5.30911 2.67412 -0.95110 -1.04979 0.10697  19 DG A "O4'" 
315 C "C3'" . DG A 16 ? 2.83686 5.68048 3.10078 -0.94136 -1.07408 0.08883  19 DG A "C3'" 
316 O "O3'" . DG A 16 ? 2.83342 5.69189 3.11432 -0.93264 -1.08504 0.07483  19 DG A "O3'" 
317 C "C2'" . DG A 16 ? 2.48734 5.29210 2.72127 -0.93970 -1.07452 0.07357  19 DG A "C2'" 
318 C "C1'" . DG A 16 ? 2.49103 5.28975 2.67762 -0.94443 -1.05948 0.08347  19 DG A "C1'" 
319 N N9    . DG A 16 ? 2.49274 5.26001 2.65086 -0.94776 -1.05413 0.08353  19 DG A N9    
320 C C8    . DG A 16 ? 2.48489 5.24355 2.65432 -0.95132 -1.05382 0.09073  19 DG A C8    
321 N N7    . DG A 16 ? 2.48975 5.21990 2.62627 -0.95250 -1.04905 0.08865  19 DG A N7    
322 C C5    . DG A 16 ? 2.50168 5.21949 2.60337 -0.95045 -1.04596 0.08016  19 DG A C5    
323 C C6    . DG A 16 ? 2.51250 5.19926 2.57083 -0.95069 -1.04125 0.07488  19 DG A C6    
324 O O6    . DG A 16 ? 2.51379 5.17636 2.55475 -0.95175 -1.03921 0.07576  19 DG A O6    
325 N N1    . DG A 16 ? 2.52356 5.20999 2.55808 -0.94929 -1.03927 0.06846  19 DG A N1    
326 C C2    . DG A 16 ? 2.52403 5.23845 2.57375 -0.94703 -1.04140 0.06682  19 DG A C2    
327 N N2    . DG A 16 ? 2.53610 5.24926 2.55807 -0.94612 -1.03855 0.06139  19 DG A N2    
328 N N3    . DG A 16 ? 2.51427 5.25713 2.60392 -0.94555 -1.04640 0.07064  19 DG A N3    
329 C C4    . DG A 16 ? 2.50348 5.24534 2.61770 -0.94777 -1.04855 0.07733  19 DG A C4    
330 P P     . DT A 17 ? 2.51842 5.36986 2.76648 -0.92501 -1.08585 0.05767  20 DT A P     
331 O OP1   . DT A 17 ? 2.50288 5.35452 2.70800 -0.93126 -1.06922 0.07038  20 DT A OP1   
332 O OP2   . DT A 17 ? 2.50618 5.38343 2.78111 -0.91639 -1.09714 0.04955  20 DT A OP2   
333 O "O5'" . DT A 17 ? 2.51109 5.32424 2.75186 -0.91926 -1.09650 0.03355  20 DT A "O5'" 
334 C "C5'" . DT A 17 ? 2.85880 5.66284 3.08715 -0.90872 -1.10606 0.01087  20 DT A "C5'" 
335 C "C4'" . DT A 17 ? 2.53472 5.33688 2.71531 -0.90982 -1.09361 0.01338  20 DT A "C4'" 
336 O "O4'" . DT A 17 ? 2.53014 5.31181 2.68232 -0.91930 -1.08053 0.02561  20 DT A "O4'" 
337 C "C3'" . DT A 17 ? 2.61426 5.39559 2.77158 -0.89996 -1.10180 -0.01044 20 DT A "C3'" 
338 O "O3'" . DT A 17 ? 2.55997 5.35243 2.68031 -0.90146 -1.09048 -0.00483 20 DT A "O3'" 
339 C "C2'" . DT A 17 ? 2.55273 5.29412 2.69569 -0.90249 -1.10187 -0.01670 20 DT A "C2'" 
340 C "C1'" . DT A 17 ? 2.54173 5.28716 2.66674 -0.91517 -1.08413 0.00826  20 DT A "C1'" 
341 N N1    . DT A 17 ? 2.53462 5.25470 2.66047 -0.92013 -1.08245 0.01203  20 DT A N1    
342 C C2    . DT A 17 ? 2.54083 5.23114 2.62737 -0.92276 -1.07529 0.01130  20 DT A C2    
343 O O2    . DT A 17 ? 2.55235 5.23444 2.60365 -0.92208 -1.07042 0.00778  20 DT A O2    
344 N N3    . DT A 17 ? 2.53393 5.20554 2.62456 -0.92615 -1.07452 0.01522  20 DT A N3    
345 C C4    . DT A 17 ? 2.52145 5.20314 2.65095 -0.92815 -1.07923 0.02088  20 DT A C4    
346 O O4    . DT A 17 ? 2.51647 5.18329 2.64629 -0.93099 -1.07779 0.02477  20 DT A O4    
347 C C5    . DT A 17 ? 2.51559 5.22794 2.68584 -0.92656 -1.08640 0.02237  20 DT A C5    
348 C C7    . DT A 17 ? 2.50318 5.22926 2.71915 -0.92965 -1.09230 0.02966  20 DT A C7    
349 C C6    . DT A 17 ? 2.52250 5.25152 2.68877 -0.92220 -1.08799 0.01747  20 DT A C6    
350 P P     . DA A 18 ? 2.58280 5.39127 2.69327 -0.88982 -1.09769 -0.02055 21 DA A P     
351 O OP1   . DA A 18 ? 2.57375 5.42054 2.67374 -0.89464 -1.08486 -0.00248 21 DA A OP1   
352 O OP2   . DA A 18 ? 2.70375 5.51256 2.85000 -0.87792 -1.11757 -0.03975 21 DA A OP2   
353 O "O5'" . DA A 18 ? 2.59172 5.36567 2.66009 -0.88728 -1.09694 -0.03457 21 DA A "O5'" 
354 C "C5'" . DA A 18 ? 2.59631 5.33072 2.66677 -0.88246 -1.10792 -0.05231 21 DA A "C5'" 
355 C "C4'" . DA A 18 ? 2.60571 5.30768 2.63192 -0.88569 -1.10035 -0.05456 21 DA A "C4'" 
356 O "O4'" . DA A 18 ? 2.59417 5.27393 2.62013 -0.89477 -1.09397 -0.04393 21 DA A "O4'" 
357 C "C3'" . DA A 18 ? 2.62350 5.29399 2.63622 -0.87350 -1.11409 -0.08118 21 DA A "C3'" 
358 O "O3'" . DA A 18 ? 2.63705 5.29187 2.60327 -0.87511 -1.10580 -0.08150 21 DA A "O3'" 
359 C "C2'" . DA A 18 ? 2.61579 5.25575 2.64725 -0.87422 -1.12104 -0.08705 21 DA A "C2'" 
360 C "C1'" . DA A 18 ? 2.60180 5.24251 2.62203 -0.88844 -1.10397 -0.06261 21 DA A "C1'" 
361 N N9    . DA A 18 ? 2.58723 5.21935 2.63594 -0.89265 -1.10617 -0.05739 21 DA A N9    
362 C C8    . DA A 18 ? 2.57461 5.22807 2.66859 -0.89346 -1.11236 -0.05304 21 DA A C8    
363 N N7    . DA A 18 ? 2.56352 5.20643 2.67500 -0.89835 -1.11228 -0.04715 21 DA A N7    
364 C C5    . DA A 18 ? 2.56933 5.18099 2.64365 -0.89986 -1.10597 -0.04865 21 DA A C5    
365 C C6    . DA A 18 ? 2.56395 5.15321 2.63343 -0.90353 -1.10314 -0.04485 21 DA A C6    
366 N N6    . DA A 18 ? 2.55038 5.14820 2.65481 -0.90732 -1.10563 -0.03756 21 DA A N6    
367 N N1    . DA A 18 ? 2.57410 5.13308 2.60150 -0.90288 -1.09803 -0.04855 21 DA A N1    
368 C C2    . DA A 18 ? 2.58850 5.14071 2.58201 -0.90000 -1.09550 -0.05456 21 DA A C2    
369 N N3    . DA A 18 ? 2.59450 5.16831 2.58872 -0.89710 -1.09695 -0.05767 21 DA A N3    
370 C C4    . DA A 18 ? 2.58418 5.18742 2.61975 -0.89665 -1.10239 -0.05490 21 DA A C4    
371 P P     . DG A 19 ? 2.66023 5.28816 2.60185 -0.86174 -1.11779 -0.10729 22 DG A P     
372 O OP1   . DG A 19 ? 2.67330 5.32791 2.59117 -0.85918 -1.11280 -0.10562 22 DG A OP1   
373 O OP2   . DG A 19 ? 2.66238 5.27620 2.63619 -0.85002 -1.13746 -0.12888 22 DG A OP2   
374 O "O5'" . DG A 19 ? 2.66500 5.25150 2.57186 -0.86703 -1.11133 -0.10623 22 DG A "O5'" 
375 C "C5'" . DG A 19 ? 2.64914 5.22380 2.56278 -0.87751 -1.10338 -0.09151 22 DG A "C5'" 
376 C "C4'" . DG A 19 ? 2.65261 5.18493 2.56528 -0.87181 -1.11293 -0.10701 22 DG A "C4'" 
377 O "O4'" . DG A 19 ? 2.63398 5.16937 2.58356 -0.87588 -1.11481 -0.10051 22 DG A "O4'" 
378 C "C3'" . DG A 19 ? 2.66878 5.18236 2.58545 -0.85626 -1.13136 -0.13528 22 DG A "C3'" 
379 O "O3'" . DG A 19 ? 2.68180 5.15359 2.56781 -0.85193 -1.13416 -0.14690 22 DG A "O3'" 
380 C "C2'" . DG A 19 ? 2.65588 5.17525 2.62263 -0.85345 -1.14351 -0.14145 22 DG A "C2'" 
381 C "C1'" . DG A 19 ? 2.63797 5.15415 2.61043 -0.86554 -1.13193 -0.12206 22 DG A "C1'" 
382 N N9    . DG A 19 ? 2.62030 5.15487 2.64086 -0.86902 -1.13635 -0.11594 22 DG A N9    
383 C C8    . DG A 19 ? 2.61353 5.18078 2.67046 -0.86829 -1.14179 -0.11366 22 DG A C8    
384 N N7    . DG A 19 ? 2.59844 5.17543 2.69531 -0.87282 -1.14509 -0.10695 22 DG A N7    
385 C C5    . DG A 19 ? 2.59466 5.14552 2.68058 -0.87640 -1.14127 -0.10485 22 DG A C5    
386 C C6    . DG A 19 ? 2.58055 5.13104 2.69551 -0.88196 -1.14197 -0.09735 22 DG A C6    
387 O O6    . DG A 19 ? 2.56819 5.14133 2.72664 -0.88587 -1.14614 -0.09016 22 DG A O6    
388 N N1    . DG A 19 ? 2.58269 5.10407 2.67137 -0.88276 -1.13736 -0.09806 22 DG A N1    
389 C C2    . DG A 19 ? 2.59716 5.09072 2.63820 -0.87881 -1.13330 -0.10530 22 DG A C2    
390 N N2    . DG A 19 ? 2.59822 5.06518 2.61982 -0.87925 -1.13031 -0.10537 22 DG A N2    
391 N N3    . DG A 19 ? 2.61060 5.10373 2.62493 -0.87459 -1.13245 -0.11154 22 DG A N3    
392 C C4    . DG A 19 ? 2.60818 5.13179 2.64700 -0.87361 -1.13627 -0.11083 22 DG A C4    
393 P P     . DC A 20 ? 2.70506 5.15027 2.57751 -0.83565 -1.15107 -0.17563 23 DC A P     
394 O OP1   . DC A 20 ? 2.72191 5.17921 2.56053 -0.83336 -1.14619 -0.17553 23 DC A OP1   
395 O OP2   . DC A 20 ? 2.70207 5.15048 2.61785 -0.82675 -1.16894 -0.19210 23 DC A OP2   
396 O "O5'" . DC A 20 ? 2.71180 5.11123 2.55879 -0.83414 -1.15181 -0.18221 23 DC A "O5'" 
397 C "C5'" . DC A 20 ? 2.69745 5.09008 2.54115 -0.84533 -1.13980 -0.16440 23 DC A "C5'" 
398 C "C4'" . DC A 20 ? 2.68922 5.06150 2.55884 -0.84178 -1.14935 -0.17340 23 DC A "C4'" 
399 O "O4'" . DC A 20 ? 2.66867 5.07091 2.58591 -0.84734 -1.15022 -0.16431 23 DC A "O4'" 
400 C "C3'" . DC A 20 ? 2.70502 5.04970 2.57904 -0.82670 -1.16877 -0.20173 23 DC A "C3'" 
401 O "O3'" . DC A 20 ? 2.71074 5.01807 2.56516 -0.82346 -1.17059 -0.20818 23 DC A "O3'" 
402 C "C2'" . DC A 20 ? 2.69211 5.05651 2.62139 -0.82515 -1.18082 -0.20751 23 DC A "C2'" 
403 C "C1'" . DC A 20 ? 2.66822 5.05809 2.61762 -0.83946 -1.16669 -0.18201 23 DC A "C1'" 
404 N N1    . DC A 20 ? 2.65352 5.07738 2.65323 -0.84265 -1.17178 -0.17734 23 DC A N1    
405 C C2    . DC A 20 ? 2.63722 5.06717 2.67601 -0.84763 -1.17470 -0.17199 23 DC A C2    
406 O O2    . DC A 20 ? 2.63508 5.04345 2.66542 -0.84860 -1.17292 -0.17181 23 DC A O2    
407 N N3    . DC A 20 ? 2.62520 5.08571 2.71016 -0.85105 -1.17973 -0.16687 23 DC A N3    
408 C C4    . DC A 20 ? 2.62912 5.11259 2.72076 -0.84860 -1.18224 -0.16783 23 DC A C4    
409 N N4    . DC A 20 ? 2.61827 5.13017 2.75598 -0.85150 -1.18822 -0.16291 23 DC A N4    
410 C C5    . DC A 20 ? 2.64532 5.12495 2.69679 -0.84290 -1.17900 -0.17349 23 DC A C5    
411 C C6    . DC A 20 ? 2.65690 5.10704 2.66397 -0.84069 -1.17358 -0.17758 23 DC A C6    
412 P P     . DA A 21 ? 2.77274 5.04600 2.63105 -0.80841 -1.19057 -0.23642 24 DA A P     
413 O OP1   . DA A 21 ? 2.78523 5.02046 2.60206 -0.80511 -1.18756 -0.23953 24 DA A OP1   
414 O OP2   . DA A 21 ? 2.78804 5.06679 2.65026 -0.79819 -1.20343 -0.25375 24 DA A OP2   
415 O "O5'" . DA A 21 ? 2.75388 5.03701 2.66428 -0.81095 -1.19814 -0.23686 24 DA A "O5'" 
416 C "C5'" . DA A 21 ? 2.73517 5.02589 2.65391 -0.82169 -1.18615 -0.21763 24 DA A "C5'" 
417 C "C4'" . DA A 21 ? 2.72082 5.02207 2.69080 -0.82278 -1.19589 -0.22089 24 DA A "C4'" 
418 O "O4'" . DA A 21 ? 2.70708 5.04624 2.71812 -0.82913 -1.19634 -0.21214 24 DA A "O4'" 
419 C "C3'" . DA A 21 ? 2.73394 5.01137 2.71992 -0.81015 -1.21705 -0.24793 24 DA A "C3'" 
420 O "O3'" . DA A 21 ? 2.72268 4.99855 2.73774 -0.81248 -1.22110 -0.24743 24 DA A "O3'" 
421 C "C2'" . DA A 21 ? 2.73477 5.03439 2.75612 -0.80767 -1.22894 -0.25642 24 DA A "C2'" 
422 C "C1'" . DA A 21 ? 2.71137 5.05016 2.76147 -0.82165 -1.21621 -0.23168 24 DA A "C1'" 
423 N N9    . DA A 21 ? 2.70976 5.07712 2.78300 -0.82236 -1.21997 -0.23055 24 DA A N9    
424 C C8    . DA A 21 ? 2.72342 5.09446 2.77214 -0.81679 -1.22009 -0.23587 24 DA A C8    
425 N N7    . DA A 21 ? 2.71870 5.11967 2.79803 -0.81791 -1.22463 -0.23355 24 DA A N7    
426 C C5    . DA A 21 ? 2.70086 5.11731 2.82866 -0.82536 -1.22775 -0.22583 24 DA A C5    
427 C C6    . DA A 21 ? 2.68923 5.13683 2.86681 -0.83004 -1.23368 -0.21972 24 DA A C6    
428 N N6    . DA A 21 ? 2.69410 5.16327 2.88017 -0.82667 -1.23817 -0.22155 24 DA A N6    
429 N N1    . DA A 21 ? 2.67330 5.13020 2.89186 -0.83810 -1.23511 -0.21126 24 DA A N1    
430 C C2    . DA A 21 ? 2.66909 5.10716 2.87846 -0.84060 -1.23071 -0.20944 24 DA A C2    
431 N N3    . DA A 21 ? 2.67909 5.08701 2.84286 -0.83574 -1.22561 -0.21550 24 DA A N3    
432 C C4    . DA A 21 ? 2.69501 5.09245 2.81956 -0.82842 -1.22447 -0.22353 24 DA A C4    
433 P P     . DC B 1  ? 1.25469 2.10452 1.61171 -0.10195 -0.05090 0.86722  1  DC B P     
434 O OP1   . DC B 1  ? 1.13743 1.88093 1.49233 -0.13161 -0.02942 0.83413  1  DC B OP1   
435 O OP2   . DC B 1  ? 1.07175 1.94697 1.48374 -0.01429 -0.07554 0.86630  1  DC B OP2   
436 O "O5'" . DC B 1  ? 1.66143 2.57345 1.97039 -0.12263 -0.05674 0.86354  1  DC B "O5'" 
437 C "C5'" . DC B 1  ? 2.09133 2.99627 2.34508 -0.19578 -0.04530 0.84666  1  DC B "C5'" 
438 C "C4'" . DC B 1  ? 2.29614 3.30070 2.53852 -0.20278 -0.05992 0.85279  1  DC B "C4'" 
439 O "O4'" . DC B 1  ? 1.49139 2.54293 1.76358 -0.20230 -0.06545 0.86279  1  DC B "O4'" 
440 C "C3'" . DC B 1  ? 1.98731 3.06341 2.25386 -0.14853 -0.07270 0.86533  1  DC B "C3'" 
441 O "O3'" . DC B 1  ? 2.32868 3.44662 2.55653 -0.18016 -0.07644 0.85985  1  DC B "O3'" 
442 C "C2'" . DC B 1  ? 1.44119 2.58794 1.76055 -0.11000 -0.07792 0.87918  1  DC B "C2'" 
443 C "C1'" . DC B 1  ? 1.15909 2.31043 1.46706 -0.16274 -0.07764 0.88074  1  DC B "C1'" 
444 N N1    . DC B 1  ? 1.10839 2.28641 1.46394 -0.13857 -0.07960 0.89628  1  DC B N1    
445 C C2    . DC B 1  ? 1.14887 2.41707 1.53847 -0.11074 -0.08256 0.91162  1  DC B C2    
446 O O2    . DC B 1  ? 1.38681 2.71647 1.77029 -0.10572 -0.08268 0.91178  1  DC B O2    
447 N N3    . DC B 1  ? 1.42517 2.70329 1.85119 -0.09083 -0.08165 0.92526  1  DC B N3    
448 C C4    . DC B 1  ? 2.07661 3.28709 2.50942 -0.09945 -0.08171 0.92507  1  DC B C4    
449 N N4    . DC B 1  ? 2.58440 3.80261 3.05149 -0.08025 -0.08245 0.93927  1  DC B N4    
450 C C5    . DC B 1  ? 2.11128 3.23441 2.51283 -0.13031 -0.07665 0.90864  1  DC B C5    
451 C C6    . DC B 1  ? 1.49388 2.60129 1.85658 -0.14858 -0.07393 0.89405  1  DC B C6    
452 P P     . DC B 2  ? 1.74223 2.85870 1.95138 -0.15829 -0.07940 0.85707  2  DC B P     
453 O OP1   . DC B 2  ? 1.43950 2.65473 1.65336 -0.15767 -0.08593 0.86146  2  DC B OP1   
454 O OP2   . DC B 2  ? 2.08974 3.11294 2.24485 -0.19929 -0.07027 0.84467  2  DC B OP2   
455 O "O5'" . DC B 2  ? 1.88567 2.97988 2.13873 -0.08436 -0.08224 0.85919  2  DC B "O5'" 
456 C "C5'" . DC B 2  ? 2.27083 3.38021 2.52377 -0.04091 -0.08800 0.85160  2  DC B "C5'" 
457 C "C4'" . DC B 2  ? 2.18066 3.37720 2.45820 -0.01089 -0.08624 0.85050  2  DC B "C4'" 
458 O "O4'" . DC B 2  ? 1.81663 3.03682 2.12818 -0.00724 -0.08181 0.85843  2  DC B "O4'" 
459 C "C3'" . DC B 2  ? 2.32698 3.50753 2.61595 0.05603  -0.08958 0.82881  2  DC B "C3'" 
460 O "O3'" . DC B 2  ? 1.90276 3.16102 2.18808 0.06566  -0.08458 0.82874  2  DC B "O3'" 
461 C "C2'" . DC B 2  ? 2.76800 3.90732 3.09417 0.09536  -0.09006 0.81630  2  DC B "C2'" 
462 C "C1'" . DC B 2  ? 2.20594 3.40213 2.54485 0.05733  -0.08183 0.84139  2  DC B "C1'" 
463 N N1    . DC B 2  ? 2.02753 3.17632 2.39542 0.06246  -0.08257 0.84313  2  DC B N1    
464 C C2    . DC B 2  ? 1.77379 2.94829 2.16724 0.08042  -0.07879 0.84654  2  DC B C2    
465 O O2    . DC B 2  ? 1.82827 3.06313 2.21937 0.09393  -0.07376 0.84885  2  DC B O2    
466 N N3    . DC B 2  ? 1.52359 2.65318 1.94351 0.08221  -0.08074 0.84875  2  DC B N3    
467 C C4    . DC B 2  ? 1.59421 2.66005 2.01869 0.06728  -0.08458 0.84819  2  DC B C4    
468 N N4    . DC B 2  ? 1.47970 2.50598 1.93405 0.06745  -0.08578 0.85182  2  DC B N4    
469 C C5    . DC B 2  ? 1.44921 2.48504 1.84718 0.05081  -0.08683 0.84582  2  DC B C5    
470 C C6    . DC B 2  ? 1.68899 2.76617 2.05780 0.04902  -0.08658 0.84305  2  DC B C6    
471 P P     . DG B 3  ? 1.72824 2.98783 1.99153 0.09524  -0.08954 0.81155  3  DG B P     
472 O OP1   . DG B 3  ? 2.57945 3.90184 2.81714 0.04809  -0.08769 0.82811  3  DG B OP1   
473 O OP2   . DG B 3  ? 1.74418 2.91098 2.00456 0.12460  -0.10152 0.79109  3  DG B OP2   
474 O "O5'" . DG B 3  ? 1.55711 2.84886 1.83756 0.14611  -0.08479 0.79512  3  DG B "O5'" 
475 C "C5'" . DG B 3  ? 1.40746 2.78316 1.70014 0.13456  -0.07279 0.81328  3  DG B "C5'" 
476 C "C4'" . DG B 3  ? 1.78291 3.14738 2.09235 0.18849  -0.07156 0.79467  3  DG B "C4'" 
477 O "O4'" . DG B 3  ? 1.72253 3.01869 2.05412 0.20190  -0.07644 0.78603  3  DG B "O4'" 
478 C "C3'" . DG B 3  ? 1.83335 3.16290 2.13320 0.23882  -0.08052 0.75973  3  DG B "C3'" 
479 O "O3'" . DG B 3  ? 2.35031 3.71827 2.65811 0.27138  -0.07608 0.75324  3  DG B "O3'" 
480 C "C2'" . DG B 3  ? 1.92612 3.15060 2.24013 0.26555  -0.09440 0.72957  3  DG B "C2'" 
481 C "C1'" . DG B 3  ? 2.30912 3.52303 2.64659 0.25053  -0.08942 0.74556  3  DG B "C1'" 
482 N N9    . DG B 3  ? 2.15663 3.29769 2.50564 0.24160  -0.09638 0.73957  3  DG B N9    
483 C C8    . DG B 3  ? 1.69361 2.80036 2.02968 0.22593  -0.10233 0.73916  3  DG B C8    
484 N N7    . DG B 3  ? 1.42240 2.46607 1.77776 0.22315  -0.10696 0.73466  3  DG B N7    
485 C C5    . DG B 3  ? 1.88427 2.92214 2.26610 0.23452  -0.10379 0.73207  3  DG B C5    
486 C C6    . DG B 3  ? 1.62262 2.60716 2.03559 0.23546  -0.10572 0.72777  3  DG B C6    
487 O O6    . DG B 3  ? 1.53187 2.46454 1.95883 0.22695  -0.10946 0.72552  3  DG B O6    
488 N N1    . DG B 3  ? 1.54339 2.53918 1.97455 0.24801  -0.10273 0.72794  3  DG B N1    
489 C C2    . DG B 3  ? 1.53623 2.58599 1.95804 0.26079  -0.09865 0.73236  3  DG B C2    
490 N N2    . DG B 3  ? 1.66806 2.71561 2.11069 0.27369  -0.09802 0.73411  3  DG B N2    
491 N N3    . DG B 3  ? 1.35632 2.45911 1.75235 0.26140  -0.09553 0.73620  3  DG B N3    
492 C C4    . DG B 3  ? 2.04684 3.14124 2.42364 0.24670  -0.09818 0.73546  3  DG B C4    
493 P P     . DT B 4  ? 2.32640 3.65780 2.63424 0.32682  -0.08738 0.71244  4  DT B P     
494 O OP1   . DT B 4  ? 2.14097 3.54993 2.44858 0.34196  -0.07791 0.72192  4  DT B OP1   
495 O OP2   . DT B 4  ? 1.87646 3.17284 2.16680 0.32952  -0.09771 0.69400  4  DT B OP2   
496 O "O5'" . DT B 4  ? 2.71715 3.96507 3.05429 0.35725  -0.09817 0.68574  4  DT B "O5'" 
497 C "C5'" . DT B 4  ? 1.97425 3.23846 2.32974 0.35195  -0.09150 0.70507  4  DT B "C5'" 
498 C "C4'" . DT B 4  ? 2.41928 3.59831 2.80346 0.38328  -0.10446 0.67340  4  DT B "C4'" 
499 O "O4'" . DT B 4  ? 2.81082 3.93274 3.20233 0.36214  -0.10763 0.67321  4  DT B "O4'" 
500 C "C3'" . DT B 4  ? 2.25288 3.37976 2.64549 0.42670  -0.11999 0.62476  4  DT B "C3'" 
501 O "O3'" . DT B 4  ? 2.33567 3.44837 2.75388 0.46066  -0.12596 0.60726  4  DT B "O3'" 
502 C "C2'" . DT B 4  ? 1.83914 2.88184 2.24168 0.42537  -0.13149 0.59838  4  DT B "C2'" 
503 C "C1'" . DT B 4  ? 1.91433 2.95052 2.32499 0.39453  -0.12339 0.62733  4  DT B "C1'" 
504 N N1    . DT B 4  ? 1.81519 2.79974 2.22679 0.37653  -0.12727 0.62223  4  DT B N1    
505 C C2    . DT B 4  ? 2.05665 2.98281 2.49516 0.37597  -0.13059 0.61289  4  DT B C2    
506 O O2    . DT B 4  ? 2.26590 3.17970 2.72538 0.38707  -0.13092 0.61014  4  DT B O2    
507 N N3    . DT B 4  ? 1.97895 2.86303 2.42052 0.36184  -0.13334 0.60888  4  DT B N3    
508 C C4    . DT B 4  ? 1.72485 2.61458 2.14457 0.34983  -0.13508 0.61368  4  DT B C4    
509 O O4    . DT B 4  ? 1.65244 2.50007 2.07980 0.34024  -0.13831 0.61110  4  DT B O4    
510 C C5    . DT B 4  ? 1.59167 2.54118 1.98110 0.34997  -0.13273 0.62343  4  DT B C5    
511 C C7    . DT B 4  ? 1.32321 2.28304 1.68578 0.33617  -0.13556 0.63141  4  DT B C7    
512 C C6    . DT B 4  ? 1.50629 2.50144 1.89412 0.36323  -0.12817 0.62628  4  DT B C6    
513 P P     . DA B 5  ? 2.33490 3.38293 2.77781 0.50262  -0.14407 0.55368  5  DA B P     
514 O OP1   . DA B 5  ? 2.22117 3.29761 2.68164 0.53215  -0.14469 0.55063  5  DA B OP1   
515 O OP2   . DA B 5  ? 2.51367 3.55270 2.94058 0.50429  -0.15013 0.53341  5  DA B OP2   
516 O "O5'" . DA B 5  ? 2.20844 3.17026 2.67974 0.50311  -0.15392 0.53218  5  DA B "O5'" 
517 C "C5'" . DA B 5  ? 2.27025 3.22933 2.75610 0.49529  -0.14897 0.55398  5  DA B "C5'" 
518 C "C4'" . DA B 5  ? 1.72059 2.59632 2.23441 0.50063  -0.15938 0.52582  5  DA B "C4'" 
519 O "O4'" . DA B 5  ? 1.70727 2.55880 2.20991 0.47479  -0.15693 0.52861  5  DA B "O4'" 
520 C "C3'" . DA B 5  ? 1.55224 2.36901 2.09458 0.53464  -0.17695 0.47172  5  DA B "C3'" 
521 O "O3'" . DA B 5  ? 1.84821 2.60851 2.42196 0.54479  -0.18426 0.45400  5  DA B "O3'" 
522 C "C2'" . DA B 5  ? 1.82074 2.60799 2.35378 0.52625  -0.18264 0.44946  5  DA B "C2'" 
523 C "C1'" . DA B 5  ? 1.57455 2.36286 2.09215 0.49250  -0.17163 0.48089  5  DA B "C1'" 
524 N N9    . DA B 5  ? 1.63475 2.43086 2.12880 0.47554  -0.17006 0.48586  5  DA B N9    
525 C C8    . DA B 5  ? 1.48339 2.33264 1.94807 0.47073  -0.16606 0.50085  5  DA B C8    
526 N N7    . DA B 5  ? 1.48606 2.32682 1.93450 0.45535  -0.16708 0.50391  5  DA B N7    
527 C C5    . DA B 5  ? 1.52074 2.29893 1.99158 0.45128  -0.17150 0.48874  5  DA B C5    
528 C C6    . DA B 5  ? 1.66570 2.40576 2.13790 0.43925  -0.17450 0.48425  5  DA B C6    
529 N N6    . DA B 5  ? 1.73274 2.48912 2.18045 0.42828  -0.17541 0.49657  5  DA B N6    
530 N N1    . DA B 5  ? 1.93685 2.62206 2.43806 0.43987  -0.17633 0.46753  5  DA B N1    
531 C C2    . DA B 5  ? 2.06874 2.73774 2.59274 0.45001  -0.17597 0.45709  5  DA B C2    
532 N N3    . DA B 5  ? 1.41835 2.11526 1.94278 0.46198  -0.17514 0.46132  5  DA B N3    
533 C C4    . DA B 5  ? 1.42214 2.17421 1.92032 0.46258  -0.17259 0.47723  5  DA B C4    
534 P P     . DC B 6  ? 2.12398 2.84865 2.73746 0.58451  -0.19486 0.41500  6  DC B P     
535 O OP1   . DC B 6  ? 2.24005 2.96920 2.87236 0.59992  -0.19434 0.42907  6  DC B OP1   
536 O OP2   . DC B 6  ? 1.78158 2.53643 2.39130 0.60192  -0.19557 0.40078  6  DC B OP2   
537 O "O5'" . DC B 6  ? 1.98063 2.62937 2.61391 0.57967  -0.20481 0.37828  6  DC B "O5'" 
538 C "C5'" . DC B 6  ? 1.53173 2.14746 2.16069 0.55643  -0.20328 0.38682  6  DC B "C5'" 
539 C "C4'" . DC B 6  ? 1.68383 2.24841 2.31985 0.54860  -0.20885 0.35533  6  DC B "C4'" 
540 O "O4'" . DC B 6  ? 1.45208 2.04162 2.06188 0.53038  -0.20372 0.36871  6  DC B "O4'" 
541 C "C3'" . DC B 6  ? 1.65254 2.17733 2.32274 0.57469  -0.22193 0.30631  6  DC B "C3'" 
542 O "O3'" . DC B 6  ? 1.31388 1.78244 1.99801 0.57126  -0.22685 0.27867  6  DC B "O3'" 
543 C "C2'" . DC B 6  ? 1.24802 1.79182 1.90719 0.57167  -0.22403 0.29973  6  DC B "C2'" 
544 C "C1'" . DC B 6  ? 1.40986 1.96148 2.03453 0.54014  -0.21695 0.32577  6  DC B "C1'" 
545 N N1    . DC B 6  ? 1.25032 1.83450 1.84785 0.53007  -0.21568 0.33842  6  DC B N1    
546 C C2    . DC B 6  ? 1.39000 1.94947 1.98231 0.51833  -0.21804 0.33003  6  DC B C2    
547 O O2    . DC B 6  ? 2.20867 2.72228 2.81987 0.51717  -0.22014 0.30970  6  DC B O2    
548 N N3    . DC B 6  ? 1.35480 1.94339 1.92083 0.51030  -0.21729 0.34527  6  DC B N3    
549 C C4    . DC B 6  ? 1.48920 2.13272 2.03211 0.51234  -0.21294 0.36661  6  DC B C4    
550 N N4    . DC B 6  ? 1.39220 2.06476 1.90641 0.50385  -0.21210 0.38204  6  DC B N4    
551 C C5    . DC B 6  ? 1.86171 2.53599 2.41028 0.52531  -0.20844 0.37443  6  DC B C5    
552 C C6    . DC B 6  ? 1.49609 2.13952 2.07313 0.53487  -0.20967 0.36223  6  DC B C6    
553 P P     . DA B 7  ? 1.37264 1.79543 2.09683 0.59702  -0.23859 0.23110  7  DA B P     
554 O OP1   . DA B 7  ? 1.50928 1.90905 2.23665 0.60469  -0.23700 0.23488  7  DA B OP1   
555 O OP2   . DA B 7  ? 1.03282 1.47717 1.78404 0.61512  -0.24320 0.21941  7  DA B OP2   
556 O "O5'" . DA B 7  ? 1.52311 1.90704 2.24428 0.58742  -0.24263 0.19950  7  DA B "O5'" 
557 C "C5'" . DA B 7  ? 1.56598 1.96241 2.26066 0.56453  -0.23734 0.21613  7  DA B "C5'" 
558 C "C4'" . DA B 7  ? 1.08966 1.47008 1.79926 0.56945  -0.24778 0.18302  7  DA B "C4'" 
559 O "O4'" . DA B 7  ? 1.00220 1.41583 1.69345 0.55657  -0.24621 0.20789  7  DA B "O4'" 
560 C "C3'" . DA B 7  ? 1.23699 1.60816 1.98362 0.58217  -0.25186 0.15521  7  DA B "C3'" 
561 O "O3'" . DA B 7  ? 0.93659 1.27336 1.68951 0.57396  -0.25242 0.11990  7  DA B "O3'" 
562 C "C2'" . DA B 7  ? 1.40261 1.82292 2.15855 0.58848  -0.25537 0.18066  7  DA B "C2'" 
563 C "C1'" . DA B 7  ? 1.17458 1.59789 1.89431 0.56942  -0.25466 0.19308  7  DA B "C1'" 
564 N N9    . DA B 7  ? 0.98870 1.45928 1.67882 0.56446  -0.25017 0.22382  7  DA B N9    
565 C C8    . DA B 7  ? 1.25286 1.77084 1.92825 0.57291  -0.24293 0.24762  7  DA B C8    
566 N N7    . DA B 7  ? 1.72909 2.28763 2.37166 0.56721  -0.24014 0.26923  7  DA B N7    
567 C C5    . DA B 7  ? 1.44837 1.97988 2.08641 0.55418  -0.24715 0.26067  7  DA B C5    
568 C C6    . DA B 7  ? 1.76215 2.31051 2.37053 0.54365  -0.24977 0.27503  7  DA B C6    
569 N N6    . DA B 7  ? 1.99594 2.59794 2.56989 0.54279  -0.24448 0.30103  7  DA B N6    
570 N N1    . DA B 7  ? 1.73257 2.24109 2.34776 0.53526  -0.25848 0.26072  7  DA B N1    
571 C C2    . DA B 7  ? 1.82472 2.28504 2.47242 0.53755  -0.26279 0.23151  7  DA B C2    
572 N N3    . DA B 7  ? 1.32273 1.76538 1.99676 0.54582  -0.26049 0.21431  7  DA B N3    
573 C C4    . DA B 7  ? 1.23277 1.71106 1.90142 0.55346  -0.25311 0.23190  7  DA B C4    
574 P P     . DG C 1  ? 1.64077 3.07251 2.35905 -0.36292 0.25875  -1.15951 8  DG C P     
575 O OP1   . DG C 1  ? 1.03374 2.47155 1.75378 -0.36254 0.25684  -1.16413 8  DG C OP1   
576 O OP2   . DG C 1  ? 1.18414 2.60544 1.91019 -0.35591 0.25560  -1.16104 8  DG C OP2   
577 O "O5'" . DG C 1  ? 1.28102 2.68208 1.97444 -0.36676 0.25973  -1.14934 8  DG C "O5'" 
578 C "C5'" . DG C 1  ? 1.38938 2.80051 2.07710 -0.37380 0.26399  -1.14666 8  DG C "C5'" 
579 C "C4'" . DG C 1  ? 1.29435 2.67770 1.95969 -0.37650 0.26339  -1.13993 8  DG C "C4'" 
580 O "O4'" . DG C 1  ? 1.06059 2.43784 1.71968 -0.37631 0.26072  -1.14065 8  DG C "O4'" 
581 C "C3'" . DG C 1  ? 1.35259 2.74417 2.01017 -0.38359 0.26651  -1.13821 8  DG C "C3'" 
582 O "O3'" . DG C 1  ? 1.50619 2.88776 2.16230 -0.38272 0.26757  -1.13580 8  DG C "O3'" 
583 C "C2'" . DG C 1  ? 1.61380 2.98418 2.25328 -0.38565 0.26458  -1.13450 8  DG C "C2'" 
584 C "C1'" . DG C 1  ? 1.22506 2.59749 1.86971 -0.38238 0.26186  -1.13756 8  DG C "C1'" 
585 N N9    . DG C 1  ? 1.30178 2.70289 1.95363 -0.38760 0.26392  -1.14301 8  DG C N9    
586 C C8    . DG C 1  ? 1.76225 3.18902 2.43296 -0.38575 0.26443  -1.15085 8  DG C C8    
587 N N7    . DG C 1  ? 1.46075 2.91239 2.13474 -0.39262 0.26787  -1.15577 8  DG C N7    
588 C C5    . DG C 1  ? 1.54798 2.98771 2.20201 -0.39968 0.26894  -1.15004 8  DG C C5    
589 C C6    . DG C 1  ? 1.52678 2.98125 2.17210 -0.41003 0.27235  -1.15165 8  DG C C6    
590 O O6    . DG C 1  ? 1.71625 3.19983 2.37031 -0.41590 0.27646  -1.15887 8  DG C O6    
591 N N1    . DG C 1  ? 1.40027 2.83235 2.02443 -0.41409 0.27078  -1.14483 8  DG C N1    
592 C C2    . DG C 1  ? 1.26827 2.67016 1.88353 -0.40847 0.26726  -1.13850 8  DG C C2    
593 N N2    . DG C 1  ? 1.80127 3.18618 2.39874 -0.41293 0.26565  -1.13446 8  DG C N2    
594 N N3    . DG C 1  ? 1.08379 2.47338 1.70712 -0.39966 0.26551  -1.13716 8  DG C N3    
595 C C4    . DG C 1  ? 1.13911 2.54778 1.78058 -0.39592 0.26612  -1.14259 8  DG C C4    
596 P P     . DG C 2  ? 2.08376 3.49144 2.75394 -0.38425 0.27009  -1.13953 9  DG C P     
597 O OP1   . DG C 2  ? 2.09246 3.48595 2.76804 -0.37937 0.26990  -1.13847 9  DG C OP1   
598 O OP2   . DG C 2  ? 2.06519 3.50481 2.74964 -0.38575 0.27126  -1.14529 9  DG C OP2   
599 O "O5'" . DG C 2  ? 1.58231 2.99225 2.24007 -0.39070 0.27127  -1.13859 9  DG C "O5'" 
600 C "C5'" . DG C 2  ? 1.87653 3.25881 2.51995 -0.39034 0.26978  -1.13493 9  DG C "C5'" 
601 C "C4'" . DG C 2  ? 2.16245 3.54456 2.79027 -0.39698 0.26892  -1.13417 9  DG C "C4'" 
602 O "O4'" . DG C 2  ? 2.17840 3.56794 2.80543 -0.39887 0.26902  -1.13437 9  DG C "O4'" 
603 C "C3'" . DG C 2  ? 1.88437 3.28841 2.50878 -0.40416 0.26999  -1.13701 9  DG C "C3'" 
604 O "O3'" . DG C 2  ? 2.24203 3.63120 2.85911 -0.40378 0.26755  -1.13704 9  DG C "O3'" 
605 C "C2'" . DG C 2  ? 1.97419 3.38525 2.58575 -0.41226 0.27011  -1.13674 9  DG C "C2'" 
606 C "C1'" . DG C 2  ? 1.89990 3.30609 2.51820 -0.40779 0.27017  -1.13599 9  DG C "C1'" 
607 N N9    . DG C 2  ? 2.06860 3.50440 2.69908 -0.41036 0.27329  -1.14059 9  DG C N9    
608 C C8    . DG C 2  ? 1.93516 3.38327 2.58498 -0.40432 0.27396  -1.14389 9  DG C C8    
609 N N7    . DG C 2  ? 1.79800 3.27464 2.45822 -0.40787 0.27682  -1.14980 9  DG C N7    
610 C C5    . DG C 2  ? 1.88726 3.37107 2.53235 -0.41809 0.27901  -1.14978 9  DG C C5    
611 C C6    . DG C 2  ? 1.66955 3.18273 2.31652 -0.42716 0.28367  -1.15568 9  DG C C6    
612 O O6    . DG C 2  ? 1.59318 3.13425 2.25872 -0.42702 0.28697  -1.16335 9  DG C O6    
613 N N1    . DG C 2  ? 1.76621 3.27467 2.39096 -0.43773 0.28429  -1.15300 9  DG C N1    
614 C C2    . DG C 2  ? 1.86316 3.34171 2.46833 -0.43813 0.27968  -1.14618 9  DG C C2    
615 N N2    . DG C 2  ? 2.33649 3.81312 2.92104 -0.44946 0.27922  -1.14471 9  DG C N2    
616 N N3    . DG C 2  ? 1.50543 2.95824 2.11168 -0.42869 0.27561  -1.14196 9  DG C N3    
617 C C4    . DG C 2  ? 1.88588 3.34328 2.51176 -0.41957 0.27610  -1.14376 9  DG C C4    
618 P P     . DT C 3  ? 3.47444 4.88021 4.09303 -0.40667 0.26736  -1.14068 10 DT C P     
619 O OP1   . DT C 3  ? 4.03409 5.42298 4.63665 -0.40982 0.26220  -1.14105 10 DT C OP1   
620 O OP2   . DT C 3  ? 3.99926 5.40969 4.63705 -0.39940 0.26909  -1.14258 10 DT C OP2   
621 O "O5'" . DT C 3  ? 3.23490 4.67190 3.85040 -0.41565 0.27042  -1.14234 10 DT C "O5'" 
622 C "C5'" . DT C 3  ? 3.52670 4.97498 4.12662 -0.42518 0.26904  -1.14381 10 DT C "C5'" 
623 C "C4'" . DT C 3  ? 3.39212 4.83014 3.96945 -0.43454 0.26599  -1.14120 10 DT C "C4'" 
624 O "O4'" . DT C 3  ? 3.19766 4.64097 3.77940 -0.43509 0.26964  -1.14026 10 DT C "O4'" 
625 C "C3'" . DT C 3  ? 3.42830 4.88217 3.98515 -0.44903 0.26452  -1.14181 10 DT C "C3'" 
626 O "O3'" . DT C 3  ? 3.85571 5.28655 4.39504 -0.45200 0.25491  -1.14034 10 DT C "O3'" 
627 C "C2'" . DT C 3  ? 3.23900 4.70127 3.78569 -0.45882 0.26720  -1.14053 10 DT C "C2'" 
628 C "C1'" . DT C 3  ? 3.19557 4.65858 3.76433 -0.44816 0.27192  -1.14124 10 DT C "C1'" 
629 N N1    . DT C 3  ? 1.94170 3.43828 2.52867 -0.44860 0.27922  -1.14601 10 DT C N1    
630 C C2    . DT C 3  ? 1.94866 3.47139 2.52946 -0.46089 0.28410  -1.14922 10 DT C C2    
631 O O2    . DT C 3  ? 1.96897 3.48822 2.52746 -0.47288 0.28264  -1.14723 10 DT C O2    
632 N N3    . DT C 3  ? 1.93215 3.48613 2.53476 -0.45942 0.29037  -1.15558 10 DT C N3    
633 C C4    . DT C 3  ? 1.91090 3.47006 2.53897 -0.44732 0.29052  -1.15814 10 DT C C4    
634 O O4    . DT C 3  ? 1.89826 3.48589 2.54629 -0.44666 0.29477  -1.16492 10 DT C O4    
635 C C5    . DT C 3  ? 1.90606 3.43511 2.53627 -0.43612 0.28502  -1.15317 10 DT C C5    
636 C C7    . DT C 3  ? 1.88652 3.41666 2.54077 -0.42441 0.28416  -1.15488 10 DT C C7    
637 C C6    . DT C 3  ? 1.92099 3.42182 2.53160 -0.43722 0.28049  -1.14789 10 DT C C6    
638 P P     . DG C 4  ? 4.26271 5.69833 4.79507 -0.45523 0.24963  -1.14243 11 DG C P     
639 O OP1   . DG C 4  ? 4.23531 5.64864 4.74233 -0.46513 0.23637  -1.13952 11 DG C OP1   
640 O OP2   . DG C 4  ? 4.79480 6.22737 5.35122 -0.44039 0.25187  -1.14594 11 DG C OP2   
641 O "O5'" . DG C 4  ? 3.98423 5.45708 4.51325 -0.46587 0.25696  -1.14403 11 DG C "O5'" 
642 C "C5'" . DG C 4  ? 4.25337 5.73471 4.75977 -0.47962 0.25136  -1.14340 11 DG C "C5'" 
643 C "C4'" . DG C 4  ? 4.16631 5.64967 4.64509 -0.49861 0.24830  -1.13898 11 DG C "C4'" 
644 O "O4'" . DG C 4  ? 3.51154 4.99430 3.99973 -0.49533 0.25490  -1.13867 11 DG C "O4'" 
645 C "C3'" . DG C 4  ? 4.04290 5.56082 4.50824 -0.51551 0.25423  -1.14008 11 DG C "C3'" 
646 O "O3'" . DG C 4  ? 4.35421 5.86478 4.79135 -0.52993 0.24197  -1.13594 11 DG C "O3'" 
647 C "C2'" . DG C 4  ? 3.79363 5.32012 4.25055 -0.52675 0.25938  -1.13852 11 DG C "C2'" 
648 C "C1'" . DG C 4  ? 3.82061 5.33426 4.30421 -0.50809 0.26380  -1.14029 11 DG C "C1'" 
649 N N9    . DG C 4  ? 2.28036 3.81996 2.79480 -0.49706 0.27545  -1.14645 11 DG C N9    
650 C C8    . DG C 4  ? 2.25576 3.79009 2.79647 -0.47931 0.27653  -1.14856 11 DG C C8    
651 N N7    . DG C 4  ? 2.23339 3.79336 2.79883 -0.47408 0.28460  -1.15352 11 DG C N7    
652 C C5    . DG C 4  ? 2.24224 3.82822 2.79951 -0.48821 0.29067  -1.15632 11 DG C C5    
653 C C6    . DG C 4  ? 2.22728 3.84831 2.80544 -0.48966 0.29970  -1.16371 11 DG C C6    
654 O O6    . DG C 4  ? 2.20323 3.83744 2.81135 -0.47825 0.30232  -1.16859 11 DG C O6    
655 N N1    . DG C 4  ? 2.24460 3.88618 2.80657 -0.50710 0.30494  -1.16598 11 DG C N1    
656 C C2    . DG C 4  ? 2.27431 3.90226 2.80155 -0.52259 0.30071  -1.16016 11 DG C C2    
657 N N2    . DG C 4  ? 2.28899 3.94197 2.80448 -0.54029 0.30738  -1.16340 11 DG C N2    
658 N N3    . DG C 4  ? 2.28972 3.88232 2.79653 -0.52152 0.28975  -1.15232 11 DG C N3    
659 C C4    . DG C 4  ? 2.27155 3.84571 2.79620 -0.50327 0.28587  -1.15162 11 DG C C4    
660 P P     . DC D 1  ? 3.13658 5.54239 2.66960 -1.43764 -0.97718 0.57173  -2 DC D P     
661 O OP1   . DC D 1  ? 3.20975 5.59461 2.72095 -1.46572 -1.00927 0.54826  -2 DC D OP1   
662 O OP2   . DC D 1  ? 3.10191 5.47108 2.61366 -1.40931 -0.95875 0.56872  -2 DC D OP2   
663 O "O5'" . DC D 1  ? 3.06678 5.45102 2.61952 -1.44997 -0.93600 0.59355  -2 DC D "O5'" 
664 C "C5'" . DC D 1  ? 3.06144 5.50667 2.65243 -1.46124 -0.93748 0.61463  -2 DC D "C5'" 
665 C "C4'" . DC D 1  ? 2.98000 5.40195 2.58324 -1.45952 -0.89028 0.63812  -2 DC D "C4'" 
666 O "O4'" . DC D 1  ? 2.92186 5.28628 2.50564 -1.43544 -0.85790 0.63483  -2 DC D "O4'" 
667 C "C3'" . DC D 1  ? 2.98086 5.35425 2.57535 -1.49156 -0.88096 0.64203  -2 DC D "C3'" 
668 O "O3'" . DC D 1  ? 2.92833 5.32415 2.54717 -1.49379 -0.85189 0.67134  -2 DC D "O3'" 
669 C "C2'" . DC D 1  ? 2.95415 5.23404 2.51047 -1.48712 -0.85866 0.62593  -2 DC D "C2'" 
670 C "C1'" . DC D 1  ? 2.89520 5.17841 2.45452 -1.45131 -0.83291 0.63196  -2 DC D "C1'" 
671 N N1    . DC D 1  ? 2.89239 5.10831 2.41524 -1.44016 -0.82687 0.61104  -2 DC D N1    
672 C C2    . DC D 1  ? 2.91785 5.15252 2.43164 -1.41801 -0.84632 0.59873  -2 DC D C2    
673 O O2    . DC D 1  ? 2.94187 5.24651 2.47780 -1.40474 -0.86922 0.60339  -2 DC D O2    
674 N N3    . DC D 1  ? 2.91769 5.09259 2.39721 -1.41124 -0.84011 0.58261  -2 DC D N3    
675 C C4    . DC D 1  ? 2.89217 4.99379 2.34889 -1.42440 -0.81539 0.57663  -2 DC D C4    
676 N N4    . DC D 1  ? 2.89446 4.94423 2.31848 -1.41757 -0.80985 0.56098  -2 DC D N4    
677 C C5    . DC D 1  ? 2.86647 4.94533 2.33178 -1.44470 -0.79657 0.58709  -2 DC D C5    
678 C C6    . DC D 1  ? 2.86876 5.00500 2.36597 -1.45229 -0.80361 0.60479  -2 DC D C6    
679 P P     . DT D 2  ? 3.31793 5.78741 2.97022 -1.51771 -0.87226 0.69129  -1 DT D P     
680 O OP1   . DT D 2  ? 3.35751 5.91263 3.03366 -1.50562 -0.90322 0.68779  -1 DT D OP1   
681 O OP2   . DT D 2  ? 3.36581 5.79005 3.00542 -1.55274 -0.89184 0.68395  -1 DT D OP2   
682 O "O5'" . DT D 2  ? 3.24382 5.73219 2.91443 -1.50927 -0.82966 0.72327  -1 DT D "O5'" 
683 C "C5'" . DT D 2  ? 3.16781 5.61444 2.82760 -1.48167 -0.78828 0.72594  -1 DT D "C5'" 
684 C "C4'" . DT D 2  ? 3.14780 5.64661 2.82530 -1.44487 -0.78809 0.72093  -1 DT D "C4'" 
685 O "O4'" . DT D 2  ? 3.15548 5.60038 2.80652 -1.42992 -0.79502 0.69604  -1 DT D "O4'" 
686 C "C3'" . DT D 2  ? 3.06817 5.58171 2.76253 -1.41633 -0.74766 0.73756  -1 DT D "C3'" 
687 O "O3'" . DT D 2  ? 3.07093 5.67263 2.79763 -1.39093 -0.75889 0.73990  -1 DT D "O3'" 
688 C "C2'" . DT D 2  ? 3.02615 5.45759 2.69518 -1.39591 -0.72659 0.72260  -1 DT D "C2'" 
689 C "C1'" . DT D 2  ? 3.08869 5.51549 2.74242 -1.39609 -0.76427 0.69824  -1 DT D "C1'" 
690 N N1    . DT D 2  ? 3.07725 5.41497 2.69562 -1.39313 -0.75440 0.68105  -1 DT D N1    
691 C C2    . DT D 2  ? 3.09577 5.42822 2.70361 -1.37174 -0.77098 0.66391  -1 DT D C2    
692 O O2    . DT D 2  ? 3.12337 5.51828 2.74873 -1.35354 -0.79557 0.66130  -1 DT D O2    
693 N N3    . DT D 2  ? 3.08440 5.33569 2.65887 -1.37214 -0.75910 0.65040  -1 DT D N3    
694 C C4    . DT D 2  ? 3.05551 5.23162 2.60777 -1.38982 -0.73262 0.65063  -1 DT D C4    
695 O O4    . DT D 2  ? 3.04820 5.15794 2.57174 -1.38837 -0.72343 0.63727  -1 DT D O4    
696 C C5    . DT D 2  ? 3.03830 5.22055 2.60227 -1.40978 -0.71801 0.66838  -1 DT D C5    
697 C C7    . DT D 2  ? 3.01164 5.11315 2.55132 -1.42761 -0.69240 0.67024  -1 DT D C7    
698 C C6    . DT D 2  ? 3.05022 5.31238 2.64584 -1.41119 -0.72940 0.68349  -1 DT D C6    
699 P P     . DG D 3  ? 2.90930 5.59223 2.67074 -1.38361 -0.73967 0.76500  0  DG D P     
700 O OP1   . DG D 3  ? 2.97296 5.74200 2.75739 -1.40213 -0.77433 0.77143  0  DG D OP1   
701 O OP2   . DG D 3  ? 2.85966 5.49052 2.60726 -1.39699 -0.70245 0.78245  0  DG D OP2   
702 O "O5'" . DG D 3  ? 2.86464 5.58006 2.64660 -1.33408 -0.72779 0.75729  0  DG D "O5'" 
703 C "C5'" . DG D 3  ? 2.79790 5.44618 2.56827 -1.30977 -0.69445 0.75284  0  DG D "C5'" 
704 C "C4'" . DG D 3  ? 2.80122 5.43266 2.56961 -1.27540 -0.70992 0.73119  0  DG D "C4'" 
705 O "O4'" . DG D 3  ? 2.82767 5.37913 2.55990 -1.29229 -0.72100 0.71692  0  DG D "O4'" 
706 C "C3'" . DG D 3  ? 2.73088 5.33524 2.50817 -1.23598 -0.68051 0.72857  0  DG D "C3'" 
707 O "O3'" . DG D 3  ? 2.72577 5.41456 2.53884 -1.20104 -0.68812 0.72806  0  DG D "O3'" 
708 C "C2'" . DG D 3  ? 2.73807 5.26853 2.49013 -1.22364 -0.69121 0.70989  0  DG D "C2'" 
709 C "C1'" . DG D 3  ? 2.80557 5.31564 2.52997 -1.26033 -0.71901 0.70291  0  DG D "C1'" 
710 N N9    . DG D 3  ? 2.79753 5.21040 2.48458 -1.27755 -0.70698 0.69508  0  DG D N9    
711 C C8    . DG D 3  ? 2.79580 5.15755 2.46059 -1.31260 -0.69222 0.70034  0  DG D C8    
712 N N7    . DG D 3  ? 2.79215 5.07225 2.42479 -1.31927 -0.68539 0.68855  0  DG D N7    
713 C C5    . DG D 3  ? 2.79219 5.06975 2.42522 -1.28887 -0.69628 0.67683  0  DG D C5    
714 C C6    . DG D 3  ? 2.79160 5.00149 2.39667 -1.28211 -0.69556 0.66318  0  DG D C6    
715 O O6    . DG D 3  ? 2.78887 4.92783 2.36334 -1.30148 -0.68327 0.65664  0  DG D O6    
716 N N1    . DG D 3  ? 2.79824 5.02979 2.41274 -1.24826 -0.71256 0.65712  0  DG D N1    
717 C C2    . DG D 3  ? 2.80533 5.11273 2.45229 -1.22169 -0.72921 0.66105  0  DG D C2    
718 N N2    . DG D 3  ? 2.81706 5.12848 2.46581 -1.18842 -0.74805 0.65353  0  DG D N2    
719 N N3    . DG D 3  ? 2.80419 5.17919 2.47899 -1.22678 -0.72864 0.67188  0  DG D N3    
720 C C4    . DG D 3  ? 2.79716 5.15339 2.46297 -1.26210 -0.71126 0.68041  0  DG D C4    
721 P P     . DC D 4  ? 4.46978 7.16576 4.30480 -1.16401 -0.65364 0.73164  1  DC D P     
722 O OP1   . DC D 4  ? 5.14872 7.95125 5.02064 -1.13697 -0.66753 0.73156  1  DC D OP1   
723 O OP2   . DC D 4  ? 3.33888 5.98667 3.15958 -1.18810 -0.61458 0.74773  1  DC D OP2   
724 O "O5'" . DC D 4  ? 3.55047 6.17462 3.37492 -1.13069 -0.65576 0.71364  1  DC D "O5'" 
725 C "C5'" . DC D 4  ? 3.67444 6.31823 3.50245 -1.10506 -0.69399 0.69784  1  DC D "C5'" 
726 C "C4'" . DC D 4  ? 3.66090 6.21537 3.46629 -1.08899 -0.69400 0.68603  1  DC D "C4'" 
727 O "O4'" . DC D 4  ? 3.46798 5.95072 3.23663 -1.12937 -0.68775 0.68746  1  DC D "O4'" 
728 C "C3'" . DC D 4  ? 2.82681 5.33592 2.64220 -1.05972 -0.66059 0.68584  1  DC D "C3'" 
729 O "O3'" . DC D 4  ? 2.83384 5.31483 2.64983 -1.01969 -0.68064 0.67185  1  DC D "O3'" 
730 C "C2'" . DC D 4  ? 2.95100 5.37384 2.73711 -1.09493 -0.62925 0.69332  1  DC D "C2'" 
731 C "C1'" . DC D 4  ? 3.44367 5.84213 3.19909 -1.12257 -0.65792 0.68676  1  DC D "C1'" 
732 N N1    . DC D 4  ? 3.01360 5.34629 2.73709 -1.16538 -0.63937 0.69183  1  DC D N1    
733 C C2    . DC D 4  ? 2.70387 4.96220 2.39467 -1.17480 -0.64476 0.68179  1  DC D C2    
734 O O2    . DC D 4  ? 2.72185 4.97154 2.40978 -1.14946 -0.66533 0.67149  1  DC D O2    
735 N N3    . DC D 4  ? 2.70326 4.90245 2.36474 -1.21070 -0.62933 0.68355  1  DC D N3    
736 C C4    . DC D 4  ? 2.68996 4.89702 2.35269 -1.23614 -0.61107 0.69620  1  DC D C4    
737 N N4    . DC D 4  ? 2.69514 4.83853 2.32665 -1.26830 -0.59982 0.69603  1  DC D N4    
738 C C5    . DC D 4  ? 2.67510 4.95668 2.36949 -1.22888 -0.60519 0.70955  1  DC D C5    
739 C C6    . DC D 4  ? 2.72327 5.06762 2.44789 -1.19338 -0.61831 0.70615  1  DC D C6    
740 P P     . DT D 5  ? 2.99967 5.38222 2.80217 -1.00525 -0.65802 0.66821  2  DT D P     
741 O OP1   . DT D 5  ? 3.13112 5.50475 2.95125 -0.99840 -0.61675 0.67536  2  DT D OP1   
742 O OP2   . DT D 5  ? 2.86657 5.18248 2.63047 -1.03920 -0.66230 0.66770  2  DT D OP2   
743 O "O5'" . DT D 5  ? 3.78386 6.16821 3.59702 -0.95363 -0.68986 0.65462  2  DT D "O5'" 
744 C "C5'" . DT D 5  ? 3.32888 5.66208 3.15160 -0.91853 -0.67500 0.64969  2  DT D "C5'" 
745 C "C4'" . DT D 5  ? 2.96446 5.20054 2.75613 -0.92983 -0.67011 0.64937  2  DT D "C4'" 
746 O "O4'" . DT D 5  ? 2.42856 4.63815 2.19125 -0.98158 -0.65760 0.65668  2  DT D "O4'" 
747 C "C3'" . DT D 5  ? 3.09142 5.26036 2.89047 -0.91319 -0.63721 0.64971  2  DT D "C3'" 
748 O "O3'" . DT D 5  ? 3.31286 5.44494 3.11360 -0.87107 -0.66028 0.64060  2  DT D "O3'" 
749 C "C2'" . DT D 5  ? 2.83500 4.93294 2.60518 -0.95835 -0.60740 0.65806  2  DT D "C2'" 
750 C "C1'" . DT D 5  ? 2.72365 4.84635 2.46832 -0.99629 -0.62798 0.65978  2  DT D "C1'" 
751 N N1    . DT D 5  ? 2.87273 4.98294 2.60257 -1.04343 -0.59955 0.66909  2  DT D N1    
752 C C2    . DT D 5  ? 2.92306 4.97013 2.61745 -1.07745 -0.59359 0.66895  2  DT D C2    
753 O O2    . DT D 5  ? 2.63743 4.64127 2.31169 -1.07351 -0.60800 0.66265  2  DT D O2    
754 N N3    . DT D 5  ? 2.78645 4.82362 2.46785 -1.11588 -0.57140 0.67653  2  DT D N3    
755 C C4    . DT D 5  ? 2.42398 4.50681 2.12249 -1.12529 -0.55509 0.68691  2  DT D C4    
756 O O4    . DT D 5  ? 2.04940 4.11486 1.73100 -1.15984 -0.53908 0.69470  2  DT D O4    
757 C C5    . DT D 5  ? 2.31402 4.46696 2.04967 -1.09058 -0.56012 0.68779  2  DT D C5    
758 C C7    . DT D 5  ? 2.19345 4.40604 1.94837 -1.09854 -0.54300 0.69999  2  DT D C7    
759 C C6    . DT D 5  ? 2.46636 4.62914 2.21626 -1.05082 -0.58179 0.67753  2  DT D C6    
760 P P     . DA D 6  ? 4.22059 6.29317 3.98653 -0.87723 -0.68643 0.63972  3  DA D P     
761 O OP1   . DA D 6  ? 4.38559 6.49590 4.12897 -0.90520 -0.71309 0.64079  3  DA D OP1   
762 O OP2   . DA D 6  ? 4.66840 6.72000 4.44439 -0.82626 -0.71147 0.63197  3  DA D OP2   
763 O "O5'" . DA D 6  ? 3.17061 5.15724 2.91673 -0.90904 -0.64812 0.64655  3  DA D "O5'" 
764 C "C5'" . DA D 6  ? 3.75565 5.69336 3.46484 -0.93612 -0.65701 0.64866  3  DA D "C5'" 
765 C "C4'" . DA D 6  ? 3.41148 5.27884 3.10657 -0.96852 -0.61620 0.65419  3  DA D "C4'" 
766 O "O4'" . DA D 6  ? 3.32635 5.21777 3.02068 -1.00421 -0.59124 0.65893  3  DA D "O4'" 
767 C "C3'" . DA D 6  ? 3.48822 5.30287 3.20420 -0.94493 -0.58777 0.65514  3  DA D "C3'" 
768 O "O3'" . DA D 6  ? 3.15946 4.89528 2.85281 -0.96651 -0.56970 0.65841  3  DA D "O3'" 
769 C "C2'" . DA D 6  ? 3.97704 5.81914 3.71183 -0.95770 -0.55390 0.65952  3  DA D "C2'" 
770 C "C1'" . DA D 6  ? 3.20208 5.04736 2.90720 -1.00706 -0.55014 0.66392  3  DA D "C1'" 
771 N N9    . DA D 6  ? 2.03531 3.91394 1.74672 -1.03072 -0.52649 0.67093  3  DA D N9    
772 C C8    . DA D 6  ? 2.01725 3.95961 1.75771 -1.01435 -0.52103 0.67356  3  DA D C8    
773 N N7    . DA D 6  ? 2.00493 3.96251 1.74045 -1.04487 -0.49883 0.68313  3  DA D N7    
774 C C5    . DA D 6  ? 2.01511 3.91028 1.71604 -1.08151 -0.48984 0.68510  3  DA D C5    
775 C C6    . DA D 6  ? 2.01595 3.88747 1.69259 -1.12223 -0.47064 0.69314  3  DA D C6    
776 N N6    . DA D 6  ? 2.00585 3.91541 1.68932 -1.13526 -0.45646 0.70414  3  DA D N6    
777 N N1    . DA D 6  ? 2.03236 3.83932 1.67506 -1.14812 -0.46845 0.68929  3  DA D N1    
778 C C2    . DA D 6  ? 2.04547 3.81842 1.67982 -1.13645 -0.48275 0.68012  3  DA D C2    
779 N N3    . DA D 6  ? 2.04763 3.83622 1.70109 -1.10094 -0.50195 0.67484  3  DA D N3    
780 C C4    . DA D 6  ? 2.03219 3.88100 1.71888 -1.07347 -0.50529 0.67695  3  DA D C4    
781 P P     . DC D 7  ? 3.52600 5.20559 3.20856 -0.94501 -0.58859 0.65737  4  DC D P     
782 O OP1   . DC D 7  ? 3.43119 5.14677 3.09394 -0.93905 -0.63336 0.65522  4  DC D OP1   
783 O OP2   . DC D 7  ? 3.46891 5.12466 3.18222 -0.90404 -0.58013 0.65507  4  DC D OP2   
784 O "O5'" . DC D 7  ? 3.55778 5.16632 3.21284 -0.98523 -0.56113 0.66164  4  DC D "O5'" 
785 C "C5'" . DC D 7  ? 3.33515 4.95425 2.96005 -1.02827 -0.55877 0.66127  4  DC D "C5'" 
786 C "C4'" . DC D 7  ? 3.63002 5.20749 3.24990 -1.05987 -0.51593 0.66426  4  DC D "C4'" 
787 O "O4'" . DC D 7  ? 3.48495 5.10772 3.12211 -1.06435 -0.50141 0.66687  4  DC D "O4'" 
788 C "C3'" . DC D 7  ? 3.06504 4.57031 2.69776 -1.05007 -0.48526 0.66788  4  DC D "C3'" 
789 O "O3'" . DC D 7  ? 3.13517 4.58266 2.73852 -1.08357 -0.46753 0.66797  4  DC D "O3'" 
790 C "C2'" . DC D 7  ? 2.82599 4.34473 2.48452 -1.04398 -0.45590 0.67183  4  DC D "C2'" 
791 C "C1'" . DC D 7  ? 2.95150 4.52547 2.59590 -1.07169 -0.46109 0.67235  4  DC D "C1'" 
792 N N1    . DC D 7  ? 2.26785 3.88998 1.93679 -1.06333 -0.44714 0.67715  4  DC D N1    
793 C C2    . DC D 7  ? 2.25727 3.87744 1.91214 -1.09525 -0.42344 0.68408  4  DC D C2    
794 O O2    . DC D 7  ? 2.27344 3.85024 1.89585 -1.12770 -0.41556 0.68380  4  DC D O2    
795 N N3    . DC D 7  ? 2.23431 3.90105 1.90918 -1.08860 -0.41145 0.69071  4  DC D N3    
796 C C4    . DC D 7  ? 2.22025 3.93666 1.92931 -1.05121 -0.42091 0.68797  4  DC D C4    
797 N N4    . DC D 7  ? 2.19991 3.96677 1.92669 -1.04672 -0.40771 0.69444  4  DC D N4    
798 C C5    . DC D 7  ? 2.23147 3.94791 1.95529 -1.01565 -0.44616 0.67837  4  DC D C5    
799 C C6    . DC D 7  ? 2.25565 3.92279 1.95788 -1.02363 -0.45887 0.67464  4  DC D C6    
800 P P     . DT D 8  ? 2.99715 4.36110 2.60591 -1.08273 -0.43628 0.67154  5  DT D P     
801 O OP1   . DT D 8  ? 2.96269 4.29470 2.54929 -1.08954 -0.45312 0.66950  5  DT D OP1   
802 O OP2   . DT D 8  ? 3.25355 4.61051 2.90048 -1.04709 -0.42452 0.67441  5  DT D OP2   
803 O "O5'" . DT D 8  ? 2.74338 4.07628 2.33148 -1.11933 -0.40172 0.67321  5  DT D "O5'" 
804 C "C5'" . DT D 8  ? 2.55545 3.92808 2.14735 -1.12714 -0.39176 0.67629  5  DT D "C5'" 
805 C "C4'" . DT D 8  ? 2.67157 3.97757 2.24070 -1.12925 -0.37193 0.65539  5  DT D "C4'" 
806 O "O4'" . DT D 8  ? 2.61663 3.94745 2.19571 -1.12183 -0.36393 0.65379  5  DT D "O4'" 
807 C "C3'" . DT D 8  ? 2.60126 3.79371 2.17921 -1.08023 -0.35246 0.62378  5  DT D "C3'" 
808 O "O3'" . DT D 8  ? 2.66969 3.80279 2.21874 -1.08391 -0.34295 0.60159  5  DT D "O3'" 
809 C "C2'" . DT D 8  ? 2.08047 3.26427 1.69174 -1.03934 -0.33844 0.61654  5  DT D "C2'" 
810 C "C1'" . DT D 8  ? 2.49434 3.75377 2.09798 -1.06877 -0.34387 0.63105  5  DT D "C1'" 
811 N N1    . DT D 8  ? 2.37316 3.69765 2.00863 -1.05569 -0.34332 0.64568  5  DT D N1    
812 C C2    . DT D 8  ? 2.31835 3.65398 1.95987 -1.04664 -0.33384 0.64093  5  DT D C2    
813 O O2    . DT D 8  ? 2.46792 3.76048 2.08944 -1.05003 -0.32755 0.62703  5  DT D O2    
814 N N3    . DT D 8  ? 2.21185 3.61617 1.88285 -1.03510 -0.33301 0.65500  5  DT D N3    
815 C C4    . DT D 8  ? 2.15391 3.61736 1.84872 -1.03119 -0.34077 0.67345  5  DT D C4    
816 O O4    . DT D 8  ? 2.21304 3.74476 1.93309 -1.02044 -0.33854 0.68520  5  DT D O4    
817 C C5    . DT D 8  ? 2.32138 3.76560 2.00833 -1.04187 -0.35252 0.67963  5  DT D C5    
818 C C7    . DT D 8  ? 2.16126 3.64339 1.87420 -1.01672 -0.37311 0.68388  5  DT D C7    
819 C C6    . DT D 8  ? 2.34391 3.71940 2.00181 -1.05345 -0.35296 0.66515  5  DT D C6    
820 P P     . DG D 9  ? 2.33490 3.35199 1.88917 -1.03387 -0.32060 0.56677  6  DG D P     
821 O OP1   . DG D 9  ? 2.29490 3.27897 1.81273 -1.05616 -0.32071 0.55529  6  DG D OP1   
822 O OP2   . DG D 9  ? 2.20749 3.19326 1.79376 -0.99555 -0.31607 0.56362  6  DG D OP2   
823 O "O5'" . DG D 9  ? 2.22782 3.22005 1.79177 -1.00751 -0.30535 0.55316  6  DG D "O5'" 
824 C "C5'" . DG D 9  ? 2.39318 3.41051 1.93079 -1.03889 -0.30937 0.55653  6  DG D "C5'" 
825 C "C4'" . DG D 9  ? 2.23705 3.23436 1.78995 -1.01036 -0.29694 0.54797  6  DG D "C4'" 
826 O "O4'" . DG D 9  ? 2.21847 3.27700 1.80208 -1.00307 -0.30008 0.56465  6  DG D "O4'" 
827 C "C3'" . DG D 9  ? 2.17348 3.07080 1.74042 -0.95388 -0.27501 0.51851  6  DG D "C3'" 
828 O "O3'" . DG D 9  ? 2.17382 3.04210 1.72907 -0.94741 -0.26770 0.50902  6  DG D "O3'" 
829 C "C2'" . DG D 9  ? 2.12051 3.02466 1.72714 -0.91808 -0.26868 0.52015  6  DG D "C2'" 
830 C "C1'" . DG D 9  ? 2.15392 3.15716 1.76513 -0.95082 -0.28216 0.54705  6  DG D "C1'" 
831 N N9    . DG D 9  ? 2.12848 3.17998 1.77162 -0.93839 -0.28485 0.56026  6  DG D N9    
832 C C8    . DG D 9  ? 2.11605 3.17132 1.77264 -0.93251 -0.29047 0.56587  6  DG D C8    
833 N N7    . DG D 9  ? 2.35070 3.45923 2.03518 -0.92302 -0.29318 0.57990  6  DG D N7    
834 C C5    . DG D 9  ? 2.09456 3.23798 1.78473 -0.92174 -0.28750 0.58233  6  DG D C5    
835 C C6    . DG D 9  ? 2.07848 3.29072 1.79452 -0.91351 -0.28633 0.59537  6  DG D C6    
836 O O6    . DG D 9  ? 2.06158 3.32068 1.80146 -0.90505 -0.29033 0.60804  6  DG D O6    
837 N N1    . DG D 9  ? 2.08657 3.31644 1.79809 -0.91717 -0.28061 0.59441  6  DG D N1    
838 C C2    . DG D 9  ? 2.10898 3.29421 1.79394 -0.92863 -0.27838 0.58419  6  DG D C2    
839 N N2    . DG D 9  ? 2.61353 3.82519 2.29730 -0.93335 -0.27562 0.58832  6  DG D N2    
840 N N3    . DG D 9  ? 2.12414 3.24745 1.78452 -0.93629 -0.27961 0.57219  6  DG D N3    
841 C C4    . DG D 9  ? 2.11496 3.22150 1.77983 -0.93167 -0.28325 0.57111  6  DG D C4    
842 P P     . DT D 10 ? 2.02136 2.78788 1.57675 -0.90007 -0.24755 0.47907  7  DT D P     
843 O OP1   . DT D 10 ? 2.17691 2.92876 1.69406 -0.92856 -0.25216 0.47558  7  DT D OP1   
844 O OP2   . DT D 10 ? 2.72006 3.43752 2.29458 -0.86428 -0.23713 0.46432  7  DT D OP2   
845 O "O5'" . DT D 10 ? 1.93042 2.68638 1.50904 -0.86661 -0.23722 0.47543  7  DT D "O5'" 
846 C "C5'" . DT D 10 ? 1.87109 2.61215 1.48597 -0.82443 -0.22593 0.46872  7  DT D "C5'" 
847 C "C4'" . DT D 10 ? 1.86398 2.64525 1.49390 -0.82118 -0.22561 0.47889  7  DT D "C4'" 
848 O "O4'" . DT D 10 ? 1.89097 2.76487 1.53122 -0.85239 -0.23965 0.50415  7  DT D "O4'" 
849 C "C3'" . DT D 10 ? 1.79735 2.53437 1.45699 -0.76843 -0.20816 0.46269  7  DT D "C3'" 
850 O "O3'" . DT D 10 ? 1.91150 2.57846 1.56252 -0.73979 -0.19566 0.44344  7  DT D "O3'" 
851 C "C2'" . DT D 10 ? 1.81030 2.62719 1.48368 -0.78476 -0.21489 0.48317  7  DT D "C2'" 
852 C "C1'" . DT D 10 ? 1.85631 2.75490 1.52508 -0.82913 -0.23301 0.50707  7  DT D "C1'" 
853 N N1    . DT D 10 ? 1.82937 2.74852 1.52344 -0.81615 -0.23379 0.51086  7  DT D N1    
854 C C2    . DT D 10 ? 1.81387 2.79421 1.53323 -0.81015 -0.23403 0.52315  7  DT D C2    
855 O O2    . DT D 10 ? 3.27337 4.29208 2.99620 -0.81395 -0.23238 0.53022  7  DT D O2    
856 N N3    . DT D 10 ? 1.79371 2.79310 1.53347 -0.80090 -0.23728 0.52843  7  DT D N3    
857 C C4    . DT D 10 ? 1.78900 2.75024 1.52636 -0.79815 -0.24122 0.52366  7  DT D C4    
858 O O4    . DT D 10 ? 2.41161 3.39530 2.16744 -0.79226 -0.24675 0.53225  7  DT D O4    
859 C C5    . DT D 10 ? 1.80540 2.70322 1.51614 -0.80428 -0.23946 0.50971  7  DT D C5    
860 C C7    . DT D 10 ? 1.80473 2.66182 1.50993 -0.80320 -0.24320 0.50404  7  DT D C7    
861 C C6    . DT D 10 ? 1.82416 2.70584 1.51476 -0.81260 -0.23555 0.50382  7  DT D C6    
# 
